data_1YHF
# 
_entry.id   1YHF 
# 
_audit_conform.dict_name       mmcif_pdbx.dic 
_audit_conform.dict_version    5.399 
_audit_conform.dict_location   http://mmcif.pdb.org/dictionaries/ascii/mmcif_pdbx.dic 
# 
loop_
_database_2.database_id 
_database_2.database_code 
_database_2.pdbx_database_accession 
_database_2.pdbx_DOI 
PDB   1YHF         pdb_00001yhf 10.2210/pdb1yhf/pdb 
RCSB  RCSB031513   ?            ?                   
WWPDB D_1000031513 ?            ?                   
# 
loop_
_pdbx_audit_revision_history.ordinal 
_pdbx_audit_revision_history.data_content_type 
_pdbx_audit_revision_history.major_revision 
_pdbx_audit_revision_history.minor_revision 
_pdbx_audit_revision_history.revision_date 
1 'Structure model' 1 0 2005-02-22 
2 'Structure model' 1 1 2008-04-30 
3 'Structure model' 1 2 2011-07-13 
4 'Structure model' 1 3 2024-11-20 
# 
_pdbx_audit_revision_details.ordinal             1 
_pdbx_audit_revision_details.revision_ordinal    1 
_pdbx_audit_revision_details.data_content_type   'Structure model' 
_pdbx_audit_revision_details.provider            repository 
_pdbx_audit_revision_details.type                'Initial release' 
_pdbx_audit_revision_details.description         ? 
_pdbx_audit_revision_details.details             ? 
# 
loop_
_pdbx_audit_revision_group.ordinal 
_pdbx_audit_revision_group.revision_ordinal 
_pdbx_audit_revision_group.data_content_type 
_pdbx_audit_revision_group.group 
1 2 'Structure model' 'Version format compliance' 
2 3 'Structure model' Advisory                    
3 3 'Structure model' 'Derived calculations'      
4 3 'Structure model' 'Source and taxonomy'       
5 3 'Structure model' 'Version format compliance' 
6 4 'Structure model' 'Data collection'           
7 4 'Structure model' 'Database references'       
8 4 'Structure model' 'Derived calculations'      
9 4 'Structure model' 'Structure summary'         
# 
loop_
_pdbx_audit_revision_category.ordinal 
_pdbx_audit_revision_category.revision_ordinal 
_pdbx_audit_revision_category.data_content_type 
_pdbx_audit_revision_category.category 
1 4 'Structure model' chem_comp_atom            
2 4 'Structure model' chem_comp_bond            
3 4 'Structure model' database_2                
4 4 'Structure model' pdbx_entry_details        
5 4 'Structure model' pdbx_modification_feature 
6 4 'Structure model' struct_conn               
7 4 'Structure model' struct_ref_seq_dif        
# 
loop_
_pdbx_audit_revision_item.ordinal 
_pdbx_audit_revision_item.revision_ordinal 
_pdbx_audit_revision_item.data_content_type 
_pdbx_audit_revision_item.item 
1 4 'Structure model' '_database_2.pdbx_DOI'                
2 4 'Structure model' '_database_2.pdbx_database_accession' 
3 4 'Structure model' '_struct_conn.pdbx_leaving_atom_flag' 
4 4 'Structure model' '_struct_ref_seq_dif.details'         
# 
_pdbx_database_status.entry_id                        1YHF 
_pdbx_database_status.deposit_site                    RCSB 
_pdbx_database_status.process_site                    RCSB 
_pdbx_database_status.recvd_initial_deposition_date   2005-01-07 
_pdbx_database_status.status_code                     REL 
_pdbx_database_status.status_code_sf                  REL 
_pdbx_database_status.status_code_mr                  ? 
_pdbx_database_status.SG_entry                        Y 
_pdbx_database_status.pdb_format_compatible           Y 
_pdbx_database_status.status_code_cs                  ? 
_pdbx_database_status.status_code_nmr_data            ? 
_pdbx_database_status.methods_development_category    ? 
# 
_pdbx_database_related.db_name        TargetDB 
_pdbx_database_related.db_id          APC80041 
_pdbx_database_related.details        . 
_pdbx_database_related.content_type   unspecified 
# 
loop_
_audit_author.name 
_audit_author.pdbx_ordinal 
'Osipiuk, J.'                                   1 
'Lezondra, L.'                                  2 
'Moy, S.'                                       3 
'Collart, F.'                                   4 
'Joachimiak, A.'                                5 
'Midwest Center for Structural Genomics (MCSG)' 6 
# 
_citation.id                        primary 
_citation.title                     
'X-ray crystal structure of conserved hypothetical SPy1581 protein from Streptococcus pyogenes.' 
_citation.journal_abbrev            'To be Published' 
_citation.journal_volume            ? 
_citation.page_first                ? 
_citation.page_last                 ? 
_citation.year                      ? 
_citation.journal_id_ASTM           ? 
_citation.country                   ? 
_citation.journal_id_ISSN           ? 
_citation.journal_id_CSD            0353 
_citation.book_publisher            ? 
_citation.pdbx_database_id_PubMed   ? 
_citation.pdbx_database_id_DOI      ? 
# 
loop_
_citation_author.citation_id 
_citation_author.name 
_citation_author.ordinal 
_citation_author.identifier_ORCID 
primary 'Osipiuk, J.'    1 ? 
primary 'Lezondra, L.'   2 ? 
primary 'Moy, S.'        3 ? 
primary 'Collart, F.'    4 ? 
primary 'Joachimiak, A.' 5 ? 
# 
loop_
_entity.id 
_entity.type 
_entity.src_method 
_entity.pdbx_description 
_entity.formula_weight 
_entity.pdbx_number_of_molecules 
_entity.pdbx_ec 
_entity.pdbx_mutation 
_entity.pdbx_fragment 
_entity.details 
1 polymer man 'hypothetical protein SPy1581' 12931.826 1   ? ? ? ? 
2 water   nat water                          18.015    103 ? ? ? ? 
# 
_entity_poly.entity_id                      1 
_entity_poly.type                           'polypeptide(L)' 
_entity_poly.nstd_linkage                   no 
_entity_poly.nstd_monomer                   yes 
_entity_poly.pdbx_seq_one_letter_code       
;SNA(MSE)SYINNIEHAKVLDLTQEV(MSE)IEQDQ(MSE)LSRTLVQRQDLGITVFSLDKGQEIGRHSSPGDA(MSE)V
TILSGLAEITIDQETYRVAEGQTIV(MSE)PAGIPHALYAVEAFQ(MSE)LLVVVKPEA
;
_entity_poly.pdbx_seq_one_letter_code_can   
;SNAMSYINNIEHAKVLDLTQEVMIEQDQMLSRTLVQRQDLGITVFSLDKGQEIGRHSSPGDAMVTILSGLAEITIDQETY
RVAEGQTIVMPAGIPHALYAVEAFQMLLVVVKPEA
;
_entity_poly.pdbx_strand_id                 A 
_entity_poly.pdbx_target_identifier         APC80041 
# 
_pdbx_entity_nonpoly.entity_id   2 
_pdbx_entity_nonpoly.name        water 
_pdbx_entity_nonpoly.comp_id     HOH 
# 
loop_
_entity_poly_seq.entity_id 
_entity_poly_seq.num 
_entity_poly_seq.mon_id 
_entity_poly_seq.hetero 
1 1   SER n 
1 2   ASN n 
1 3   ALA n 
1 4   MSE n 
1 5   SER n 
1 6   TYR n 
1 7   ILE n 
1 8   ASN n 
1 9   ASN n 
1 10  ILE n 
1 11  GLU n 
1 12  HIS n 
1 13  ALA n 
1 14  LYS n 
1 15  VAL n 
1 16  LEU n 
1 17  ASP n 
1 18  LEU n 
1 19  THR n 
1 20  GLN n 
1 21  GLU n 
1 22  VAL n 
1 23  MSE n 
1 24  ILE n 
1 25  GLU n 
1 26  GLN n 
1 27  ASP n 
1 28  GLN n 
1 29  MSE n 
1 30  LEU n 
1 31  SER n 
1 32  ARG n 
1 33  THR n 
1 34  LEU n 
1 35  VAL n 
1 36  GLN n 
1 37  ARG n 
1 38  GLN n 
1 39  ASP n 
1 40  LEU n 
1 41  GLY n 
1 42  ILE n 
1 43  THR n 
1 44  VAL n 
1 45  PHE n 
1 46  SER n 
1 47  LEU n 
1 48  ASP n 
1 49  LYS n 
1 50  GLY n 
1 51  GLN n 
1 52  GLU n 
1 53  ILE n 
1 54  GLY n 
1 55  ARG n 
1 56  HIS n 
1 57  SER n 
1 58  SER n 
1 59  PRO n 
1 60  GLY n 
1 61  ASP n 
1 62  ALA n 
1 63  MSE n 
1 64  VAL n 
1 65  THR n 
1 66  ILE n 
1 67  LEU n 
1 68  SER n 
1 69  GLY n 
1 70  LEU n 
1 71  ALA n 
1 72  GLU n 
1 73  ILE n 
1 74  THR n 
1 75  ILE n 
1 76  ASP n 
1 77  GLN n 
1 78  GLU n 
1 79  THR n 
1 80  TYR n 
1 81  ARG n 
1 82  VAL n 
1 83  ALA n 
1 84  GLU n 
1 85  GLY n 
1 86  GLN n 
1 87  THR n 
1 88  ILE n 
1 89  VAL n 
1 90  MSE n 
1 91  PRO n 
1 92  ALA n 
1 93  GLY n 
1 94  ILE n 
1 95  PRO n 
1 96  HIS n 
1 97  ALA n 
1 98  LEU n 
1 99  TYR n 
1 100 ALA n 
1 101 VAL n 
1 102 GLU n 
1 103 ALA n 
1 104 PHE n 
1 105 GLN n 
1 106 MSE n 
1 107 LEU n 
1 108 LEU n 
1 109 VAL n 
1 110 VAL n 
1 111 VAL n 
1 112 LYS n 
1 113 PRO n 
1 114 GLU n 
1 115 ALA n 
# 
_entity_src_gen.entity_id                          1 
_entity_src_gen.pdbx_src_id                        1 
_entity_src_gen.pdbx_alt_source_flag               sample 
_entity_src_gen.pdbx_seq_type                      ? 
_entity_src_gen.pdbx_beg_seq_num                   ? 
_entity_src_gen.pdbx_end_seq_num                   ? 
_entity_src_gen.gene_src_common_name               ? 
_entity_src_gen.gene_src_genus                     Streptococcus 
_entity_src_gen.pdbx_gene_src_gene                 SPy1581 
_entity_src_gen.gene_src_species                   'Streptococcus pyogenes' 
_entity_src_gen.gene_src_strain                    'M1 GAS' 
_entity_src_gen.gene_src_tissue                    ? 
_entity_src_gen.gene_src_tissue_fraction           ? 
_entity_src_gen.gene_src_details                   ? 
_entity_src_gen.pdbx_gene_src_fragment             ? 
_entity_src_gen.pdbx_gene_src_scientific_name      'Streptococcus pyogenes' 
_entity_src_gen.pdbx_gene_src_ncbi_taxonomy_id     160490 
_entity_src_gen.pdbx_gene_src_variant              ? 
_entity_src_gen.pdbx_gene_src_cell_line            ? 
_entity_src_gen.pdbx_gene_src_atcc                 ? 
_entity_src_gen.pdbx_gene_src_organ                ? 
_entity_src_gen.pdbx_gene_src_organelle            ? 
_entity_src_gen.pdbx_gene_src_cell                 ? 
_entity_src_gen.pdbx_gene_src_cellular_location    ? 
_entity_src_gen.host_org_common_name               ? 
_entity_src_gen.pdbx_host_org_scientific_name      'Escherichia coli BL21(DE3)' 
_entity_src_gen.pdbx_host_org_ncbi_taxonomy_id     469008 
_entity_src_gen.host_org_genus                     Escherichia 
_entity_src_gen.pdbx_host_org_gene                 ? 
_entity_src_gen.pdbx_host_org_organ                ? 
_entity_src_gen.host_org_species                   'Escherichia coli' 
_entity_src_gen.pdbx_host_org_tissue               ? 
_entity_src_gen.pdbx_host_org_tissue_fraction      ? 
_entity_src_gen.pdbx_host_org_strain               'BL21(DE3)' 
_entity_src_gen.pdbx_host_org_variant              ? 
_entity_src_gen.pdbx_host_org_cell_line            ? 
_entity_src_gen.pdbx_host_org_atcc                 ? 
_entity_src_gen.pdbx_host_org_culture_collection   ? 
_entity_src_gen.pdbx_host_org_cell                 ? 
_entity_src_gen.pdbx_host_org_organelle            ? 
_entity_src_gen.pdbx_host_org_cellular_location    ? 
_entity_src_gen.pdbx_host_org_vector_type          plasmid 
_entity_src_gen.pdbx_host_org_vector               ? 
_entity_src_gen.host_org_details                   ? 
_entity_src_gen.expression_system_id               ? 
_entity_src_gen.plasmid_name                       pMCSG7 
_entity_src_gen.plasmid_details                    ? 
_entity_src_gen.pdbx_description                   ? 
# 
loop_
_chem_comp.id 
_chem_comp.type 
_chem_comp.mon_nstd_flag 
_chem_comp.name 
_chem_comp.pdbx_synonyms 
_chem_comp.formula 
_chem_comp.formula_weight 
ALA 'L-peptide linking' y ALANINE          ? 'C3 H7 N O2'     89.093  
ARG 'L-peptide linking' y ARGININE         ? 'C6 H15 N4 O2 1' 175.209 
ASN 'L-peptide linking' y ASPARAGINE       ? 'C4 H8 N2 O3'    132.118 
ASP 'L-peptide linking' y 'ASPARTIC ACID'  ? 'C4 H7 N O4'     133.103 
GLN 'L-peptide linking' y GLUTAMINE        ? 'C5 H10 N2 O3'   146.144 
GLU 'L-peptide linking' y 'GLUTAMIC ACID'  ? 'C5 H9 N O4'     147.129 
GLY 'peptide linking'   y GLYCINE          ? 'C2 H5 N O2'     75.067  
HIS 'L-peptide linking' y HISTIDINE        ? 'C6 H10 N3 O2 1' 156.162 
HOH non-polymer         . WATER            ? 'H2 O'           18.015  
ILE 'L-peptide linking' y ISOLEUCINE       ? 'C6 H13 N O2'    131.173 
LEU 'L-peptide linking' y LEUCINE          ? 'C6 H13 N O2'    131.173 
LYS 'L-peptide linking' y LYSINE           ? 'C6 H15 N2 O2 1' 147.195 
MET 'L-peptide linking' y METHIONINE       ? 'C5 H11 N O2 S'  149.211 
MSE 'L-peptide linking' n SELENOMETHIONINE ? 'C5 H11 N O2 Se' 196.106 
PHE 'L-peptide linking' y PHENYLALANINE    ? 'C9 H11 N O2'    165.189 
PRO 'L-peptide linking' y PROLINE          ? 'C5 H9 N O2'     115.130 
SER 'L-peptide linking' y SERINE           ? 'C3 H7 N O3'     105.093 
THR 'L-peptide linking' y THREONINE        ? 'C4 H9 N O3'     119.119 
TYR 'L-peptide linking' y TYROSINE         ? 'C9 H11 N O3'    181.189 
VAL 'L-peptide linking' y VALINE           ? 'C5 H11 N O2'    117.146 
# 
loop_
_pdbx_poly_seq_scheme.asym_id 
_pdbx_poly_seq_scheme.entity_id 
_pdbx_poly_seq_scheme.seq_id 
_pdbx_poly_seq_scheme.mon_id 
_pdbx_poly_seq_scheme.ndb_seq_num 
_pdbx_poly_seq_scheme.pdb_seq_num 
_pdbx_poly_seq_scheme.auth_seq_num 
_pdbx_poly_seq_scheme.pdb_mon_id 
_pdbx_poly_seq_scheme.auth_mon_id 
_pdbx_poly_seq_scheme.pdb_strand_id 
_pdbx_poly_seq_scheme.pdb_ins_code 
_pdbx_poly_seq_scheme.hetero 
A 1 1   SER 1   -2  ?   ?   ?   A . n 
A 1 2   ASN 2   -1  -1  ASN ASN A . n 
A 1 3   ALA 3   0   0   ALA ALA A . n 
A 1 4   MSE 4   1   1   MSE MSE A . n 
A 1 5   SER 5   2   2   SER SER A . n 
A 1 6   TYR 6   3   3   TYR TYR A . n 
A 1 7   ILE 7   4   4   ILE ILE A . n 
A 1 8   ASN 8   5   5   ASN ASN A . n 
A 1 9   ASN 9   6   6   ASN ASN A . n 
A 1 10  ILE 10  7   7   ILE ILE A . n 
A 1 11  GLU 11  8   8   GLU GLU A . n 
A 1 12  HIS 12  9   9   HIS HIS A . n 
A 1 13  ALA 13  10  10  ALA ALA A . n 
A 1 14  LYS 14  11  11  LYS LYS A . n 
A 1 15  VAL 15  12  12  VAL VAL A . n 
A 1 16  LEU 16  13  13  LEU LEU A . n 
A 1 17  ASP 17  14  14  ASP ASP A . n 
A 1 18  LEU 18  15  15  LEU LEU A . n 
A 1 19  THR 19  16  16  THR THR A . n 
A 1 20  GLN 20  17  17  GLN GLN A . n 
A 1 21  GLU 21  18  18  GLU GLU A . n 
A 1 22  VAL 22  19  19  VAL VAL A . n 
A 1 23  MSE 23  20  20  MSE MSE A . n 
A 1 24  ILE 24  21  21  ILE ILE A . n 
A 1 25  GLU 25  22  22  GLU GLU A . n 
A 1 26  GLN 26  23  23  GLN GLN A . n 
A 1 27  ASP 27  24  24  ASP ASP A . n 
A 1 28  GLN 28  25  25  GLN GLN A . n 
A 1 29  MSE 29  26  26  MSE MSE A . n 
A 1 30  LEU 30  27  27  LEU LEU A . n 
A 1 31  SER 31  28  28  SER SER A . n 
A 1 32  ARG 32  29  29  ARG ARG A . n 
A 1 33  THR 33  30  30  THR THR A . n 
A 1 34  LEU 34  31  31  LEU LEU A . n 
A 1 35  VAL 35  32  32  VAL VAL A . n 
A 1 36  GLN 36  33  33  GLN GLN A . n 
A 1 37  ARG 37  34  34  ARG ARG A . n 
A 1 38  GLN 38  35  35  GLN GLN A . n 
A 1 39  ASP 39  36  36  ASP ASP A . n 
A 1 40  LEU 40  37  37  LEU LEU A . n 
A 1 41  GLY 41  38  38  GLY GLY A . n 
A 1 42  ILE 42  39  39  ILE ILE A . n 
A 1 43  THR 43  40  40  THR THR A . n 
A 1 44  VAL 44  41  41  VAL VAL A . n 
A 1 45  PHE 45  42  42  PHE PHE A . n 
A 1 46  SER 46  43  43  SER SER A . n 
A 1 47  LEU 47  44  44  LEU LEU A . n 
A 1 48  ASP 48  45  45  ASP ASP A . n 
A 1 49  LYS 49  46  46  LYS LYS A . n 
A 1 50  GLY 50  47  47  GLY GLY A . n 
A 1 51  GLN 51  48  48  GLN GLN A . n 
A 1 52  GLU 52  49  49  GLU GLU A . n 
A 1 53  ILE 53  50  50  ILE ILE A . n 
A 1 54  GLY 54  51  51  GLY GLY A . n 
A 1 55  ARG 55  52  52  ARG ARG A . n 
A 1 56  HIS 56  53  53  HIS HIS A . n 
A 1 57  SER 57  54  54  SER SER A . n 
A 1 58  SER 58  55  55  SER SER A . n 
A 1 59  PRO 59  56  56  PRO PRO A . n 
A 1 60  GLY 60  57  57  GLY GLY A . n 
A 1 61  ASP 61  58  58  ASP ASP A . n 
A 1 62  ALA 62  59  59  ALA ALA A . n 
A 1 63  MSE 63  60  60  MSE MSE A . n 
A 1 64  VAL 64  61  61  VAL VAL A . n 
A 1 65  THR 65  62  62  THR THR A . n 
A 1 66  ILE 66  63  63  ILE ILE A . n 
A 1 67  LEU 67  64  64  LEU LEU A . n 
A 1 68  SER 68  65  65  SER SER A . n 
A 1 69  GLY 69  66  66  GLY GLY A . n 
A 1 70  LEU 70  67  67  LEU LEU A . n 
A 1 71  ALA 71  68  68  ALA ALA A . n 
A 1 72  GLU 72  69  69  GLU GLU A . n 
A 1 73  ILE 73  70  70  ILE ILE A . n 
A 1 74  THR 74  71  71  THR THR A . n 
A 1 75  ILE 75  72  72  ILE ILE A . n 
A 1 76  ASP 76  73  73  ASP ASP A . n 
A 1 77  GLN 77  74  74  GLN GLN A . n 
A 1 78  GLU 78  75  75  GLU GLU A . n 
A 1 79  THR 79  76  76  THR THR A . n 
A 1 80  TYR 80  77  77  TYR TYR A . n 
A 1 81  ARG 81  78  78  ARG ARG A . n 
A 1 82  VAL 82  79  79  VAL VAL A . n 
A 1 83  ALA 83  80  80  ALA ALA A . n 
A 1 84  GLU 84  81  81  GLU GLU A . n 
A 1 85  GLY 85  82  82  GLY GLY A . n 
A 1 86  GLN 86  83  83  GLN GLN A . n 
A 1 87  THR 87  84  84  THR THR A . n 
A 1 88  ILE 88  85  85  ILE ILE A . n 
A 1 89  VAL 89  86  86  VAL VAL A . n 
A 1 90  MSE 90  87  87  MSE MSE A . n 
A 1 91  PRO 91  88  88  PRO PRO A . n 
A 1 92  ALA 92  89  89  ALA ALA A . n 
A 1 93  GLY 93  90  90  GLY GLY A . n 
A 1 94  ILE 94  91  91  ILE ILE A . n 
A 1 95  PRO 95  92  92  PRO PRO A . n 
A 1 96  HIS 96  93  93  HIS HIS A . n 
A 1 97  ALA 97  94  94  ALA ALA A . n 
A 1 98  LEU 98  95  95  LEU LEU A . n 
A 1 99  TYR 99  96  96  TYR TYR A . n 
A 1 100 ALA 100 97  97  ALA ALA A . n 
A 1 101 VAL 101 98  98  VAL VAL A . n 
A 1 102 GLU 102 99  99  GLU GLU A . n 
A 1 103 ALA 103 100 100 ALA ALA A . n 
A 1 104 PHE 104 101 101 PHE PHE A . n 
A 1 105 GLN 105 102 102 GLN GLN A . n 
A 1 106 MSE 106 103 103 MSE MSE A . n 
A 1 107 LEU 107 104 104 LEU LEU A . n 
A 1 108 LEU 108 105 105 LEU LEU A . n 
A 1 109 VAL 109 106 106 VAL VAL A . n 
A 1 110 VAL 110 107 107 VAL VAL A . n 
A 1 111 VAL 111 108 108 VAL VAL A . n 
A 1 112 LYS 112 109 109 LYS LYS A . n 
A 1 113 PRO 113 110 110 PRO PRO A . n 
A 1 114 GLU 114 111 111 GLU GLU A . n 
A 1 115 ALA 115 112 112 ALA ALA A . n 
# 
loop_
_pdbx_nonpoly_scheme.asym_id 
_pdbx_nonpoly_scheme.entity_id 
_pdbx_nonpoly_scheme.mon_id 
_pdbx_nonpoly_scheme.ndb_seq_num 
_pdbx_nonpoly_scheme.pdb_seq_num 
_pdbx_nonpoly_scheme.auth_seq_num 
_pdbx_nonpoly_scheme.pdb_mon_id 
_pdbx_nonpoly_scheme.auth_mon_id 
_pdbx_nonpoly_scheme.pdb_strand_id 
_pdbx_nonpoly_scheme.pdb_ins_code 
B 2 HOH 1   113 1   HOH HOH A . 
B 2 HOH 2   114 2   HOH HOH A . 
B 2 HOH 3   115 3   HOH HOH A . 
B 2 HOH 4   116 4   HOH HOH A . 
B 2 HOH 5   117 5   HOH HOH A . 
B 2 HOH 6   118 6   HOH HOH A . 
B 2 HOH 7   119 7   HOH HOH A . 
B 2 HOH 8   120 8   HOH HOH A . 
B 2 HOH 9   121 9   HOH HOH A . 
B 2 HOH 10  122 10  HOH HOH A . 
B 2 HOH 11  123 11  HOH HOH A . 
B 2 HOH 12  124 12  HOH HOH A . 
B 2 HOH 13  125 13  HOH HOH A . 
B 2 HOH 14  126 14  HOH HOH A . 
B 2 HOH 15  127 15  HOH HOH A . 
B 2 HOH 16  128 16  HOH HOH A . 
B 2 HOH 17  129 17  HOH HOH A . 
B 2 HOH 18  130 18  HOH HOH A . 
B 2 HOH 19  131 19  HOH HOH A . 
B 2 HOH 20  132 20  HOH HOH A . 
B 2 HOH 21  133 21  HOH HOH A . 
B 2 HOH 22  134 22  HOH HOH A . 
B 2 HOH 23  135 23  HOH HOH A . 
B 2 HOH 24  136 24  HOH HOH A . 
B 2 HOH 25  137 25  HOH HOH A . 
B 2 HOH 26  138 26  HOH HOH A . 
B 2 HOH 27  139 27  HOH HOH A . 
B 2 HOH 28  140 28  HOH HOH A . 
B 2 HOH 29  141 29  HOH HOH A . 
B 2 HOH 30  142 30  HOH HOH A . 
B 2 HOH 31  143 31  HOH HOH A . 
B 2 HOH 32  144 32  HOH HOH A . 
B 2 HOH 33  145 33  HOH HOH A . 
B 2 HOH 34  146 34  HOH HOH A . 
B 2 HOH 35  147 35  HOH HOH A . 
B 2 HOH 36  148 36  HOH HOH A . 
B 2 HOH 37  149 37  HOH HOH A . 
B 2 HOH 38  150 38  HOH HOH A . 
B 2 HOH 39  151 39  HOH HOH A . 
B 2 HOH 40  152 40  HOH HOH A . 
B 2 HOH 41  153 41  HOH HOH A . 
B 2 HOH 42  154 42  HOH HOH A . 
B 2 HOH 43  155 43  HOH HOH A . 
B 2 HOH 44  156 44  HOH HOH A . 
B 2 HOH 45  157 45  HOH HOH A . 
B 2 HOH 46  158 46  HOH HOH A . 
B 2 HOH 47  159 47  HOH HOH A . 
B 2 HOH 48  160 48  HOH HOH A . 
B 2 HOH 49  161 49  HOH HOH A . 
B 2 HOH 50  162 50  HOH HOH A . 
B 2 HOH 51  163 51  HOH HOH A . 
B 2 HOH 52  164 52  HOH HOH A . 
B 2 HOH 53  165 53  HOH HOH A . 
B 2 HOH 54  166 54  HOH HOH A . 
B 2 HOH 55  167 55  HOH HOH A . 
B 2 HOH 56  168 56  HOH HOH A . 
B 2 HOH 57  169 57  HOH HOH A . 
B 2 HOH 58  170 58  HOH HOH A . 
B 2 HOH 59  171 59  HOH HOH A . 
B 2 HOH 60  172 60  HOH HOH A . 
B 2 HOH 61  173 61  HOH HOH A . 
B 2 HOH 62  174 62  HOH HOH A . 
B 2 HOH 63  175 63  HOH HOH A . 
B 2 HOH 64  176 64  HOH HOH A . 
B 2 HOH 65  177 65  HOH HOH A . 
B 2 HOH 66  178 66  HOH HOH A . 
B 2 HOH 67  179 67  HOH HOH A . 
B 2 HOH 68  180 68  HOH HOH A . 
B 2 HOH 69  181 69  HOH HOH A . 
B 2 HOH 70  182 70  HOH HOH A . 
B 2 HOH 71  183 71  HOH HOH A . 
B 2 HOH 72  184 72  HOH HOH A . 
B 2 HOH 73  185 73  HOH HOH A . 
B 2 HOH 74  186 74  HOH HOH A . 
B 2 HOH 75  187 75  HOH HOH A . 
B 2 HOH 76  188 76  HOH HOH A . 
B 2 HOH 77  189 77  HOH HOH A . 
B 2 HOH 78  190 78  HOH HOH A . 
B 2 HOH 79  191 79  HOH HOH A . 
B 2 HOH 80  192 80  HOH HOH A . 
B 2 HOH 81  193 81  HOH HOH A . 
B 2 HOH 82  194 82  HOH HOH A . 
B 2 HOH 83  195 83  HOH HOH A . 
B 2 HOH 84  196 84  HOH HOH A . 
B 2 HOH 85  197 85  HOH HOH A . 
B 2 HOH 86  198 86  HOH HOH A . 
B 2 HOH 87  199 87  HOH HOH A . 
B 2 HOH 88  200 88  HOH HOH A . 
B 2 HOH 89  201 89  HOH HOH A . 
B 2 HOH 90  202 90  HOH HOH A . 
B 2 HOH 91  203 91  HOH HOH A . 
B 2 HOH 92  204 92  HOH HOH A . 
B 2 HOH 93  205 93  HOH HOH A . 
B 2 HOH 94  206 94  HOH HOH A . 
B 2 HOH 95  207 95  HOH HOH A . 
B 2 HOH 96  208 96  HOH HOH A . 
B 2 HOH 97  209 97  HOH HOH A . 
B 2 HOH 98  210 98  HOH HOH A . 
B 2 HOH 99  211 99  HOH HOH A . 
B 2 HOH 100 212 100 HOH HOH A . 
B 2 HOH 101 213 101 HOH HOH A . 
B 2 HOH 102 214 102 HOH HOH A . 
B 2 HOH 103 215 103 HOH HOH A . 
# 
loop_
_software.name 
_software.version 
_software.date 
_software.type 
_software.contact_author 
_software.contact_author_email 
_software.classification 
_software.location 
_software.language 
_software.citation_id 
_software.pdbx_ordinal 
SCALEPACK .   ? package 'Zbyszek Otwinowski'       zbyszek@mix.swmed.edu                   'data scaling'   
http://www.lnls.br/infra/linhasluz/denzo-hkl.htm ?          ? 1 
MLPHARE   .   ? program 'Z.Otwinowski or E.Dodson' 'ccp4@dl.ac.uk, ccp4@yorvic.york.ac.uk' phasing          
http://www.ccp4.ac.uk/main.html                  Fortran_77 ? 2 
DM        5.0 ? program 'K. Cowtan'                ccp4@dl.ac.uk                           phasing          
http://www.ccp4.ac.uk/main.html                  Fortran    ? 3 
REFMAC    .   ? program 'Murshudov, G.N.'          ccp4@dl.ac.uk                           refinement       
http://www.ccp4.ac.uk/main.html                  Fortran    ? 4 
HKL-2000  .   ? ?       ?                          ?                                       'data reduction' ? ?          ? 5 
# 
_cell.length_a           39.897 
_cell.length_b           39.897 
_cell.length_c           144.758 
_cell.angle_alpha        90.000 
_cell.angle_beta         90.000 
_cell.angle_gamma        90.000 
_cell.entry_id           1YHF 
_cell.pdbx_unique_axis   ? 
_cell.Z_PDB              8 
# 
_symmetry.Int_Tables_number                91 
_symmetry.space_group_name_H-M             'P 41 2 2' 
_symmetry.entry_id                         1YHF 
_symmetry.pdbx_full_space_group_name_H-M   ? 
_symmetry.cell_setting                     ? 
_symmetry.space_group_name_Hall            ? 
# 
_exptl.entry_id          1YHF 
_exptl.method            'X-RAY DIFFRACTION' 
_exptl.crystals_number   1 
# 
_exptl_crystal.id                    1 
_exptl_crystal.density_meas          ? 
_exptl_crystal.density_Matthews      2.3 
_exptl_crystal.density_percent_sol   45.6 
_exptl_crystal.description           ? 
_exptl_crystal.F_000                 ? 
_exptl_crystal.preparation           ? 
# 
_exptl_crystal_grow.crystal_id      1 
_exptl_crystal_grow.method          ? 
_exptl_crystal_grow.temp            293 
_exptl_crystal_grow.temp_details    ? 
_exptl_crystal_grow.pH              4.50 
_exptl_crystal_grow.pdbx_details    
'30% PEG 3000, 0.1 M Sodium Acetate, pH 4.5, VAPOR DIFFUSION, SITTING DROP, temperature 293K, pH 4.50' 
_exptl_crystal_grow.pdbx_pH_range   . 
# 
_diffrn.id                     1 
_diffrn.ambient_temp           100.0 
_diffrn.ambient_temp_details   ? 
_diffrn.crystal_id             1 
# 
_diffrn_detector.diffrn_id              1 
_diffrn_detector.detector               CCD 
_diffrn_detector.type                   SBC-3 
_diffrn_detector.pdbx_collection_date   2004-12-02 
_diffrn_detector.details                ? 
# 
_diffrn_radiation.diffrn_id                        1 
_diffrn_radiation.wavelength_id                    1 
_diffrn_radiation.pdbx_monochromatic_or_laue_m_l   M 
_diffrn_radiation.monochromator                    'DOUBLE CRYSTAL MONOCHROMATOR' 
_diffrn_radiation.pdbx_diffrn_protocol             'SINGLE WAVELENGTH' 
_diffrn_radiation.pdbx_scattering_type             x-ray 
# 
_diffrn_radiation_wavelength.id           1 
_diffrn_radiation_wavelength.wavelength   0.97946 
_diffrn_radiation_wavelength.wt           1.0 
# 
_diffrn_source.diffrn_id                   1 
_diffrn_source.source                      SYNCHROTRON 
_diffrn_source.type                        'APS BEAMLINE 19-BM' 
_diffrn_source.pdbx_synchrotron_site       APS 
_diffrn_source.pdbx_synchrotron_beamline   19-BM 
_diffrn_source.pdbx_wavelength             0.97946 
_diffrn_source.pdbx_wavelength_list        ? 
# 
_reflns.entry_id                     1YHF 
_reflns.observed_criterion_sigma_I   0.000 
_reflns.observed_criterion_sigma_F   ? 
_reflns.d_resolution_low             40.000 
_reflns.d_resolution_high            2.000 
_reflns.number_obs                   8535 
_reflns.number_all                   ? 
_reflns.percent_possible_obs         99.1 
_reflns.pdbx_Rmerge_I_obs            0.137 
_reflns.pdbx_Rsym_value              ? 
_reflns.pdbx_netI_over_sigmaI        33.6000 
_reflns.B_iso_Wilson_estimate        ? 
_reflns.pdbx_redundancy              23.400 
_reflns.R_free_details               ? 
_reflns.limit_h_max                  ? 
_reflns.limit_h_min                  ? 
_reflns.limit_k_max                  ? 
_reflns.limit_k_min                  ? 
_reflns.limit_l_max                  ? 
_reflns.limit_l_min                  ? 
_reflns.observed_criterion_F_max     ? 
_reflns.observed_criterion_F_min     ? 
_reflns.pdbx_chi_squared             ? 
_reflns.pdbx_scaling_rejects         ? 
_reflns.pdbx_ordinal                 1 
_reflns.pdbx_diffrn_id               1 
# 
_reflns_shell.d_res_high             2.00 
_reflns_shell.d_res_low              2.05 
_reflns_shell.percent_possible_all   94.8 
_reflns_shell.Rmerge_I_obs           0.746 
_reflns_shell.pdbx_Rsym_value        ? 
_reflns_shell.meanI_over_sigI_obs    2.620 
_reflns_shell.pdbx_redundancy        12.70 
_reflns_shell.percent_possible_obs   ? 
_reflns_shell.number_unique_all      ? 
_reflns_shell.number_measured_all    ? 
_reflns_shell.number_measured_obs    ? 
_reflns_shell.number_unique_obs      ? 
_reflns_shell.pdbx_chi_squared       ? 
_reflns_shell.pdbx_ordinal           1 
_reflns_shell.pdbx_diffrn_id         1 
# 
_refine.entry_id                                 1YHF 
_refine.ls_number_reflns_obs                     8492 
_refine.ls_number_reflns_all                     8492 
_refine.pdbx_ls_sigma_I                          ? 
_refine.pdbx_ls_sigma_F                          0.000 
_refine.pdbx_data_cutoff_high_absF               ? 
_refine.pdbx_data_cutoff_low_absF                ? 
_refine.pdbx_data_cutoff_high_rms_absF           ? 
_refine.ls_d_res_low                             39.90 
_refine.ls_d_res_high                            2.00 
_refine.ls_percent_reflns_obs                    99.3 
_refine.ls_R_factor_obs                          0.192 
_refine.ls_R_factor_all                          ? 
_refine.ls_R_factor_R_work                       0.19 
_refine.ls_R_factor_R_free                       0.248 
_refine.ls_R_factor_R_free_error                 ? 
_refine.ls_R_factor_R_free_error_details         ? 
_refine.ls_percent_reflns_R_free                 ? 
_refine.ls_number_reflns_R_free                  843 
_refine.ls_number_parameters                     ? 
_refine.ls_number_restraints                     ? 
_refine.occupancy_min                            ? 
_refine.occupancy_max                            ? 
_refine.correlation_coeff_Fo_to_Fc               0.958 
_refine.correlation_coeff_Fo_to_Fc_free          ? 
_refine.B_iso_mean                               31.75 
_refine.aniso_B[1][1]                            1.42000 
_refine.aniso_B[2][2]                            1.42000 
_refine.aniso_B[3][3]                            -2.85000 
_refine.aniso_B[1][2]                            0.00000 
_refine.aniso_B[1][3]                            0.00000 
_refine.aniso_B[2][3]                            0.00000 
_refine.solvent_model_details                    MASK 
_refine.solvent_model_param_ksol                 ? 
_refine.solvent_model_param_bsol                 ? 
_refine.pdbx_solvent_vdw_probe_radii             1.20 
_refine.pdbx_solvent_ion_probe_radii             0.80 
_refine.pdbx_solvent_shrinkage_radii             0.80 
_refine.pdbx_ls_cross_valid_method               ? 
_refine.details                                  
;ALL DATA WERE USED IN FINAL ROUND OF REFINEMENT. R-FACTOR-ALL CORRESPONDS TO DEPOSITED FILE. R- FACTORS, R-WORK AND R-FREE, ARE TAKEN FROM SECOND TO LAST ROUND OF REFINEMENT WHICH USED TEST DATA SET.
;
_refine.pdbx_starting_model                      ? 
_refine.pdbx_method_to_determine_struct          SAD 
_refine.pdbx_isotropic_thermal_model             ? 
_refine.pdbx_stereochemistry_target_values       'MAXIMUM LIKELIHOOD' 
_refine.pdbx_stereochem_target_val_spec_case     ? 
_refine.pdbx_R_Free_selection_details            ? 
_refine.pdbx_overall_ESU_R                       0.179 
_refine.pdbx_overall_ESU_R_Free                  ? 
_refine.overall_SU_ML                            0.087 
_refine.overall_SU_B                             5.982 
_refine.ls_redundancy_reflns_obs                 ? 
_refine.B_iso_min                                ? 
_refine.B_iso_max                                ? 
_refine.overall_SU_R_Cruickshank_DPI             ? 
_refine.overall_SU_R_free                        ? 
_refine.ls_wR_factor_R_free                      ? 
_refine.ls_wR_factor_R_work                      ? 
_refine.overall_FOM_free_R_set                   ? 
_refine.overall_FOM_work_R_set                   ? 
_refine.pdbx_refine_id                           'X-RAY DIFFRACTION' 
_refine.pdbx_TLS_residual_ADP_flag               'LIKELY RESIDUAL' 
_refine.pdbx_diffrn_id                           1 
_refine.pdbx_overall_phase_error                 ? 
_refine.pdbx_overall_SU_R_free_Cruickshank_DPI   ? 
_refine.pdbx_overall_SU_R_Blow_DPI               ? 
_refine.pdbx_overall_SU_R_free_Blow_DPI          ? 
# 
_refine_hist.pdbx_refine_id                   'X-RAY DIFFRACTION' 
_refine_hist.cycle_id                         LAST 
_refine_hist.pdbx_number_atoms_protein        878 
_refine_hist.pdbx_number_atoms_nucleic_acid   0 
_refine_hist.pdbx_number_atoms_ligand         0 
_refine_hist.number_atoms_solvent             103 
_refine_hist.number_atoms_total               981 
_refine_hist.d_res_high                       2.00 
_refine_hist.d_res_low                        39.90 
# 
loop_
_refine_ls_restr.type 
_refine_ls_restr.dev_ideal 
_refine_ls_restr.dev_ideal_target 
_refine_ls_restr.weight 
_refine_ls_restr.number 
_refine_ls_restr.pdbx_refine_id 
_refine_ls_restr.pdbx_restraint_function 
r_bond_refined_d             0.012  0.022  ? 889  'X-RAY DIFFRACTION' ? 
r_bond_other_d               ?      ?      ? ?    'X-RAY DIFFRACTION' ? 
r_angle_refined_deg          1.434  1.974  ? 1206 'X-RAY DIFFRACTION' ? 
r_angle_other_deg            ?      ?      ? ?    'X-RAY DIFFRACTION' ? 
r_dihedral_angle_1_deg       6.634  5.000  ? 113  'X-RAY DIFFRACTION' ? 
r_dihedral_angle_2_deg       40.072 25.897 ? 39   'X-RAY DIFFRACTION' ? 
r_dihedral_angle_3_deg       13.349 15.000 ? 161  'X-RAY DIFFRACTION' ? 
r_dihedral_angle_4_deg       18.461 15.000 ? 4    'X-RAY DIFFRACTION' ? 
r_chiral_restr               0.091  0.200  ? 146  'X-RAY DIFFRACTION' ? 
r_gen_planes_refined         0.005  0.020  ? 656  'X-RAY DIFFRACTION' ? 
r_gen_planes_other           ?      ?      ? ?    'X-RAY DIFFRACTION' ? 
r_nbd_refined                0.226  0.200  ? 345  'X-RAY DIFFRACTION' ? 
r_nbd_other                  ?      ?      ? ?    'X-RAY DIFFRACTION' ? 
r_nbtor_refined              0.304  0.200  ? 597  'X-RAY DIFFRACTION' ? 
r_nbtor_other                ?      ?      ? ?    'X-RAY DIFFRACTION' ? 
r_xyhbond_nbd_refined        0.156  0.200  ? 83   'X-RAY DIFFRACTION' ? 
r_xyhbond_nbd_other          ?      ?      ? ?    'X-RAY DIFFRACTION' ? 
r_metal_ion_refined          ?      ?      ? ?    'X-RAY DIFFRACTION' ? 
r_metal_ion_other            ?      ?      ? ?    'X-RAY DIFFRACTION' ? 
r_symmetry_vdw_refined       0.217  0.200  ? 45   'X-RAY DIFFRACTION' ? 
r_symmetry_vdw_other         ?      ?      ? ?    'X-RAY DIFFRACTION' ? 
r_symmetry_hbond_refined     0.159  0.200  ? 15   'X-RAY DIFFRACTION' ? 
r_symmetry_hbond_other       ?      ?      ? ?    'X-RAY DIFFRACTION' ? 
r_symmetry_metal_ion_refined ?      ?      ? ?    'X-RAY DIFFRACTION' ? 
r_symmetry_metal_ion_other   ?      ?      ? ?    'X-RAY DIFFRACTION' ? 
r_mcbond_it                  0.945  1.500  ? 588  'X-RAY DIFFRACTION' ? 
r_mcbond_other               ?      ?      ? ?    'X-RAY DIFFRACTION' ? 
r_mcangle_it                 1.229  2.000  ? 920  'X-RAY DIFFRACTION' ? 
r_scbond_it                  2.410  3.000  ? 334  'X-RAY DIFFRACTION' ? 
r_scangle_it                 3.914  4.500  ? 286  'X-RAY DIFFRACTION' ? 
r_rigid_bond_restr           ?      ?      ? ?    'X-RAY DIFFRACTION' ? 
r_sphericity_free            ?      ?      ? ?    'X-RAY DIFFRACTION' ? 
r_sphericity_bonded          ?      ?      ? ?    'X-RAY DIFFRACTION' ? 
# 
_refine_ls_shell.pdbx_total_number_of_bins_used   20 
_refine_ls_shell.d_res_high                       2.00 
_refine_ls_shell.d_res_low                        2.05 
_refine_ls_shell.number_reflns_R_work             554 
_refine_ls_shell.R_factor_R_work                  0.235 
_refine_ls_shell.percent_reflns_obs               95.35 
_refine_ls_shell.R_factor_R_free                  0.234 
_refine_ls_shell.R_factor_R_free_error            ? 
_refine_ls_shell.percent_reflns_R_free            ? 
_refine_ls_shell.number_reflns_R_free             50 
_refine_ls_shell.redundancy_reflns_obs            ? 
_refine_ls_shell.number_reflns_all                ? 
_refine_ls_shell.number_reflns_obs                ? 
_refine_ls_shell.pdbx_refine_id                   'X-RAY DIFFRACTION' 
_refine_ls_shell.R_factor_all                     ? 
# 
_struct.entry_id                  1YHF 
_struct.title                     'Crystal Structure of Conserved SPY1581 Protein of Unknown Function from Streptococcus pyogenes' 
_struct.pdbx_model_details        ? 
_struct.pdbx_CASP_flag            ? 
_struct.pdbx_model_type_details   ? 
# 
_struct_keywords.text            
;structural genomics, conserved hypothetical protein, PSI, Protein Structure Initiative, Midwest Center for Structural Genomics, MCSG, UNKNOWN FUNCTION
;
_struct_keywords.entry_id        1YHF 
_struct_keywords.pdbx_keywords   'STRUCTURAL GENOMICS, UNKNOWN FUNCTION' 
# 
loop_
_struct_asym.id 
_struct_asym.pdbx_blank_PDB_chainid_flag 
_struct_asym.pdbx_modified 
_struct_asym.entity_id 
_struct_asym.details 
A N N 1 ? 
B N N 2 ? 
# 
_struct_ref.id                         1 
_struct_ref.db_name                    UNP 
_struct_ref.db_code                    Q99YR1_STRP1 
_struct_ref.pdbx_db_accession          Q99YR1 
_struct_ref.entity_id                  1 
_struct_ref.pdbx_seq_one_letter_code   
;MSYINNIEHAKVLDLTQEVMIEQDQMLSRTLVQRQDLGITVFSLDKGQEIGRHSSPGDAMVTILSGLAEITIDQETYRVA
EGQTIVMPAGIPHALYAVEAFQMLLVVVKPEA
;
_struct_ref.pdbx_align_begin           1 
_struct_ref.pdbx_db_isoform            ? 
# 
_struct_ref_seq.align_id                      1 
_struct_ref_seq.ref_id                        1 
_struct_ref_seq.pdbx_PDB_id_code              1YHF 
_struct_ref_seq.pdbx_strand_id                A 
_struct_ref_seq.seq_align_beg                 4 
_struct_ref_seq.pdbx_seq_align_beg_ins_code   ? 
_struct_ref_seq.seq_align_end                 115 
_struct_ref_seq.pdbx_seq_align_end_ins_code   ? 
_struct_ref_seq.pdbx_db_accession             Q99YR1 
_struct_ref_seq.db_align_beg                  1 
_struct_ref_seq.pdbx_db_align_beg_ins_code    ? 
_struct_ref_seq.db_align_end                  112 
_struct_ref_seq.pdbx_db_align_end_ins_code    ? 
_struct_ref_seq.pdbx_auth_seq_align_beg       1 
_struct_ref_seq.pdbx_auth_seq_align_end       112 
# 
loop_
_struct_ref_seq_dif.align_id 
_struct_ref_seq_dif.pdbx_pdb_id_code 
_struct_ref_seq_dif.mon_id 
_struct_ref_seq_dif.pdbx_pdb_strand_id 
_struct_ref_seq_dif.seq_num 
_struct_ref_seq_dif.pdbx_pdb_ins_code 
_struct_ref_seq_dif.pdbx_seq_db_name 
_struct_ref_seq_dif.pdbx_seq_db_accession_code 
_struct_ref_seq_dif.db_mon_id 
_struct_ref_seq_dif.pdbx_seq_db_seq_num 
_struct_ref_seq_dif.details 
_struct_ref_seq_dif.pdbx_auth_seq_num 
_struct_ref_seq_dif.pdbx_ordinal 
1 1YHF SER A 1   ? UNP Q99YR1 ?   ?   'cloning artifact' -2  1 
1 1YHF ASN A 2   ? UNP Q99YR1 ?   ?   'cloning artifact' -1  2 
1 1YHF ALA A 3   ? UNP Q99YR1 ?   ?   'cloning artifact' 0   3 
1 1YHF MSE A 4   ? UNP Q99YR1 MET 1   'modified residue' 1   4 
1 1YHF MSE A 23  ? UNP Q99YR1 MET 20  'modified residue' 20  5 
1 1YHF MSE A 29  ? UNP Q99YR1 MET 26  'modified residue' 26  6 
1 1YHF MSE A 63  ? UNP Q99YR1 MET 60  'modified residue' 60  7 
1 1YHF MSE A 90  ? UNP Q99YR1 MET 87  'modified residue' 87  8 
1 1YHF MSE A 106 ? UNP Q99YR1 MET 103 'modified residue' 103 9 
# 
loop_
_pdbx_struct_assembly.id 
_pdbx_struct_assembly.details 
_pdbx_struct_assembly.method_details 
_pdbx_struct_assembly.oligomeric_details 
_pdbx_struct_assembly.oligomeric_count 
1 author_and_software_defined_assembly PQS  monomeric 1 
2 software_defined_assembly            PISA dimeric   2 
# 
loop_
_pdbx_struct_assembly_prop.biol_id 
_pdbx_struct_assembly_prop.type 
_pdbx_struct_assembly_prop.value 
_pdbx_struct_assembly_prop.details 
2 'ABSA (A^2)' 3380  ? 
2 MORE         -25   ? 
2 'SSA (A^2)'  10340 ? 
# 
loop_
_pdbx_struct_assembly_gen.assembly_id 
_pdbx_struct_assembly_gen.oper_expression 
_pdbx_struct_assembly_gen.asym_id_list 
1 1   A,B 
2 1,2 A,B 
# 
loop_
_pdbx_struct_oper_list.id 
_pdbx_struct_oper_list.type 
_pdbx_struct_oper_list.name 
_pdbx_struct_oper_list.symmetry_operation 
_pdbx_struct_oper_list.matrix[1][1] 
_pdbx_struct_oper_list.matrix[1][2] 
_pdbx_struct_oper_list.matrix[1][3] 
_pdbx_struct_oper_list.vector[1] 
_pdbx_struct_oper_list.matrix[2][1] 
_pdbx_struct_oper_list.matrix[2][2] 
_pdbx_struct_oper_list.matrix[2][3] 
_pdbx_struct_oper_list.vector[2] 
_pdbx_struct_oper_list.matrix[3][1] 
_pdbx_struct_oper_list.matrix[3][2] 
_pdbx_struct_oper_list.matrix[3][3] 
_pdbx_struct_oper_list.vector[3] 
1 'identity operation'         1_555 x,y,z            1.0000000000  0.0000000000  0.0000000000 0.0000000000 0.0000000000  1.0000000000  0.0000000000  0.0000000000  0.0000000000 0.0000000000  1.0000000000  0.0000000000   
2 'crystal symmetry operation' 8_665 -y+1,-x+1,-z+1/4 -0.2349864109 -0.7691283819 0.5943256000 9.9019548802 -0.7691283819 -0.2267346930 -0.5975223102 -2.1702004884 0.5943256000 -0.5975223102 -0.5382788961 -15.5542565068 
# 
_struct_biol.id   1 
# 
_struct_conf.conf_type_id            HELX_P 
_struct_conf.id                      HELX_P1 
_struct_conf.pdbx_PDB_helix_id       1 
_struct_conf.beg_label_comp_id       ASP 
_struct_conf.beg_label_asym_id       A 
_struct_conf.beg_label_seq_id        17 
_struct_conf.pdbx_beg_PDB_ins_code   ? 
_struct_conf.end_label_comp_id       VAL 
_struct_conf.end_label_asym_id       A 
_struct_conf.end_label_seq_id        22 
_struct_conf.pdbx_end_PDB_ins_code   ? 
_struct_conf.beg_auth_comp_id        ASP 
_struct_conf.beg_auth_asym_id        A 
_struct_conf.beg_auth_seq_id         14 
_struct_conf.end_auth_comp_id        VAL 
_struct_conf.end_auth_asym_id        A 
_struct_conf.end_auth_seq_id         19 
_struct_conf.pdbx_PDB_helix_class    1 
_struct_conf.details                 ? 
_struct_conf.pdbx_PDB_helix_length   6 
# 
_struct_conf_type.id          HELX_P 
_struct_conf_type.criteria    ? 
_struct_conf_type.reference   ? 
# 
loop_
_struct_conn.id 
_struct_conn.conn_type_id 
_struct_conn.pdbx_leaving_atom_flag 
_struct_conn.pdbx_PDB_id 
_struct_conn.ptnr1_label_asym_id 
_struct_conn.ptnr1_label_comp_id 
_struct_conn.ptnr1_label_seq_id 
_struct_conn.ptnr1_label_atom_id 
_struct_conn.pdbx_ptnr1_label_alt_id 
_struct_conn.pdbx_ptnr1_PDB_ins_code 
_struct_conn.pdbx_ptnr1_standard_comp_id 
_struct_conn.ptnr1_symmetry 
_struct_conn.ptnr2_label_asym_id 
_struct_conn.ptnr2_label_comp_id 
_struct_conn.ptnr2_label_seq_id 
_struct_conn.ptnr2_label_atom_id 
_struct_conn.pdbx_ptnr2_label_alt_id 
_struct_conn.pdbx_ptnr2_PDB_ins_code 
_struct_conn.ptnr1_auth_asym_id 
_struct_conn.ptnr1_auth_comp_id 
_struct_conn.ptnr1_auth_seq_id 
_struct_conn.ptnr2_auth_asym_id 
_struct_conn.ptnr2_auth_comp_id 
_struct_conn.ptnr2_auth_seq_id 
_struct_conn.ptnr2_symmetry 
_struct_conn.pdbx_ptnr3_label_atom_id 
_struct_conn.pdbx_ptnr3_label_seq_id 
_struct_conn.pdbx_ptnr3_label_comp_id 
_struct_conn.pdbx_ptnr3_label_asym_id 
_struct_conn.pdbx_ptnr3_label_alt_id 
_struct_conn.pdbx_ptnr3_PDB_ins_code 
_struct_conn.details 
_struct_conn.pdbx_dist_value 
_struct_conn.pdbx_value_order 
_struct_conn.pdbx_role 
covale1  covale both ? A ALA 3   C ? ? ? 1_555 A MSE 4   N ? ? A ALA 0   A MSE 1   1_555 ? ? ? ? ? ? ? 1.333 ? ? 
covale2  covale both ? A MSE 4   C ? ? ? 1_555 A SER 5   N ? ? A MSE 1   A SER 2   1_555 ? ? ? ? ? ? ? 1.325 ? ? 
covale3  covale both ? A VAL 22  C ? ? ? 1_555 A MSE 23  N ? ? A VAL 19  A MSE 20  1_555 ? ? ? ? ? ? ? 1.334 ? ? 
covale4  covale both ? A MSE 23  C ? ? ? 1_555 A ILE 24  N ? ? A MSE 20  A ILE 21  1_555 ? ? ? ? ? ? ? 1.329 ? ? 
covale5  covale both ? A GLN 28  C ? ? ? 1_555 A MSE 29  N ? ? A GLN 25  A MSE 26  1_555 ? ? ? ? ? ? ? 1.328 ? ? 
covale6  covale both ? A MSE 29  C ? ? ? 1_555 A LEU 30  N ? ? A MSE 26  A LEU 27  1_555 ? ? ? ? ? ? ? 1.332 ? ? 
covale7  covale both ? A ALA 62  C ? ? ? 1_555 A MSE 63  N ? ? A ALA 59  A MSE 60  1_555 ? ? ? ? ? ? ? 1.323 ? ? 
covale8  covale both ? A MSE 63  C ? ? ? 1_555 A VAL 64  N ? ? A MSE 60  A VAL 61  1_555 ? ? ? ? ? ? ? 1.332 ? ? 
covale9  covale both ? A VAL 89  C ? ? ? 1_555 A MSE 90  N ? ? A VAL 86  A MSE 87  1_555 ? ? ? ? ? ? ? 1.331 ? ? 
covale10 covale both ? A MSE 90  C ? ? ? 1_555 A PRO 91  N ? ? A MSE 87  A PRO 88  1_555 ? ? ? ? ? ? ? 1.347 ? ? 
covale11 covale both ? A GLN 105 C ? ? ? 1_555 A MSE 106 N ? ? A GLN 102 A MSE 103 1_555 ? ? ? ? ? ? ? 1.337 ? ? 
covale12 covale both ? A MSE 106 C ? ? ? 1_555 A LEU 107 N ? ? A MSE 103 A LEU 104 1_555 ? ? ? ? ? ? ? 1.328 ? ? 
# 
_struct_conn_type.id          covale 
_struct_conn_type.criteria    ? 
_struct_conn_type.reference   ? 
# 
loop_
_pdbx_modification_feature.ordinal 
_pdbx_modification_feature.label_comp_id 
_pdbx_modification_feature.label_asym_id 
_pdbx_modification_feature.label_seq_id 
_pdbx_modification_feature.label_alt_id 
_pdbx_modification_feature.modified_residue_label_comp_id 
_pdbx_modification_feature.modified_residue_label_asym_id 
_pdbx_modification_feature.modified_residue_label_seq_id 
_pdbx_modification_feature.modified_residue_label_alt_id 
_pdbx_modification_feature.auth_comp_id 
_pdbx_modification_feature.auth_asym_id 
_pdbx_modification_feature.auth_seq_id 
_pdbx_modification_feature.PDB_ins_code 
_pdbx_modification_feature.symmetry 
_pdbx_modification_feature.modified_residue_auth_comp_id 
_pdbx_modification_feature.modified_residue_auth_asym_id 
_pdbx_modification_feature.modified_residue_auth_seq_id 
_pdbx_modification_feature.modified_residue_PDB_ins_code 
_pdbx_modification_feature.modified_residue_symmetry 
_pdbx_modification_feature.comp_id_linking_atom 
_pdbx_modification_feature.modified_residue_id_linking_atom 
_pdbx_modification_feature.modified_residue_id 
_pdbx_modification_feature.ref_pcm_id 
_pdbx_modification_feature.ref_comp_id 
_pdbx_modification_feature.type 
_pdbx_modification_feature.category 
1 MSE A 4   ? . . . . MSE A 1   ? 1_555 . . . . . . . MET 1 MSE Selenomethionine 'Named protein modification' 
2 MSE A 23  ? . . . . MSE A 20  ? 1_555 . . . . . . . MET 1 MSE Selenomethionine 'Named protein modification' 
3 MSE A 29  ? . . . . MSE A 26  ? 1_555 . . . . . . . MET 1 MSE Selenomethionine 'Named protein modification' 
4 MSE A 63  ? . . . . MSE A 60  ? 1_555 . . . . . . . MET 1 MSE Selenomethionine 'Named protein modification' 
5 MSE A 90  ? . . . . MSE A 87  ? 1_555 . . . . . . . MET 1 MSE Selenomethionine 'Named protein modification' 
6 MSE A 106 ? . . . . MSE A 103 ? 1_555 . . . . . . . MET 1 MSE Selenomethionine 'Named protein modification' 
# 
_struct_mon_prot_cis.pdbx_id                1 
_struct_mon_prot_cis.label_comp_id          GLU 
_struct_mon_prot_cis.label_seq_id           114 
_struct_mon_prot_cis.label_asym_id          A 
_struct_mon_prot_cis.label_alt_id           . 
_struct_mon_prot_cis.pdbx_PDB_ins_code      ? 
_struct_mon_prot_cis.auth_comp_id           GLU 
_struct_mon_prot_cis.auth_seq_id            111 
_struct_mon_prot_cis.auth_asym_id           A 
_struct_mon_prot_cis.pdbx_label_comp_id_2   ALA 
_struct_mon_prot_cis.pdbx_label_seq_id_2    115 
_struct_mon_prot_cis.pdbx_label_asym_id_2   A 
_struct_mon_prot_cis.pdbx_PDB_ins_code_2    ? 
_struct_mon_prot_cis.pdbx_auth_comp_id_2    ALA 
_struct_mon_prot_cis.pdbx_auth_seq_id_2     112 
_struct_mon_prot_cis.pdbx_auth_asym_id_2    A 
_struct_mon_prot_cis.pdbx_PDB_model_num     1 
_struct_mon_prot_cis.pdbx_omega_angle       -1.77 
# 
loop_
_struct_sheet.id 
_struct_sheet.type 
_struct_sheet.number_strands 
_struct_sheet.details 
A ? 5 ? 
B ? 4 ? 
# 
loop_
_struct_sheet_order.sheet_id 
_struct_sheet_order.range_id_1 
_struct_sheet_order.range_id_2 
_struct_sheet_order.offset 
_struct_sheet_order.sense 
A 1 2 ? anti-parallel 
A 2 3 ? anti-parallel 
A 3 4 ? anti-parallel 
A 4 5 ? anti-parallel 
B 1 2 ? anti-parallel 
B 2 3 ? anti-parallel 
B 3 4 ? anti-parallel 
# 
loop_
_struct_sheet_range.sheet_id 
_struct_sheet_range.id 
_struct_sheet_range.beg_label_comp_id 
_struct_sheet_range.beg_label_asym_id 
_struct_sheet_range.beg_label_seq_id 
_struct_sheet_range.pdbx_beg_PDB_ins_code 
_struct_sheet_range.end_label_comp_id 
_struct_sheet_range.end_label_asym_id 
_struct_sheet_range.end_label_seq_id 
_struct_sheet_range.pdbx_end_PDB_ins_code 
_struct_sheet_range.beg_auth_comp_id 
_struct_sheet_range.beg_auth_asym_id 
_struct_sheet_range.beg_auth_seq_id 
_struct_sheet_range.end_auth_comp_id 
_struct_sheet_range.end_auth_asym_id 
_struct_sheet_range.end_auth_seq_id 
A 1 MSE A 29  ? ARG A 37  ? MSE A 26  ARG A 34  
A 2 LEU A 40  ? LEU A 47  ? LEU A 37  LEU A 44  
A 3 PHE A 104 ? VAL A 111 ? PHE A 101 VAL A 108 
A 4 ASP A 61  ? SER A 68  ? ASP A 58  SER A 65  
A 5 THR A 87  ? MSE A 90  ? THR A 84  MSE A 87  
B 1 GLU A 52  ? HIS A 56  ? GLU A 49  HIS A 53  
B 2 HIS A 96  ? ALA A 100 ? HIS A 93  ALA A 97  
B 3 LEU A 70  ? ILE A 75  ? LEU A 67  ILE A 72  
B 4 GLU A 78  ? ALA A 83  ? GLU A 75  ALA A 80  
# 
loop_
_pdbx_struct_sheet_hbond.sheet_id 
_pdbx_struct_sheet_hbond.range_id_1 
_pdbx_struct_sheet_hbond.range_id_2 
_pdbx_struct_sheet_hbond.range_1_label_atom_id 
_pdbx_struct_sheet_hbond.range_1_label_comp_id 
_pdbx_struct_sheet_hbond.range_1_label_asym_id 
_pdbx_struct_sheet_hbond.range_1_label_seq_id 
_pdbx_struct_sheet_hbond.range_1_PDB_ins_code 
_pdbx_struct_sheet_hbond.range_1_auth_atom_id 
_pdbx_struct_sheet_hbond.range_1_auth_comp_id 
_pdbx_struct_sheet_hbond.range_1_auth_asym_id 
_pdbx_struct_sheet_hbond.range_1_auth_seq_id 
_pdbx_struct_sheet_hbond.range_2_label_atom_id 
_pdbx_struct_sheet_hbond.range_2_label_comp_id 
_pdbx_struct_sheet_hbond.range_2_label_asym_id 
_pdbx_struct_sheet_hbond.range_2_label_seq_id 
_pdbx_struct_sheet_hbond.range_2_PDB_ins_code 
_pdbx_struct_sheet_hbond.range_2_auth_atom_id 
_pdbx_struct_sheet_hbond.range_2_auth_comp_id 
_pdbx_struct_sheet_hbond.range_2_auth_asym_id 
_pdbx_struct_sheet_hbond.range_2_auth_seq_id 
A 1 2 N ARG A 32  ? N ARG A 29  O VAL A 44  ? O VAL A 41  
A 2 3 N GLY A 41  ? N GLY A 38  O VAL A 110 ? O VAL A 107 
A 3 4 O VAL A 109 ? O VAL A 106 N MSE A 63  ? N MSE A 60  
A 4 5 N VAL A 64  ? N VAL A 61  O ILE A 88  ? O ILE A 85  
B 1 2 N HIS A 56  ? N HIS A 53  O HIS A 96  ? O HIS A 93  
B 2 3 O TYR A 99  ? O TYR A 96  N GLU A 72  ? N GLU A 69  
B 3 4 N ILE A 73  ? N ILE A 70  O TYR A 80  ? O TYR A 77  
# 
_pdbx_entry_details.entry_id                   1YHF 
_pdbx_entry_details.compound_details           ? 
_pdbx_entry_details.source_details             ? 
_pdbx_entry_details.nonpolymer_details         ? 
_pdbx_entry_details.sequence_details           ? 
_pdbx_entry_details.has_ligand_of_interest     ? 
_pdbx_entry_details.has_protein_modification   Y 
# 
_pdbx_validate_close_contact.id               1 
_pdbx_validate_close_contact.PDB_model_num    1 
_pdbx_validate_close_contact.auth_atom_id_1   CG2 
_pdbx_validate_close_contact.auth_asym_id_1   A 
_pdbx_validate_close_contact.auth_comp_id_1   THR 
_pdbx_validate_close_contact.auth_seq_id_1    62 
_pdbx_validate_close_contact.PDB_ins_code_1   ? 
_pdbx_validate_close_contact.label_alt_id_1   ? 
_pdbx_validate_close_contact.auth_atom_id_2   O 
_pdbx_validate_close_contact.auth_asym_id_2   A 
_pdbx_validate_close_contact.auth_comp_id_2   HOH 
_pdbx_validate_close_contact.auth_seq_id_2    213 
_pdbx_validate_close_contact.PDB_ins_code_2   ? 
_pdbx_validate_close_contact.label_alt_id_2   ? 
_pdbx_validate_close_contact.dist             2.10 
# 
_pdbx_validate_torsion.id              1 
_pdbx_validate_torsion.PDB_model_num   1 
_pdbx_validate_torsion.auth_comp_id    ASP 
_pdbx_validate_torsion.auth_asym_id    A 
_pdbx_validate_torsion.auth_seq_id     73 
_pdbx_validate_torsion.PDB_ins_code    ? 
_pdbx_validate_torsion.label_alt_id    ? 
_pdbx_validate_torsion.phi             55.39 
_pdbx_validate_torsion.psi             -106.91 
# 
_pdbx_SG_project.id                    1 
_pdbx_SG_project.project_name          'PSI, Protein Structure Initiative' 
_pdbx_SG_project.full_name_of_center   'Midwest Center for Structural Genomics' 
_pdbx_SG_project.initial_of_center     MCSG 
# 
loop_
_pdbx_struct_mod_residue.id 
_pdbx_struct_mod_residue.label_asym_id 
_pdbx_struct_mod_residue.label_comp_id 
_pdbx_struct_mod_residue.label_seq_id 
_pdbx_struct_mod_residue.auth_asym_id 
_pdbx_struct_mod_residue.auth_comp_id 
_pdbx_struct_mod_residue.auth_seq_id 
_pdbx_struct_mod_residue.PDB_ins_code 
_pdbx_struct_mod_residue.parent_comp_id 
_pdbx_struct_mod_residue.details 
1 A MSE 4   A MSE 1   ? MET SELENOMETHIONINE 
2 A MSE 23  A MSE 20  ? MET SELENOMETHIONINE 
3 A MSE 29  A MSE 26  ? MET SELENOMETHIONINE 
4 A MSE 63  A MSE 60  ? MET SELENOMETHIONINE 
5 A MSE 90  A MSE 87  ? MET SELENOMETHIONINE 
6 A MSE 106 A MSE 103 ? MET SELENOMETHIONINE 
# 
loop_
_pdbx_struct_special_symmetry.id 
_pdbx_struct_special_symmetry.PDB_model_num 
_pdbx_struct_special_symmetry.auth_asym_id 
_pdbx_struct_special_symmetry.auth_comp_id 
_pdbx_struct_special_symmetry.auth_seq_id 
_pdbx_struct_special_symmetry.PDB_ins_code 
_pdbx_struct_special_symmetry.label_asym_id 
_pdbx_struct_special_symmetry.label_comp_id 
_pdbx_struct_special_symmetry.label_seq_id 
1 1 A HOH 214 ? B HOH . 
2 1 A HOH 215 ? B HOH . 
# 
_pdbx_refine_tls.id               1 
_pdbx_refine_tls.details          ? 
_pdbx_refine_tls.method           refined 
_pdbx_refine_tls.origin_x         0.1478 
_pdbx_refine_tls.origin_y         -0.0184 
_pdbx_refine_tls.origin_z         0.1801 
_pdbx_refine_tls.T[1][1]          -0.0578 
_pdbx_refine_tls.T[2][2]          -0.0048 
_pdbx_refine_tls.T[3][3]          -0.0414 
_pdbx_refine_tls.T[1][2]          0.0200 
_pdbx_refine_tls.T[1][3]          -0.0111 
_pdbx_refine_tls.T[2][3]          0.0051 
_pdbx_refine_tls.L[1][1]          0.7597 
_pdbx_refine_tls.L[2][2]          1.0404 
_pdbx_refine_tls.L[3][3]          1.7228 
_pdbx_refine_tls.L[1][2]          0.1341 
_pdbx_refine_tls.L[1][3]          -0.4491 
_pdbx_refine_tls.L[2][3]          0.1730 
_pdbx_refine_tls.S[1][1]          -0.0086 
_pdbx_refine_tls.S[1][2]          -0.0761 
_pdbx_refine_tls.S[1][3]          0.0070 
_pdbx_refine_tls.S[2][1]          0.0231 
_pdbx_refine_tls.S[2][2]          -0.0358 
_pdbx_refine_tls.S[2][3]          0.0564 
_pdbx_refine_tls.S[3][1]          0.0531 
_pdbx_refine_tls.S[3][2]          -0.0656 
_pdbx_refine_tls.S[3][3]          0.0444 
_pdbx_refine_tls.pdbx_refine_id   'X-RAY DIFFRACTION' 
# 
_pdbx_refine_tls_group.id                  1 
_pdbx_refine_tls_group.refine_tls_id       1 
_pdbx_refine_tls_group.beg_label_asym_id   A 
_pdbx_refine_tls_group.beg_label_seq_id    2 
_pdbx_refine_tls_group.beg_auth_seq_id     -1 
_pdbx_refine_tls_group.end_label_asym_id   A 
_pdbx_refine_tls_group.end_label_seq_id    115 
_pdbx_refine_tls_group.end_auth_seq_id     112 
_pdbx_refine_tls_group.selection           ? 
_pdbx_refine_tls_group.beg_auth_asym_id    A 
_pdbx_refine_tls_group.end_auth_asym_id    A 
_pdbx_refine_tls_group.pdbx_refine_id      'X-RAY DIFFRACTION' 
_pdbx_refine_tls_group.selection_details   ? 
# 
loop_
_pdbx_phasing_dm_shell.d_res_low 
_pdbx_phasing_dm_shell.d_res_high 
_pdbx_phasing_dm_shell.reflns 
_pdbx_phasing_dm_shell.fom 
_pdbx_phasing_dm_shell.delta_phi_final 
100.00 5.45 502 0.718 10.4 
5.45   4.23 505 0.872 7.5  
4.23   3.66 506 0.864 11.5 
3.66   3.31 502 0.812 9.9  
3.31   3.06 504 0.795 13.4 
3.06   2.87 506 0.782 11.3 
2.87   2.72 503 0.751 8.6  
2.72   2.60 504 0.746 8.9  
2.60   2.49 509 0.772 5.8  
2.49   2.40 503 0.773 5.9  
2.40   2.32 509 0.758 5.3  
2.32   2.25 512 0.798 3.4  
2.25   2.19 505 0.777 3.4  
2.19   2.13 503 0.709 3.6  
2.13   2.08 501 0.741 3.2  
2.08   2.04 507 0.783 2.0  
2.04   1.95 974 0.655 2.2  
# 
_phasing.method   SAD 
# 
_pdbx_unobs_or_zero_occ_residues.id               1 
_pdbx_unobs_or_zero_occ_residues.PDB_model_num    1 
_pdbx_unobs_or_zero_occ_residues.polymer_flag     Y 
_pdbx_unobs_or_zero_occ_residues.occupancy_flag   1 
_pdbx_unobs_or_zero_occ_residues.auth_asym_id     A 
_pdbx_unobs_or_zero_occ_residues.auth_comp_id     SER 
_pdbx_unobs_or_zero_occ_residues.auth_seq_id      -2 
_pdbx_unobs_or_zero_occ_residues.PDB_ins_code     ? 
_pdbx_unobs_or_zero_occ_residues.label_asym_id    A 
_pdbx_unobs_or_zero_occ_residues.label_comp_id    SER 
_pdbx_unobs_or_zero_occ_residues.label_seq_id     1 
# 
loop_
_chem_comp_atom.comp_id 
_chem_comp_atom.atom_id 
_chem_comp_atom.type_symbol 
_chem_comp_atom.pdbx_aromatic_flag 
_chem_comp_atom.pdbx_stereo_config 
_chem_comp_atom.pdbx_ordinal 
ALA N    N  N N 1   
ALA CA   C  N S 2   
ALA C    C  N N 3   
ALA O    O  N N 4   
ALA CB   C  N N 5   
ALA OXT  O  N N 6   
ALA H    H  N N 7   
ALA H2   H  N N 8   
ALA HA   H  N N 9   
ALA HB1  H  N N 10  
ALA HB2  H  N N 11  
ALA HB3  H  N N 12  
ALA HXT  H  N N 13  
ARG N    N  N N 14  
ARG CA   C  N S 15  
ARG C    C  N N 16  
ARG O    O  N N 17  
ARG CB   C  N N 18  
ARG CG   C  N N 19  
ARG CD   C  N N 20  
ARG NE   N  N N 21  
ARG CZ   C  N N 22  
ARG NH1  N  N N 23  
ARG NH2  N  N N 24  
ARG OXT  O  N N 25  
ARG H    H  N N 26  
ARG H2   H  N N 27  
ARG HA   H  N N 28  
ARG HB2  H  N N 29  
ARG HB3  H  N N 30  
ARG HG2  H  N N 31  
ARG HG3  H  N N 32  
ARG HD2  H  N N 33  
ARG HD3  H  N N 34  
ARG HE   H  N N 35  
ARG HH11 H  N N 36  
ARG HH12 H  N N 37  
ARG HH21 H  N N 38  
ARG HH22 H  N N 39  
ARG HXT  H  N N 40  
ASN N    N  N N 41  
ASN CA   C  N S 42  
ASN C    C  N N 43  
ASN O    O  N N 44  
ASN CB   C  N N 45  
ASN CG   C  N N 46  
ASN OD1  O  N N 47  
ASN ND2  N  N N 48  
ASN OXT  O  N N 49  
ASN H    H  N N 50  
ASN H2   H  N N 51  
ASN HA   H  N N 52  
ASN HB2  H  N N 53  
ASN HB3  H  N N 54  
ASN HD21 H  N N 55  
ASN HD22 H  N N 56  
ASN HXT  H  N N 57  
ASP N    N  N N 58  
ASP CA   C  N S 59  
ASP C    C  N N 60  
ASP O    O  N N 61  
ASP CB   C  N N 62  
ASP CG   C  N N 63  
ASP OD1  O  N N 64  
ASP OD2  O  N N 65  
ASP OXT  O  N N 66  
ASP H    H  N N 67  
ASP H2   H  N N 68  
ASP HA   H  N N 69  
ASP HB2  H  N N 70  
ASP HB3  H  N N 71  
ASP HD2  H  N N 72  
ASP HXT  H  N N 73  
GLN N    N  N N 74  
GLN CA   C  N S 75  
GLN C    C  N N 76  
GLN O    O  N N 77  
GLN CB   C  N N 78  
GLN CG   C  N N 79  
GLN CD   C  N N 80  
GLN OE1  O  N N 81  
GLN NE2  N  N N 82  
GLN OXT  O  N N 83  
GLN H    H  N N 84  
GLN H2   H  N N 85  
GLN HA   H  N N 86  
GLN HB2  H  N N 87  
GLN HB3  H  N N 88  
GLN HG2  H  N N 89  
GLN HG3  H  N N 90  
GLN HE21 H  N N 91  
GLN HE22 H  N N 92  
GLN HXT  H  N N 93  
GLU N    N  N N 94  
GLU CA   C  N S 95  
GLU C    C  N N 96  
GLU O    O  N N 97  
GLU CB   C  N N 98  
GLU CG   C  N N 99  
GLU CD   C  N N 100 
GLU OE1  O  N N 101 
GLU OE2  O  N N 102 
GLU OXT  O  N N 103 
GLU H    H  N N 104 
GLU H2   H  N N 105 
GLU HA   H  N N 106 
GLU HB2  H  N N 107 
GLU HB3  H  N N 108 
GLU HG2  H  N N 109 
GLU HG3  H  N N 110 
GLU HE2  H  N N 111 
GLU HXT  H  N N 112 
GLY N    N  N N 113 
GLY CA   C  N N 114 
GLY C    C  N N 115 
GLY O    O  N N 116 
GLY OXT  O  N N 117 
GLY H    H  N N 118 
GLY H2   H  N N 119 
GLY HA2  H  N N 120 
GLY HA3  H  N N 121 
GLY HXT  H  N N 122 
HIS N    N  N N 123 
HIS CA   C  N S 124 
HIS C    C  N N 125 
HIS O    O  N N 126 
HIS CB   C  N N 127 
HIS CG   C  Y N 128 
HIS ND1  N  Y N 129 
HIS CD2  C  Y N 130 
HIS CE1  C  Y N 131 
HIS NE2  N  Y N 132 
HIS OXT  O  N N 133 
HIS H    H  N N 134 
HIS H2   H  N N 135 
HIS HA   H  N N 136 
HIS HB2  H  N N 137 
HIS HB3  H  N N 138 
HIS HD1  H  N N 139 
HIS HD2  H  N N 140 
HIS HE1  H  N N 141 
HIS HE2  H  N N 142 
HIS HXT  H  N N 143 
HOH O    O  N N 144 
HOH H1   H  N N 145 
HOH H2   H  N N 146 
ILE N    N  N N 147 
ILE CA   C  N S 148 
ILE C    C  N N 149 
ILE O    O  N N 150 
ILE CB   C  N S 151 
ILE CG1  C  N N 152 
ILE CG2  C  N N 153 
ILE CD1  C  N N 154 
ILE OXT  O  N N 155 
ILE H    H  N N 156 
ILE H2   H  N N 157 
ILE HA   H  N N 158 
ILE HB   H  N N 159 
ILE HG12 H  N N 160 
ILE HG13 H  N N 161 
ILE HG21 H  N N 162 
ILE HG22 H  N N 163 
ILE HG23 H  N N 164 
ILE HD11 H  N N 165 
ILE HD12 H  N N 166 
ILE HD13 H  N N 167 
ILE HXT  H  N N 168 
LEU N    N  N N 169 
LEU CA   C  N S 170 
LEU C    C  N N 171 
LEU O    O  N N 172 
LEU CB   C  N N 173 
LEU CG   C  N N 174 
LEU CD1  C  N N 175 
LEU CD2  C  N N 176 
LEU OXT  O  N N 177 
LEU H    H  N N 178 
LEU H2   H  N N 179 
LEU HA   H  N N 180 
LEU HB2  H  N N 181 
LEU HB3  H  N N 182 
LEU HG   H  N N 183 
LEU HD11 H  N N 184 
LEU HD12 H  N N 185 
LEU HD13 H  N N 186 
LEU HD21 H  N N 187 
LEU HD22 H  N N 188 
LEU HD23 H  N N 189 
LEU HXT  H  N N 190 
LYS N    N  N N 191 
LYS CA   C  N S 192 
LYS C    C  N N 193 
LYS O    O  N N 194 
LYS CB   C  N N 195 
LYS CG   C  N N 196 
LYS CD   C  N N 197 
LYS CE   C  N N 198 
LYS NZ   N  N N 199 
LYS OXT  O  N N 200 
LYS H    H  N N 201 
LYS H2   H  N N 202 
LYS HA   H  N N 203 
LYS HB2  H  N N 204 
LYS HB3  H  N N 205 
LYS HG2  H  N N 206 
LYS HG3  H  N N 207 
LYS HD2  H  N N 208 
LYS HD3  H  N N 209 
LYS HE2  H  N N 210 
LYS HE3  H  N N 211 
LYS HZ1  H  N N 212 
LYS HZ2  H  N N 213 
LYS HZ3  H  N N 214 
LYS HXT  H  N N 215 
MET N    N  N N 216 
MET CA   C  N S 217 
MET C    C  N N 218 
MET O    O  N N 219 
MET CB   C  N N 220 
MET CG   C  N N 221 
MET SD   S  N N 222 
MET CE   C  N N 223 
MET OXT  O  N N 224 
MET H    H  N N 225 
MET H2   H  N N 226 
MET HA   H  N N 227 
MET HB2  H  N N 228 
MET HB3  H  N N 229 
MET HG2  H  N N 230 
MET HG3  H  N N 231 
MET HE1  H  N N 232 
MET HE2  H  N N 233 
MET HE3  H  N N 234 
MET HXT  H  N N 235 
MSE N    N  N N 236 
MSE CA   C  N S 237 
MSE C    C  N N 238 
MSE O    O  N N 239 
MSE OXT  O  N N 240 
MSE CB   C  N N 241 
MSE CG   C  N N 242 
MSE SE   SE N N 243 
MSE CE   C  N N 244 
MSE H    H  N N 245 
MSE H2   H  N N 246 
MSE HA   H  N N 247 
MSE HXT  H  N N 248 
MSE HB2  H  N N 249 
MSE HB3  H  N N 250 
MSE HG2  H  N N 251 
MSE HG3  H  N N 252 
MSE HE1  H  N N 253 
MSE HE2  H  N N 254 
MSE HE3  H  N N 255 
PHE N    N  N N 256 
PHE CA   C  N S 257 
PHE C    C  N N 258 
PHE O    O  N N 259 
PHE CB   C  N N 260 
PHE CG   C  Y N 261 
PHE CD1  C  Y N 262 
PHE CD2  C  Y N 263 
PHE CE1  C  Y N 264 
PHE CE2  C  Y N 265 
PHE CZ   C  Y N 266 
PHE OXT  O  N N 267 
PHE H    H  N N 268 
PHE H2   H  N N 269 
PHE HA   H  N N 270 
PHE HB2  H  N N 271 
PHE HB3  H  N N 272 
PHE HD1  H  N N 273 
PHE HD2  H  N N 274 
PHE HE1  H  N N 275 
PHE HE2  H  N N 276 
PHE HZ   H  N N 277 
PHE HXT  H  N N 278 
PRO N    N  N N 279 
PRO CA   C  N S 280 
PRO C    C  N N 281 
PRO O    O  N N 282 
PRO CB   C  N N 283 
PRO CG   C  N N 284 
PRO CD   C  N N 285 
PRO OXT  O  N N 286 
PRO H    H  N N 287 
PRO HA   H  N N 288 
PRO HB2  H  N N 289 
PRO HB3  H  N N 290 
PRO HG2  H  N N 291 
PRO HG3  H  N N 292 
PRO HD2  H  N N 293 
PRO HD3  H  N N 294 
PRO HXT  H  N N 295 
SER N    N  N N 296 
SER CA   C  N S 297 
SER C    C  N N 298 
SER O    O  N N 299 
SER CB   C  N N 300 
SER OG   O  N N 301 
SER OXT  O  N N 302 
SER H    H  N N 303 
SER H2   H  N N 304 
SER HA   H  N N 305 
SER HB2  H  N N 306 
SER HB3  H  N N 307 
SER HG   H  N N 308 
SER HXT  H  N N 309 
THR N    N  N N 310 
THR CA   C  N S 311 
THR C    C  N N 312 
THR O    O  N N 313 
THR CB   C  N R 314 
THR OG1  O  N N 315 
THR CG2  C  N N 316 
THR OXT  O  N N 317 
THR H    H  N N 318 
THR H2   H  N N 319 
THR HA   H  N N 320 
THR HB   H  N N 321 
THR HG1  H  N N 322 
THR HG21 H  N N 323 
THR HG22 H  N N 324 
THR HG23 H  N N 325 
THR HXT  H  N N 326 
TYR N    N  N N 327 
TYR CA   C  N S 328 
TYR C    C  N N 329 
TYR O    O  N N 330 
TYR CB   C  N N 331 
TYR CG   C  Y N 332 
TYR CD1  C  Y N 333 
TYR CD2  C  Y N 334 
TYR CE1  C  Y N 335 
TYR CE2  C  Y N 336 
TYR CZ   C  Y N 337 
TYR OH   O  N N 338 
TYR OXT  O  N N 339 
TYR H    H  N N 340 
TYR H2   H  N N 341 
TYR HA   H  N N 342 
TYR HB2  H  N N 343 
TYR HB3  H  N N 344 
TYR HD1  H  N N 345 
TYR HD2  H  N N 346 
TYR HE1  H  N N 347 
TYR HE2  H  N N 348 
TYR HH   H  N N 349 
TYR HXT  H  N N 350 
VAL N    N  N N 351 
VAL CA   C  N S 352 
VAL C    C  N N 353 
VAL O    O  N N 354 
VAL CB   C  N N 355 
VAL CG1  C  N N 356 
VAL CG2  C  N N 357 
VAL OXT  O  N N 358 
VAL H    H  N N 359 
VAL H2   H  N N 360 
VAL HA   H  N N 361 
VAL HB   H  N N 362 
VAL HG11 H  N N 363 
VAL HG12 H  N N 364 
VAL HG13 H  N N 365 
VAL HG21 H  N N 366 
VAL HG22 H  N N 367 
VAL HG23 H  N N 368 
VAL HXT  H  N N 369 
# 
loop_
_chem_comp_bond.comp_id 
_chem_comp_bond.atom_id_1 
_chem_comp_bond.atom_id_2 
_chem_comp_bond.value_order 
_chem_comp_bond.pdbx_aromatic_flag 
_chem_comp_bond.pdbx_stereo_config 
_chem_comp_bond.pdbx_ordinal 
ALA N   CA   sing N N 1   
ALA N   H    sing N N 2   
ALA N   H2   sing N N 3   
ALA CA  C    sing N N 4   
ALA CA  CB   sing N N 5   
ALA CA  HA   sing N N 6   
ALA C   O    doub N N 7   
ALA C   OXT  sing N N 8   
ALA CB  HB1  sing N N 9   
ALA CB  HB2  sing N N 10  
ALA CB  HB3  sing N N 11  
ALA OXT HXT  sing N N 12  
ARG N   CA   sing N N 13  
ARG N   H    sing N N 14  
ARG N   H2   sing N N 15  
ARG CA  C    sing N N 16  
ARG CA  CB   sing N N 17  
ARG CA  HA   sing N N 18  
ARG C   O    doub N N 19  
ARG C   OXT  sing N N 20  
ARG CB  CG   sing N N 21  
ARG CB  HB2  sing N N 22  
ARG CB  HB3  sing N N 23  
ARG CG  CD   sing N N 24  
ARG CG  HG2  sing N N 25  
ARG CG  HG3  sing N N 26  
ARG CD  NE   sing N N 27  
ARG CD  HD2  sing N N 28  
ARG CD  HD3  sing N N 29  
ARG NE  CZ   sing N N 30  
ARG NE  HE   sing N N 31  
ARG CZ  NH1  sing N N 32  
ARG CZ  NH2  doub N N 33  
ARG NH1 HH11 sing N N 34  
ARG NH1 HH12 sing N N 35  
ARG NH2 HH21 sing N N 36  
ARG NH2 HH22 sing N N 37  
ARG OXT HXT  sing N N 38  
ASN N   CA   sing N N 39  
ASN N   H    sing N N 40  
ASN N   H2   sing N N 41  
ASN CA  C    sing N N 42  
ASN CA  CB   sing N N 43  
ASN CA  HA   sing N N 44  
ASN C   O    doub N N 45  
ASN C   OXT  sing N N 46  
ASN CB  CG   sing N N 47  
ASN CB  HB2  sing N N 48  
ASN CB  HB3  sing N N 49  
ASN CG  OD1  doub N N 50  
ASN CG  ND2  sing N N 51  
ASN ND2 HD21 sing N N 52  
ASN ND2 HD22 sing N N 53  
ASN OXT HXT  sing N N 54  
ASP N   CA   sing N N 55  
ASP N   H    sing N N 56  
ASP N   H2   sing N N 57  
ASP CA  C    sing N N 58  
ASP CA  CB   sing N N 59  
ASP CA  HA   sing N N 60  
ASP C   O    doub N N 61  
ASP C   OXT  sing N N 62  
ASP CB  CG   sing N N 63  
ASP CB  HB2  sing N N 64  
ASP CB  HB3  sing N N 65  
ASP CG  OD1  doub N N 66  
ASP CG  OD2  sing N N 67  
ASP OD2 HD2  sing N N 68  
ASP OXT HXT  sing N N 69  
GLN N   CA   sing N N 70  
GLN N   H    sing N N 71  
GLN N   H2   sing N N 72  
GLN CA  C    sing N N 73  
GLN CA  CB   sing N N 74  
GLN CA  HA   sing N N 75  
GLN C   O    doub N N 76  
GLN C   OXT  sing N N 77  
GLN CB  CG   sing N N 78  
GLN CB  HB2  sing N N 79  
GLN CB  HB3  sing N N 80  
GLN CG  CD   sing N N 81  
GLN CG  HG2  sing N N 82  
GLN CG  HG3  sing N N 83  
GLN CD  OE1  doub N N 84  
GLN CD  NE2  sing N N 85  
GLN NE2 HE21 sing N N 86  
GLN NE2 HE22 sing N N 87  
GLN OXT HXT  sing N N 88  
GLU N   CA   sing N N 89  
GLU N   H    sing N N 90  
GLU N   H2   sing N N 91  
GLU CA  C    sing N N 92  
GLU CA  CB   sing N N 93  
GLU CA  HA   sing N N 94  
GLU C   O    doub N N 95  
GLU C   OXT  sing N N 96  
GLU CB  CG   sing N N 97  
GLU CB  HB2  sing N N 98  
GLU CB  HB3  sing N N 99  
GLU CG  CD   sing N N 100 
GLU CG  HG2  sing N N 101 
GLU CG  HG3  sing N N 102 
GLU CD  OE1  doub N N 103 
GLU CD  OE2  sing N N 104 
GLU OE2 HE2  sing N N 105 
GLU OXT HXT  sing N N 106 
GLY N   CA   sing N N 107 
GLY N   H    sing N N 108 
GLY N   H2   sing N N 109 
GLY CA  C    sing N N 110 
GLY CA  HA2  sing N N 111 
GLY CA  HA3  sing N N 112 
GLY C   O    doub N N 113 
GLY C   OXT  sing N N 114 
GLY OXT HXT  sing N N 115 
HIS N   CA   sing N N 116 
HIS N   H    sing N N 117 
HIS N   H2   sing N N 118 
HIS CA  C    sing N N 119 
HIS CA  CB   sing N N 120 
HIS CA  HA   sing N N 121 
HIS C   O    doub N N 122 
HIS C   OXT  sing N N 123 
HIS CB  CG   sing N N 124 
HIS CB  HB2  sing N N 125 
HIS CB  HB3  sing N N 126 
HIS CG  ND1  sing Y N 127 
HIS CG  CD2  doub Y N 128 
HIS ND1 CE1  doub Y N 129 
HIS ND1 HD1  sing N N 130 
HIS CD2 NE2  sing Y N 131 
HIS CD2 HD2  sing N N 132 
HIS CE1 NE2  sing Y N 133 
HIS CE1 HE1  sing N N 134 
HIS NE2 HE2  sing N N 135 
HIS OXT HXT  sing N N 136 
HOH O   H1   sing N N 137 
HOH O   H2   sing N N 138 
ILE N   CA   sing N N 139 
ILE N   H    sing N N 140 
ILE N   H2   sing N N 141 
ILE CA  C    sing N N 142 
ILE CA  CB   sing N N 143 
ILE CA  HA   sing N N 144 
ILE C   O    doub N N 145 
ILE C   OXT  sing N N 146 
ILE CB  CG1  sing N N 147 
ILE CB  CG2  sing N N 148 
ILE CB  HB   sing N N 149 
ILE CG1 CD1  sing N N 150 
ILE CG1 HG12 sing N N 151 
ILE CG1 HG13 sing N N 152 
ILE CG2 HG21 sing N N 153 
ILE CG2 HG22 sing N N 154 
ILE CG2 HG23 sing N N 155 
ILE CD1 HD11 sing N N 156 
ILE CD1 HD12 sing N N 157 
ILE CD1 HD13 sing N N 158 
ILE OXT HXT  sing N N 159 
LEU N   CA   sing N N 160 
LEU N   H    sing N N 161 
LEU N   H2   sing N N 162 
LEU CA  C    sing N N 163 
LEU CA  CB   sing N N 164 
LEU CA  HA   sing N N 165 
LEU C   O    doub N N 166 
LEU C   OXT  sing N N 167 
LEU CB  CG   sing N N 168 
LEU CB  HB2  sing N N 169 
LEU CB  HB3  sing N N 170 
LEU CG  CD1  sing N N 171 
LEU CG  CD2  sing N N 172 
LEU CG  HG   sing N N 173 
LEU CD1 HD11 sing N N 174 
LEU CD1 HD12 sing N N 175 
LEU CD1 HD13 sing N N 176 
LEU CD2 HD21 sing N N 177 
LEU CD2 HD22 sing N N 178 
LEU CD2 HD23 sing N N 179 
LEU OXT HXT  sing N N 180 
LYS N   CA   sing N N 181 
LYS N   H    sing N N 182 
LYS N   H2   sing N N 183 
LYS CA  C    sing N N 184 
LYS CA  CB   sing N N 185 
LYS CA  HA   sing N N 186 
LYS C   O    doub N N 187 
LYS C   OXT  sing N N 188 
LYS CB  CG   sing N N 189 
LYS CB  HB2  sing N N 190 
LYS CB  HB3  sing N N 191 
LYS CG  CD   sing N N 192 
LYS CG  HG2  sing N N 193 
LYS CG  HG3  sing N N 194 
LYS CD  CE   sing N N 195 
LYS CD  HD2  sing N N 196 
LYS CD  HD3  sing N N 197 
LYS CE  NZ   sing N N 198 
LYS CE  HE2  sing N N 199 
LYS CE  HE3  sing N N 200 
LYS NZ  HZ1  sing N N 201 
LYS NZ  HZ2  sing N N 202 
LYS NZ  HZ3  sing N N 203 
LYS OXT HXT  sing N N 204 
MET N   CA   sing N N 205 
MET N   H    sing N N 206 
MET N   H2   sing N N 207 
MET CA  C    sing N N 208 
MET CA  CB   sing N N 209 
MET CA  HA   sing N N 210 
MET C   O    doub N N 211 
MET C   OXT  sing N N 212 
MET CB  CG   sing N N 213 
MET CB  HB2  sing N N 214 
MET CB  HB3  sing N N 215 
MET CG  SD   sing N N 216 
MET CG  HG2  sing N N 217 
MET CG  HG3  sing N N 218 
MET SD  CE   sing N N 219 
MET CE  HE1  sing N N 220 
MET CE  HE2  sing N N 221 
MET CE  HE3  sing N N 222 
MET OXT HXT  sing N N 223 
MSE N   CA   sing N N 224 
MSE N   H    sing N N 225 
MSE N   H2   sing N N 226 
MSE CA  C    sing N N 227 
MSE CA  CB   sing N N 228 
MSE CA  HA   sing N N 229 
MSE C   O    doub N N 230 
MSE C   OXT  sing N N 231 
MSE OXT HXT  sing N N 232 
MSE CB  CG   sing N N 233 
MSE CB  HB2  sing N N 234 
MSE CB  HB3  sing N N 235 
MSE CG  SE   sing N N 236 
MSE CG  HG2  sing N N 237 
MSE CG  HG3  sing N N 238 
MSE SE  CE   sing N N 239 
MSE CE  HE1  sing N N 240 
MSE CE  HE2  sing N N 241 
MSE CE  HE3  sing N N 242 
PHE N   CA   sing N N 243 
PHE N   H    sing N N 244 
PHE N   H2   sing N N 245 
PHE CA  C    sing N N 246 
PHE CA  CB   sing N N 247 
PHE CA  HA   sing N N 248 
PHE C   O    doub N N 249 
PHE C   OXT  sing N N 250 
PHE CB  CG   sing N N 251 
PHE CB  HB2  sing N N 252 
PHE CB  HB3  sing N N 253 
PHE CG  CD1  doub Y N 254 
PHE CG  CD2  sing Y N 255 
PHE CD1 CE1  sing Y N 256 
PHE CD1 HD1  sing N N 257 
PHE CD2 CE2  doub Y N 258 
PHE CD2 HD2  sing N N 259 
PHE CE1 CZ   doub Y N 260 
PHE CE1 HE1  sing N N 261 
PHE CE2 CZ   sing Y N 262 
PHE CE2 HE2  sing N N 263 
PHE CZ  HZ   sing N N 264 
PHE OXT HXT  sing N N 265 
PRO N   CA   sing N N 266 
PRO N   CD   sing N N 267 
PRO N   H    sing N N 268 
PRO CA  C    sing N N 269 
PRO CA  CB   sing N N 270 
PRO CA  HA   sing N N 271 
PRO C   O    doub N N 272 
PRO C   OXT  sing N N 273 
PRO CB  CG   sing N N 274 
PRO CB  HB2  sing N N 275 
PRO CB  HB3  sing N N 276 
PRO CG  CD   sing N N 277 
PRO CG  HG2  sing N N 278 
PRO CG  HG3  sing N N 279 
PRO CD  HD2  sing N N 280 
PRO CD  HD3  sing N N 281 
PRO OXT HXT  sing N N 282 
SER N   CA   sing N N 283 
SER N   H    sing N N 284 
SER N   H2   sing N N 285 
SER CA  C    sing N N 286 
SER CA  CB   sing N N 287 
SER CA  HA   sing N N 288 
SER C   O    doub N N 289 
SER C   OXT  sing N N 290 
SER CB  OG   sing N N 291 
SER CB  HB2  sing N N 292 
SER CB  HB3  sing N N 293 
SER OG  HG   sing N N 294 
SER OXT HXT  sing N N 295 
THR N   CA   sing N N 296 
THR N   H    sing N N 297 
THR N   H2   sing N N 298 
THR CA  C    sing N N 299 
THR CA  CB   sing N N 300 
THR CA  HA   sing N N 301 
THR C   O    doub N N 302 
THR C   OXT  sing N N 303 
THR CB  OG1  sing N N 304 
THR CB  CG2  sing N N 305 
THR CB  HB   sing N N 306 
THR OG1 HG1  sing N N 307 
THR CG2 HG21 sing N N 308 
THR CG2 HG22 sing N N 309 
THR CG2 HG23 sing N N 310 
THR OXT HXT  sing N N 311 
TYR N   CA   sing N N 312 
TYR N   H    sing N N 313 
TYR N   H2   sing N N 314 
TYR CA  C    sing N N 315 
TYR CA  CB   sing N N 316 
TYR CA  HA   sing N N 317 
TYR C   O    doub N N 318 
TYR C   OXT  sing N N 319 
TYR CB  CG   sing N N 320 
TYR CB  HB2  sing N N 321 
TYR CB  HB3  sing N N 322 
TYR CG  CD1  doub Y N 323 
TYR CG  CD2  sing Y N 324 
TYR CD1 CE1  sing Y N 325 
TYR CD1 HD1  sing N N 326 
TYR CD2 CE2  doub Y N 327 
TYR CD2 HD2  sing N N 328 
TYR CE1 CZ   doub Y N 329 
TYR CE1 HE1  sing N N 330 
TYR CE2 CZ   sing Y N 331 
TYR CE2 HE2  sing N N 332 
TYR CZ  OH   sing N N 333 
TYR OH  HH   sing N N 334 
TYR OXT HXT  sing N N 335 
VAL N   CA   sing N N 336 
VAL N   H    sing N N 337 
VAL N   H2   sing N N 338 
VAL CA  C    sing N N 339 
VAL CA  CB   sing N N 340 
VAL CA  HA   sing N N 341 
VAL C   O    doub N N 342 
VAL C   OXT  sing N N 343 
VAL CB  CG1  sing N N 344 
VAL CB  CG2  sing N N 345 
VAL CB  HB   sing N N 346 
VAL CG1 HG11 sing N N 347 
VAL CG1 HG12 sing N N 348 
VAL CG1 HG13 sing N N 349 
VAL CG2 HG21 sing N N 350 
VAL CG2 HG22 sing N N 351 
VAL CG2 HG23 sing N N 352 
VAL OXT HXT  sing N N 353 
# 
_atom_sites.entry_id                    1YHF 
_atom_sites.fract_transf_matrix[1][1]   0.02279080 
_atom_sites.fract_transf_matrix[1][2]   0.00208933 
_atom_sites.fract_transf_matrix[1][3]   0.01030651 
_atom_sites.fract_transf_matrix[2][1]   0.00083707 
_atom_sites.fract_transf_matrix[2][2]   0.02416114 
_atom_sites.fract_transf_matrix[2][3]   -0.00674896 
_atom_sites.fract_transf_matrix[3][1]   -0.00288172 
_atom_sites.fract_transf_matrix[3][2]   0.00177909 
_atom_sites.fract_transf_matrix[3][3]   0.00601170 
_atom_sites.fract_transf_vector[1]      0.564646 
_atom_sites.fract_transf_vector[2]      0.375939 
_atom_sites.fract_transf_vector[3]      0.187805 
# 
loop_
_atom_type.symbol 
C  
N  
O  
SE 
# 
loop_
_atom_site.group_PDB 
_atom_site.id 
_atom_site.type_symbol 
_atom_site.label_atom_id 
_atom_site.label_alt_id 
_atom_site.label_comp_id 
_atom_site.label_asym_id 
_atom_site.label_entity_id 
_atom_site.label_seq_id 
_atom_site.pdbx_PDB_ins_code 
_atom_site.Cartn_x 
_atom_site.Cartn_y 
_atom_site.Cartn_z 
_atom_site.occupancy 
_atom_site.B_iso_or_equiv 
_atom_site.pdbx_formal_charge 
_atom_site.auth_seq_id 
_atom_site.auth_comp_id 
_atom_site.auth_asym_id 
_atom_site.auth_atom_id 
_atom_site.pdbx_PDB_model_num 
ATOM   1   N  N   . ASN A 1 2   ? 13.062  21.275  -16.131 1.00 43.32 ? -1  ASN A N   1 
ATOM   2   C  CA  . ASN A 1 2   ? 12.209  20.079  -15.838 1.00 42.95 ? -1  ASN A CA  1 
ATOM   3   C  C   . ASN A 1 2   ? 11.387  20.279  -14.561 1.00 42.15 ? -1  ASN A C   1 
ATOM   4   O  O   . ASN A 1 2   ? 11.555  19.539  -13.588 1.00 42.23 ? -1  ASN A O   1 
ATOM   5   C  CB  . ASN A 1 2   ? 13.082  18.825  -15.707 1.00 43.75 ? -1  ASN A CB  1 
ATOM   6   C  CG  . ASN A 1 2   ? 13.870  18.505  -16.985 1.00 45.68 ? -1  ASN A CG  1 
ATOM   7   O  OD1 . ASN A 1 2   ? 13.286  18.185  -18.035 1.00 48.68 ? -1  ASN A OD1 1 
ATOM   8   N  ND2 . ASN A 1 2   ? 15.202  18.559  -16.890 1.00 45.83 ? -1  ASN A ND2 1 
ATOM   9   N  N   . ALA A 1 3   ? 10.493  21.272  -14.568 1.00 40.53 ? 0   ALA A N   1 
ATOM   10  C  CA  . ALA A 1 3   ? 9.783   21.681  -13.338 1.00 39.31 ? 0   ALA A CA  1 
ATOM   11  C  C   . ALA A 1 3   ? 8.541   20.850  -12.971 1.00 37.97 ? 0   ALA A C   1 
ATOM   12  O  O   . ALA A 1 3   ? 7.991   21.020  -11.878 1.00 38.19 ? 0   ALA A O   1 
ATOM   13  C  CB  . ALA A 1 3   ? 9.444   23.169  -13.371 1.00 38.71 ? 0   ALA A CB  1 
HETATM 14  N  N   . MSE A 1 4   ? 8.104   19.964  -13.865 1.00 35.94 ? 1   MSE A N   1 
HETATM 15  C  CA  . MSE A 1 4   ? 6.954   19.111  -13.585 1.00 34.84 ? 1   MSE A CA  1 
HETATM 16  C  C   . MSE A 1 4   ? 7.403   17.771  -13.021 1.00 33.54 ? 1   MSE A C   1 
HETATM 17  O  O   . MSE A 1 4   ? 8.320   17.129  -13.538 1.00 33.20 ? 1   MSE A O   1 
HETATM 18  C  CB  . MSE A 1 4   ? 6.085   18.857  -14.831 1.00 34.83 ? 1   MSE A CB  1 
HETATM 19  C  CG  . MSE A 1 4   ? 5.671   20.065  -15.640 1.00 37.12 ? 1   MSE A CG  1 
HETATM 20  SE SE  . MSE A 1 4   ? 4.551   21.401  -14.758 0.92 39.67 ? 1   MSE A SE  1 
HETATM 21  C  CE  . MSE A 1 4   ? 3.372   20.163  -13.692 1.00 39.82 ? 1   MSE A CE  1 
ATOM   22  N  N   . SER A 1 5   ? 6.730   17.338  -11.965 1.00 32.29 ? 2   SER A N   1 
ATOM   23  C  CA  . SER A 1 5   ? 7.034   16.064  -11.349 1.00 31.31 ? 2   SER A CA  1 
ATOM   24  C  C   . SER A 1 5   ? 5.708   15.341  -11.224 1.00 30.40 ? 2   SER A C   1 
ATOM   25  O  O   . SER A 1 5   ? 4.690   15.973  -10.953 1.00 28.59 ? 2   SER A O   1 
ATOM   26  C  CB  . SER A 1 5   ? 7.704   16.276  -9.978  1.00 31.91 ? 2   SER A CB  1 
ATOM   27  O  OG  . SER A 1 5   ? 7.743   15.063  -9.240  1.00 34.73 ? 2   SER A OG  1 
ATOM   28  N  N   . TYR A 1 6   ? 5.733   14.020  -11.428 1.00 28.66 ? 3   TYR A N   1 
ATOM   29  C  CA  . TYR A 1 6   ? 4.524   13.207  -11.490 1.00 28.27 ? 3   TYR A CA  1 
ATOM   30  C  C   . TYR A 1 6   ? 4.560   12.129  -10.411 1.00 27.58 ? 3   TYR A C   1 
ATOM   31  O  O   . TYR A 1 6   ? 3.532   11.711  -9.915  1.00 27.33 ? 3   TYR A O   1 
ATOM   32  C  CB  . TYR A 1 6   ? 4.367   12.594  -12.899 1.00 28.39 ? 3   TYR A CB  1 
ATOM   33  C  CG  . TYR A 1 6   ? 4.405   13.660  -13.958 1.00 29.23 ? 3   TYR A CG  1 
ATOM   34  C  CD1 . TYR A 1 6   ? 3.337   14.545  -14.108 1.00 29.27 ? 3   TYR A CD1 1 
ATOM   35  C  CD2 . TYR A 1 6   ? 5.533   13.838  -14.757 1.00 28.66 ? 3   TYR A CD2 1 
ATOM   36  C  CE1 . TYR A 1 6   ? 3.368   15.550  -15.040 1.00 30.31 ? 3   TYR A CE1 1 
ATOM   37  C  CE2 . TYR A 1 6   ? 5.576   14.853  -15.706 1.00 30.66 ? 3   TYR A CE2 1 
ATOM   38  C  CZ  . TYR A 1 6   ? 4.486   15.700  -15.839 1.00 30.37 ? 3   TYR A CZ  1 
ATOM   39  O  OH  . TYR A 1 6   ? 4.501   16.715  -16.766 1.00 31.27 ? 3   TYR A OH  1 
ATOM   40  N  N   . ILE A 1 7   ? 5.769   11.723  -10.047 1.00 27.17 ? 4   ILE A N   1 
ATOM   41  C  CA  . ILE A 1 7   ? 5.993   10.819  -8.923  1.00 28.03 ? 4   ILE A CA  1 
ATOM   42  C  C   . ILE A 1 7   ? 6.666   11.667  -7.853  1.00 28.11 ? 4   ILE A C   1 
ATOM   43  O  O   . ILE A 1 7   ? 7.817   12.091  -8.006  1.00 27.46 ? 4   ILE A O   1 
ATOM   44  C  CB  . ILE A 1 7   ? 6.835   9.570   -9.334  1.00 27.62 ? 4   ILE A CB  1 
ATOM   45  C  CG1 . ILE A 1 7   ? 6.024   8.687   -10.281 1.00 27.29 ? 4   ILE A CG1 1 
ATOM   46  C  CG2 . ILE A 1 7   ? 7.313   8.782   -8.096  1.00 29.05 ? 4   ILE A CG2 1 
ATOM   47  C  CD1 . ILE A 1 7   ? 6.780   7.472   -10.829 1.00 27.67 ? 4   ILE A CD1 1 
ATOM   48  N  N   . ASN A 1 8   ? 5.900   11.941  -6.795  1.00 28.55 ? 5   ASN A N   1 
ATOM   49  C  CA  . ASN A 1 8   ? 6.236   12.946  -5.776  1.00 28.25 ? 5   ASN A CA  1 
ATOM   50  C  C   . ASN A 1 8   ? 6.654   12.336  -4.455  1.00 28.11 ? 5   ASN A C   1 
ATOM   51  O  O   . ASN A 1 8   ? 6.498   11.128  -4.257  1.00 27.13 ? 5   ASN A O   1 
ATOM   52  C  CB  . ASN A 1 8   ? 5.049   13.890  -5.587  1.00 28.66 ? 5   ASN A CB  1 
ATOM   53  C  CG  . ASN A 1 8   ? 4.694   14.621  -6.868  1.00 31.20 ? 5   ASN A CG  1 
ATOM   54  O  OD1 . ASN A 1 8   ? 3.531   14.728  -7.246  1.00 36.65 ? 5   ASN A OD1 1 
ATOM   55  N  ND2 . ASN A 1 8   ? 5.701   15.092  -7.555  1.00 29.94 ? 5   ASN A ND2 1 
ATOM   56  N  N   . ASN A 1 9   ? 7.240   13.161  -3.582  1.00 28.09 ? 6   ASN A N   1 
ATOM   57  C  CA  . ASN A 1 9   ? 7.563   12.766  -2.196  1.00 28.50 ? 6   ASN A CA  1 
ATOM   58  C  C   . ASN A 1 9   ? 8.600   11.659  -2.097  1.00 29.13 ? 6   ASN A C   1 
ATOM   59  O  O   . ASN A 1 9   ? 8.616   10.882  -1.129  1.00 28.65 ? 6   ASN A O   1 
ATOM   60  C  CB  . ASN A 1 9   ? 6.281   12.374  -1.413  1.00 28.02 ? 6   ASN A CB  1 
ATOM   61  C  CG  . ASN A 1 9   ? 5.324   13.545  -1.242  1.00 28.26 ? 6   ASN A CG  1 
ATOM   62  O  OD1 . ASN A 1 9   ? 4.112   13.439  -1.499  1.00 31.35 ? 6   ASN A OD1 1 
ATOM   63  N  ND2 . ASN A 1 9   ? 5.858   14.663  -0.834  1.00 24.73 ? 6   ASN A ND2 1 
ATOM   64  N  N   . ILE A 1 10  ? 9.460   11.611  -3.115  1.00 29.39 ? 7   ILE A N   1 
ATOM   65  C  CA  . ILE A 1 10  ? 10.525  10.637  -3.231  1.00 29.94 ? 7   ILE A CA  1 
ATOM   66  C  C   . ILE A 1 10  ? 11.572  11.197  -4.187  1.00 29.70 ? 7   ILE A C   1 
ATOM   67  O  O   . ILE A 1 10  ? 11.240  11.793  -5.198  1.00 29.87 ? 7   ILE A O   1 
ATOM   68  C  CB  . ILE A 1 10  ? 9.974   9.240   -3.697  1.00 30.65 ? 7   ILE A CB  1 
ATOM   69  C  CG1 . ILE A 1 10  ? 10.968  8.117   -3.442  1.00 30.68 ? 7   ILE A CG1 1 
ATOM   70  C  CG2 . ILE A 1 10  ? 9.443   9.253   -5.142  1.00 30.49 ? 7   ILE A CG2 1 
ATOM   71  C  CD1 . ILE A 1 10  ? 10.334  6.716   -3.663  1.00 30.51 ? 7   ILE A CD1 1 
ATOM   72  N  N   . GLU A 1 11  ? 12.840  11.029  -3.840  1.00 29.35 ? 8   GLU A N   1 
ATOM   73  C  CA  . GLU A 1 11  ? 13.938  11.539  -4.651  1.00 29.12 ? 8   GLU A CA  1 
ATOM   74  C  C   . GLU A 1 11  ? 14.021  10.860  -5.988  1.00 28.65 ? 8   GLU A C   1 
ATOM   75  O  O   . GLU A 1 11  ? 13.790  9.656   -6.096  1.00 28.68 ? 8   GLU A O   1 
ATOM   76  C  CB  . GLU A 1 11  ? 15.262  11.356  -3.931  1.00 29.05 ? 8   GLU A CB  1 
ATOM   77  C  CG  . GLU A 1 11  ? 15.159  11.697  -2.475  1.00 33.52 ? 8   GLU A CG  1 
ATOM   78  C  CD  . GLU A 1 11  ? 16.376  11.245  -1.698  1.00 38.89 ? 8   GLU A CD  1 
ATOM   79  O  OE1 . GLU A 1 11  ? 16.252  10.278  -0.892  1.00 40.63 ? 8   GLU A OE1 1 
ATOM   80  O  OE2 . GLU A 1 11  ? 17.449  11.848  -1.931  1.00 40.63 ? 8   GLU A OE2 1 
ATOM   81  N  N   . HIS A 1 12  ? 14.364  11.649  -6.991  1.00 27.85 ? 9   HIS A N   1 
ATOM   82  C  CA  . HIS A 1 12  ? 14.517  11.175  -8.347  1.00 28.30 ? 9   HIS A CA  1 
ATOM   83  C  C   . HIS A 1 12  ? 15.985  10.917  -8.609  1.00 27.84 ? 9   HIS A C   1 
ATOM   84  O  O   . HIS A 1 12  ? 16.840  11.460  -7.906  1.00 27.02 ? 9   HIS A O   1 
ATOM   85  C  CB  . HIS A 1 12  ? 13.969  12.227  -9.306  1.00 28.36 ? 9   HIS A CB  1 
ATOM   86  C  CG  . HIS A 1 12  ? 12.470  12.341  -9.273  1.00 30.82 ? 9   HIS A CG  1 
ATOM   87  N  ND1 . HIS A 1 12  ? 11.752  13.003  -10.249 1.00 31.91 ? 9   HIS A ND1 1 
ATOM   88  C  CD2 . HIS A 1 12  ? 11.556  11.859  -8.397  1.00 31.40 ? 9   HIS A CD2 1 
ATOM   89  C  CE1 . HIS A 1 12  ? 10.462  12.936  -9.966  1.00 33.02 ? 9   HIS A CE1 1 
ATOM   90  N  NE2 . HIS A 1 12  ? 10.316  12.249  -8.846  1.00 33.43 ? 9   HIS A NE2 1 
ATOM   91  N  N   . ALA A 1 13  ? 16.279  10.062  -9.592  1.00 27.64 ? 10  ALA A N   1 
ATOM   92  C  CA  . ALA A 1 13  ? 17.676  9.803   -10.001 1.00 28.16 ? 10  ALA A CA  1 
ATOM   93  C  C   . ALA A 1 13  ? 18.574  9.391   -8.821  1.00 28.16 ? 10  ALA A C   1 
ATOM   94  O  O   . ALA A 1 13  ? 19.753  9.772   -8.735  1.00 28.15 ? 10  ALA A O   1 
ATOM   95  C  CB  . ALA A 1 13  ? 18.258  11.029  -10.753 1.00 27.81 ? 10  ALA A CB  1 
ATOM   96  N  N   . LYS A 1 14  ? 18.014  8.601   -7.903  1.00 28.69 ? 11  LYS A N   1 
ATOM   97  C  CA  . LYS A 1 14  ? 18.776  8.107   -6.760  1.00 28.24 ? 11  LYS A CA  1 
ATOM   98  C  C   . LYS A 1 14  ? 18.401  6.669   -6.461  1.00 27.76 ? 11  LYS A C   1 
ATOM   99  O  O   . LYS A 1 14  ? 17.217  6.343   -6.434  1.00 27.02 ? 11  LYS A O   1 
ATOM   100 C  CB  . LYS A 1 14  ? 18.497  8.970   -5.527  1.00 28.45 ? 11  LYS A CB  1 
ATOM   101 C  CG  . LYS A 1 14  ? 19.407  8.657   -4.382  1.00 29.12 ? 11  LYS A CG  1 
ATOM   102 C  CD  . LYS A 1 14  ? 19.169  9.589   -3.232  1.00 33.85 ? 11  LYS A CD  1 
ATOM   103 C  CE  . LYS A 1 14  ? 20.161  9.357   -2.098  1.00 35.57 ? 11  LYS A CE  1 
ATOM   104 N  NZ  . LYS A 1 14  ? 19.453  9.558   -0.797  1.00 38.29 ? 11  LYS A NZ  1 
ATOM   105 N  N   . VAL A 1 15  ? 19.394  5.803   -6.238  1.00 26.86 ? 12  VAL A N   1 
ATOM   106 C  CA  . VAL A 1 15  ? 19.073  4.415   -5.872  1.00 25.94 ? 12  VAL A CA  1 
ATOM   107 C  C   . VAL A 1 15  ? 18.568  4.385   -4.420  1.00 26.41 ? 12  VAL A C   1 
ATOM   108 O  O   . VAL A 1 15  ? 19.258  4.843   -3.495  1.00 25.86 ? 12  VAL A O   1 
ATOM   109 C  CB  . VAL A 1 15  ? 20.255  3.430   -6.045  1.00 25.58 ? 12  VAL A CB  1 
ATOM   110 C  CG1 . VAL A 1 15  ? 19.812  2.025   -5.650  1.00 24.44 ? 12  VAL A CG1 1 
ATOM   111 C  CG2 . VAL A 1 15  ? 20.776  3.416   -7.487  1.00 23.50 ? 12  VAL A CG2 1 
ATOM   112 N  N   . LEU A 1 16  ? 17.365  3.847   -4.248  1.00 26.26 ? 13  LEU A N   1 
ATOM   113 C  CA  . LEU A 1 16  ? 16.657  3.864   -2.966  1.00 27.44 ? 13  LEU A CA  1 
ATOM   114 C  C   . LEU A 1 16  ? 16.236  2.450   -2.587  1.00 27.48 ? 13  LEU A C   1 
ATOM   115 O  O   . LEU A 1 16  ? 16.198  1.549   -3.437  1.00 26.92 ? 13  LEU A O   1 
ATOM   116 C  CB  . LEU A 1 16  ? 15.392  4.726   -3.051  1.00 28.31 ? 13  LEU A CB  1 
ATOM   117 C  CG  . LEU A 1 16  ? 15.477  6.149   -3.602  1.00 29.86 ? 13  LEU A CG  1 
ATOM   118 C  CD1 . LEU A 1 16  ? 14.103  6.646   -3.959  1.00 30.62 ? 13  LEU A CD1 1 
ATOM   119 C  CD2 . LEU A 1 16  ? 16.151  7.053   -2.594  1.00 32.95 ? 13  LEU A CD2 1 
ATOM   120 N  N   . ASP A 1 17  ? 15.947  2.285   -1.300  1.00 27.14 ? 14  ASP A N   1 
ATOM   121 C  CA  . ASP A 1 17  ? 15.306  1.099   -0.762  1.00 27.84 ? 14  ASP A CA  1 
ATOM   122 C  C   . ASP A 1 17  ? 13.986  1.577   -0.171  1.00 27.82 ? 14  ASP A C   1 
ATOM   123 O  O   . ASP A 1 17  ? 13.984  2.313   0.826   1.00 27.44 ? 14  ASP A O   1 
ATOM   124 C  CB  . ASP A 1 17  ? 16.210  0.496   0.309   1.00 28.18 ? 14  ASP A CB  1 
ATOM   125 C  CG  . ASP A 1 17  ? 15.597  -0.688  1.015   1.00 30.00 ? 14  ASP A CG  1 
ATOM   126 O  OD1 . ASP A 1 17  ? 14.398  -1.011  0.821   1.00 30.70 ? 14  ASP A OD1 1 
ATOM   127 O  OD2 . ASP A 1 17  ? 16.345  -1.304  1.790   1.00 31.15 ? 14  ASP A OD2 1 
ATOM   128 N  N   . LEU A 1 18  ? 12.866  1.178   -0.786  1.00 27.58 ? 15  LEU A N   1 
ATOM   129 C  CA  . LEU A 1 18  ? 11.546  1.630   -0.321  1.00 29.00 ? 15  LEU A CA  1 
ATOM   130 C  C   . LEU A 1 18  ? 11.251  1.316   1.153   1.00 29.11 ? 15  LEU A C   1 
ATOM   131 O  O   . LEU A 1 18  ? 10.540  2.065   1.805   1.00 29.44 ? 15  LEU A O   1 
ATOM   132 C  CB  . LEU A 1 18  ? 10.406  1.123   -1.228  1.00 28.80 ? 15  LEU A CB  1 
ATOM   133 C  CG  . LEU A 1 18  ? 10.324  1.618   -2.682  1.00 30.10 ? 15  LEU A CG  1 
ATOM   134 C  CD1 . LEU A 1 18  ? 9.196   0.888   -3.407  1.00 30.61 ? 15  LEU A CD1 1 
ATOM   135 C  CD2 . LEU A 1 18  ? 10.118  3.152   -2.806  1.00 30.49 ? 15  LEU A CD2 1 
ATOM   136 N  N   . THR A 1 19  ? 11.791  0.210   1.667   1.00 29.85 ? 16  THR A N   1 
ATOM   137 C  CA  . THR A 1 19  ? 11.629  -0.134  3.095   1.00 30.36 ? 16  THR A CA  1 
ATOM   138 C  C   . THR A 1 19  ? 12.402  0.821   4.012   1.00 31.23 ? 16  THR A C   1 
ATOM   139 O  O   . THR A 1 19  ? 12.194  0.819   5.231   1.00 31.69 ? 16  THR A O   1 
ATOM   140 C  CB  . THR A 1 19  ? 12.032  -1.611  3.435   1.00 29.85 ? 16  THR A CB  1 
ATOM   141 O  OG1 . THR A 1 19  ? 13.445  -1.799  3.256   1.00 28.49 ? 16  THR A OG1 1 
ATOM   142 C  CG2 . THR A 1 19  ? 11.268  -2.590  2.578   1.00 29.13 ? 16  THR A CG2 1 
ATOM   143 N  N   . GLN A 1 20  ? 13.297  1.621   3.435   1.00 31.43 ? 17  GLN A N   1 
ATOM   144 C  CA  . GLN A 1 20  ? 13.954  2.680   4.199   1.00 32.42 ? 17  GLN A CA  1 
ATOM   145 C  C   . GLN A 1 20  ? 13.242  4.016   4.048   1.00 31.90 ? 17  GLN A C   1 
ATOM   146 O  O   . GLN A 1 20  ? 13.472  4.917   4.842   1.00 32.18 ? 17  GLN A O   1 
ATOM   147 C  CB  . GLN A 1 20  ? 15.441  2.844   3.831   1.00 32.40 ? 17  GLN A CB  1 
ATOM   148 C  CG  . GLN A 1 20  ? 16.289  1.579   3.941   1.00 35.60 ? 17  GLN A CG  1 
ATOM   149 C  CD  . GLN A 1 20  ? 16.181  0.865   5.285   1.00 41.42 ? 17  GLN A CD  1 
ATOM   150 O  OE1 . GLN A 1 20  ? 16.625  1.386   6.318   1.00 41.75 ? 17  GLN A OE1 1 
ATOM   151 N  NE2 . GLN A 1 20  ? 15.606  -0.355  5.273   1.00 43.77 ? 17  GLN A NE2 1 
ATOM   152 N  N   . GLU A 1 21  ? 12.391  4.140   3.033   1.00 31.60 ? 18  GLU A N   1 
ATOM   153 C  CA  . GLU A 1 21  ? 11.681  5.384   2.764   1.00 31.66 ? 18  GLU A CA  1 
ATOM   154 C  C   . GLU A 1 21  ? 10.489  5.552   3.697   1.00 30.91 ? 18  GLU A C   1 
ATOM   155 O  O   . GLU A 1 21  ? 10.038  6.675   3.916   1.00 30.94 ? 18  GLU A O   1 
ATOM   156 C  CB  . GLU A 1 21  ? 11.203  5.462   1.303   1.00 32.50 ? 18  GLU A CB  1 
ATOM   157 C  CG  . GLU A 1 21  ? 12.319  5.541   0.252   1.00 34.45 ? 18  GLU A CG  1 
ATOM   158 C  CD  . GLU A 1 21  ? 13.109  6.835   0.299   1.00 39.82 ? 18  GLU A CD  1 
ATOM   159 O  OE1 . GLU A 1 21  ? 12.513  7.929   0.175   1.00 41.52 ? 18  GLU A OE1 1 
ATOM   160 O  OE2 . GLU A 1 21  ? 14.349  6.753   0.442   1.00 43.50 ? 18  GLU A OE2 1 
ATOM   161 N  N   . VAL A 1 22  ? 9.965   4.436   4.211   1.00 29.50 ? 19  VAL A N   1 
ATOM   162 C  CA  . VAL A 1 22  ? 8.844   4.445   5.154   1.00 29.36 ? 19  VAL A CA  1 
ATOM   163 C  C   . VAL A 1 22  ? 9.134   3.469   6.297   1.00 29.10 ? 19  VAL A C   1 
ATOM   164 O  O   . VAL A 1 22  ? 8.862   2.267   6.201   1.00 27.73 ? 19  VAL A O   1 
ATOM   165 C  CB  . VAL A 1 22  ? 7.465   4.153   4.470   1.00 29.16 ? 19  VAL A CB  1 
ATOM   166 C  CG1 . VAL A 1 22  ? 6.339   4.436   5.426   1.00 31.12 ? 19  VAL A CG1 1 
ATOM   167 C  CG2 . VAL A 1 22  ? 7.259   5.053   3.271   1.00 30.20 ? 19  VAL A CG2 1 
HETATM 168 N  N   . MSE A 1 23  ? 9.727   4.003   7.365   1.00 28.93 ? 20  MSE A N   1 
HETATM 169 C  CA  . MSE A 1 23  ? 10.140  3.200   8.504   1.00 30.48 ? 20  MSE A CA  1 
HETATM 170 C  C   . MSE A 1 23  ? 8.933   2.684   9.297   1.00 29.69 ? 20  MSE A C   1 
HETATM 171 O  O   . MSE A 1 23  ? 7.856   3.276   9.260   1.00 29.24 ? 20  MSE A O   1 
HETATM 172 C  CB  . MSE A 1 23  ? 11.100  4.007   9.391   1.00 31.08 ? 20  MSE A CB  1 
HETATM 173 C  CG  . MSE A 1 23  ? 12.338  4.524   8.608   1.00 35.49 ? 20  MSE A CG  1 
HETATM 174 SE SE  . MSE A 1 23  ? 13.531  3.042   8.124   0.74 45.40 ? 20  MSE A SE  1 
HETATM 175 C  CE  . MSE A 1 23  ? 14.426  2.934   9.840   1.00 42.88 ? 20  MSE A CE  1 
ATOM   176 N  N   . ILE A 1 24  ? 9.100   1.546   9.964   1.00 29.36 ? 21  ILE A N   1 
ATOM   177 C  CA  . ILE A 1 24  ? 8.053   1.017   10.837  1.00 29.41 ? 21  ILE A CA  1 
ATOM   178 C  C   . ILE A 1 24  ? 8.139   1.767   12.166  1.00 29.98 ? 21  ILE A C   1 
ATOM   179 O  O   . ILE A 1 24  ? 9.215   1.830   12.763  1.00 29.64 ? 21  ILE A O   1 
ATOM   180 C  CB  . ILE A 1 24  ? 8.214   -0.510  11.064  1.00 29.09 ? 21  ILE A CB  1 
ATOM   181 C  CG1 . ILE A 1 24  ? 7.930   -1.279  9.769   1.00 28.82 ? 21  ILE A CG1 1 
ATOM   182 C  CG2 . ILE A 1 24  ? 7.304   -0.969  12.193  1.00 29.93 ? 21  ILE A CG2 1 
ATOM   183 C  CD1 . ILE A 1 24  ? 8.517   -2.681  9.706   1.00 30.33 ? 21  ILE A CD1 1 
ATOM   184 N  N   . GLU A 1 25  ? 7.041   2.363   12.624  1.00 30.05 ? 22  GLU A N   1 
ATOM   185 C  CA  . GLU A 1 25  ? 7.097   3.087   13.905  1.00 30.78 ? 22  GLU A CA  1 
ATOM   186 C  C   . GLU A 1 25  ? 6.131   2.496   14.916  1.00 30.69 ? 22  GLU A C   1 
ATOM   187 O  O   . GLU A 1 25  ? 4.991   2.161   14.567  1.00 30.46 ? 22  GLU A O   1 
ATOM   188 C  CB  . GLU A 1 25  ? 6.817   4.593   13.742  1.00 30.94 ? 22  GLU A CB  1 
ATOM   189 C  CG  . GLU A 1 25  ? 7.661   5.338   12.682  1.00 33.70 ? 22  GLU A CG  1 
ATOM   190 C  CD  . GLU A 1 25  ? 9.130   5.502   13.069  1.00 37.62 ? 22  GLU A CD  1 
ATOM   191 O  OE1 . GLU A 1 25  ? 9.460   5.368   14.268  1.00 39.71 ? 22  GLU A OE1 1 
ATOM   192 O  OE2 . GLU A 1 25  ? 9.956   5.741   12.159  1.00 39.58 ? 22  GLU A OE2 1 
ATOM   193 N  N   . GLN A 1 26  ? 6.584   2.408   16.170  1.00 31.10 ? 23  GLN A N   1 
ATOM   194 C  CA  . GLN A 1 26  ? 5.829   1.783   17.257  1.00 31.78 ? 23  GLN A CA  1 
ATOM   195 C  C   . GLN A 1 26  ? 4.400   2.303   17.300  1.00 30.07 ? 23  GLN A C   1 
ATOM   196 O  O   . GLN A 1 26  ? 4.180   3.521   17.366  1.00 29.83 ? 23  GLN A O   1 
ATOM   197 C  CB  . GLN A 1 26  ? 6.512   1.998   18.630  1.00 32.12 ? 23  GLN A CB  1 
ATOM   198 C  CG  . GLN A 1 26  ? 7.887   1.314   18.795  1.00 35.35 ? 23  GLN A CG  1 
ATOM   199 C  CD  . GLN A 1 26  ? 8.379   1.277   20.257  1.00 36.39 ? 23  GLN A CD  1 
ATOM   200 O  OE1 . GLN A 1 26  ? 7.588   1.049   21.201  1.00 41.50 ? 23  GLN A OE1 1 
ATOM   201 N  NE2 . GLN A 1 26  ? 9.696   1.481   20.445  1.00 40.13 ? 23  GLN A NE2 1 
ATOM   202 N  N   . ASP A 1 27  ? 3.453   1.368   17.228  1.00 28.96 ? 24  ASP A N   1 
ATOM   203 C  CA  . ASP A 1 27  ? 2.002   1.627   17.329  1.00 28.32 ? 24  ASP A CA  1 
ATOM   204 C  C   . ASP A 1 27  ? 1.409   2.638   16.326  1.00 27.33 ? 24  ASP A C   1 
ATOM   205 O  O   . ASP A 1 27  ? 0.382   3.278   16.603  1.00 25.58 ? 24  ASP A O   1 
ATOM   206 C  CB  . ASP A 1 27  ? 1.640   2.024   18.765  1.00 28.86 ? 24  ASP A CB  1 
ATOM   207 C  CG  . ASP A 1 27  ? 1.988   0.946   19.758  1.00 31.10 ? 24  ASP A CG  1 
ATOM   208 O  OD1 . ASP A 1 27  ? 1.899   -0.243  19.385  1.00 33.41 ? 24  ASP A OD1 1 
ATOM   209 O  OD2 . ASP A 1 27  ? 2.372   1.293   20.893  1.00 35.24 ? 24  ASP A OD2 1 
ATOM   210 N  N   . GLN A 1 28  ? 2.051   2.751   15.163  1.00 26.45 ? 25  GLN A N   1 
ATOM   211 C  CA  . GLN A 1 28  ? 1.711   3.769   14.181  1.00 26.04 ? 25  GLN A CA  1 
ATOM   212 C  C   . GLN A 1 28  ? 1.695   3.221   12.775  1.00 25.90 ? 25  GLN A C   1 
ATOM   213 O  O   . GLN A 1 28  ? 2.162   2.103   12.519  1.00 24.67 ? 25  GLN A O   1 
ATOM   214 C  CB  . GLN A 1 28  ? 2.709   4.936   14.243  1.00 26.19 ? 25  GLN A CB  1 
ATOM   215 C  CG  . GLN A 1 28  ? 2.502   5.827   15.455  1.00 26.68 ? 25  GLN A CG  1 
ATOM   216 C  CD  . GLN A 1 28  ? 3.690   6.720   15.713  1.00 28.34 ? 25  GLN A CD  1 
ATOM   217 O  OE1 . GLN A 1 28  ? 3.696   7.890   15.322  1.00 28.73 ? 25  GLN A OE1 1 
ATOM   218 N  NE2 . GLN A 1 28  ? 4.708   6.174   16.364  1.00 24.61 ? 25  GLN A NE2 1 
HETATM 219 N  N   . MSE A 1 29  ? 1.137   4.034   11.885  1.00 26.29 ? 26  MSE A N   1 
HETATM 220 C  CA  . MSE A 1 29  ? 1.064   3.776   10.461  1.00 27.10 ? 26  MSE A CA  1 
HETATM 221 C  C   . MSE A 1 29  ? 1.630   5.007   9.788   1.00 25.94 ? 26  MSE A C   1 
HETATM 222 O  O   . MSE A 1 29  ? 1.316   6.139   10.171  1.00 24.30 ? 26  MSE A O   1 
HETATM 223 C  CB  . MSE A 1 29  ? -0.378  3.554   10.020  1.00 26.69 ? 26  MSE A CB  1 
HETATM 224 C  CG  . MSE A 1 29  ? -0.493  3.293   8.523   1.00 28.82 ? 26  MSE A CG  1 
HETATM 225 SE SE  . MSE A 1 29  ? -2.278  2.769   7.934   0.80 35.36 ? 26  MSE A SE  1 
HETATM 226 C  CE  . MSE A 1 29  ? -3.142  4.541   8.059   1.00 30.22 ? 26  MSE A CE  1 
ATOM   227 N  N   . LEU A 1 30  ? 2.481   4.771   8.790   1.00 25.80 ? 27  LEU A N   1 
ATOM   228 C  CA  . LEU A 1 30  ? 3.161   5.830   8.060   1.00 26.16 ? 27  LEU A CA  1 
ATOM   229 C  C   . LEU A 1 30  ? 2.941   5.639   6.588   1.00 25.44 ? 27  LEU A C   1 
ATOM   230 O  O   . LEU A 1 30  ? 2.846   4.511   6.094   1.00 24.47 ? 27  LEU A O   1 
ATOM   231 C  CB  . LEU A 1 30  ? 4.676   5.800   8.298   1.00 25.78 ? 27  LEU A CB  1 
ATOM   232 C  CG  . LEU A 1 30  ? 5.339   6.474   9.477   1.00 28.38 ? 27  LEU A CG  1 
ATOM   233 C  CD1 . LEU A 1 30  ? 5.166   5.656   10.752  1.00 29.03 ? 27  LEU A CD1 1 
ATOM   234 C  CD2 . LEU A 1 30  ? 6.840   6.704   9.191   1.00 28.22 ? 27  LEU A CD2 1 
ATOM   235 N  N   . SER A 1 31  ? 2.881   6.758   5.881   1.00 25.49 ? 28  SER A N   1 
ATOM   236 C  CA  . SER A 1 31  ? 2.725   6.701   4.465   1.00 25.41 ? 28  SER A CA  1 
ATOM   237 C  C   . SER A 1 31  ? 3.516   7.761   3.765   1.00 24.95 ? 28  SER A C   1 
ATOM   238 O  O   . SER A 1 31  ? 3.724   8.866   4.287   1.00 25.15 ? 28  SER A O   1 
ATOM   239 C  CB  . SER A 1 31  ? 1.225   6.701   4.063   1.00 26.42 ? 28  SER A CB  1 
ATOM   240 O  OG  . SER A 1 31  ? 0.592   7.945   4.282   1.00 25.02 ? 28  SER A OG  1 
ATOM   241 N  N   . ARG A 1 32  ? 3.986   7.382   2.584   1.00 24.41 ? 29  ARG A N   1 
ATOM   242 C  CA  . ARG A 1 32  ? 4.618   8.275   1.676   1.00 24.67 ? 29  ARG A CA  1 
ATOM   243 C  C   . ARG A 1 32  ? 3.815   8.177   0.404   1.00 24.94 ? 29  ARG A C   1 
ATOM   244 O  O   . ARG A 1 32  ? 3.820   7.131   -0.267  1.00 24.05 ? 29  ARG A O   1 
ATOM   245 C  CB  . ARG A 1 32  ? 6.061   7.837   1.448   1.00 24.93 ? 29  ARG A CB  1 
ATOM   246 C  CG  . ARG A 1 32  ? 6.888   8.864   0.735   1.00 25.58 ? 29  ARG A CG  1 
ATOM   247 C  CD  . ARG A 1 32  ? 8.311   8.356   0.588   1.00 25.21 ? 29  ARG A CD  1 
ATOM   248 N  NE  . ARG A 1 32  ? 9.072   8.371   1.847   1.00 26.17 ? 29  ARG A NE  1 
ATOM   249 C  CZ  . ARG A 1 32  ? 9.938   9.316   2.207   1.00 27.45 ? 29  ARG A CZ  1 
ATOM   250 N  NH1 . ARG A 1 32  ? 10.144  10.405  1.443   1.00 25.64 ? 29  ARG A NH1 1 
ATOM   251 N  NH2 . ARG A 1 32  ? 10.597  9.173   3.352   1.00 26.59 ? 29  ARG A NH2 1 
ATOM   252 N  N   . THR A 1 33  ? 3.089   9.254   0.101   1.00 24.47 ? 30  THR A N   1 
ATOM   253 C  CA  . THR A 1 33  ? 2.175   9.264   -1.038  1.00 24.72 ? 30  THR A CA  1 
ATOM   254 C  C   . THR A 1 33  ? 2.845   9.792   -2.308  1.00 24.68 ? 30  THR A C   1 
ATOM   255 O  O   . THR A 1 33  ? 3.074   11.000  -2.455  1.00 24.19 ? 30  THR A O   1 
ATOM   256 C  CB  . THR A 1 33  ? 0.879   10.039  -0.735  1.00 25.10 ? 30  THR A CB  1 
ATOM   257 O  OG1 . THR A 1 33  ? 0.282   9.525   0.456   1.00 25.11 ? 30  THR A OG1 1 
ATOM   258 C  CG2 . THR A 1 33  ? -0.118  9.922   -1.887  1.00 26.50 ? 30  THR A CG2 1 
ATOM   259 N  N   . LEU A 1 34  ? 3.148   8.863   -3.209  1.00 24.03 ? 31  LEU A N   1 
ATOM   260 C  CA  . LEU A 1 34  ? 3.811   9.129   -4.499  1.00 25.22 ? 31  LEU A CA  1 
ATOM   261 C  C   . LEU A 1 34  ? 2.945   9.813   -5.542  1.00 25.24 ? 31  LEU A C   1 
ATOM   262 O  O   . LEU A 1 34  ? 3.406   10.708  -6.256  1.00 25.65 ? 31  LEU A O   1 
ATOM   263 C  CB  . LEU A 1 34  ? 4.345   7.805   -5.058  1.00 24.77 ? 31  LEU A CB  1 
ATOM   264 C  CG  . LEU A 1 34  ? 5.732   7.395   -4.528  1.00 28.16 ? 31  LEU A CG  1 
ATOM   265 C  CD1 . LEU A 1 34  ? 6.034   7.825   -3.081  1.00 28.26 ? 31  LEU A CD1 1 
ATOM   266 C  CD2 . LEU A 1 34  ? 5.963   5.952   -4.716  1.00 26.51 ? 31  LEU A CD2 1 
ATOM   267 N  N   . VAL A 1 35  ? 1.683   9.397   -5.613  1.00 25.60 ? 32  VAL A N   1 
ATOM   268 C  CA  . VAL A 1 35  ? 0.726   9.931   -6.584  1.00 25.71 ? 32  VAL A CA  1 
ATOM   269 C  C   . VAL A 1 35  ? -0.627  9.969   -5.918  1.00 26.42 ? 32  VAL A C   1 
ATOM   270 O  O   . VAL A 1 35  ? -1.035  9.008   -5.258  1.00 24.58 ? 32  VAL A O   1 
ATOM   271 C  CB  . VAL A 1 35  ? 0.594   9.060   -7.863  1.00 25.27 ? 32  VAL A CB  1 
ATOM   272 C  CG1 . VAL A 1 35  ? -0.376  9.713   -8.847  1.00 25.62 ? 32  VAL A CG1 1 
ATOM   273 C  CG2 . VAL A 1 35  ? 1.928   8.861   -8.539  1.00 26.59 ? 32  VAL A CG2 1 
ATOM   274 N  N   . GLN A 1 36  ? -1.319  11.090  -6.075  1.00 27.23 ? 33  GLN A N   1 
ATOM   275 C  CA  . GLN A 1 36  ? -2.682  11.201  -5.563  1.00 30.15 ? 33  GLN A CA  1 
ATOM   276 C  C   . GLN A 1 36  ? -3.498  11.992  -6.570  1.00 29.94 ? 33  GLN A C   1 
ATOM   277 O  O   . GLN A 1 36  ? -3.593  13.214  -6.467  1.00 29.81 ? 33  GLN A O   1 
ATOM   278 C  CB  . GLN A 1 36  ? -2.686  11.866  -4.171  1.00 29.29 ? 33  GLN A CB  1 
ATOM   279 C  CG  . GLN A 1 36  ? -4.077  12.042  -3.506  1.00 33.28 ? 33  GLN A CG  1 
ATOM   280 C  CD  . GLN A 1 36  ? -3.985  12.229  -1.974  1.00 34.97 ? 33  GLN A CD  1 
ATOM   281 O  OE1 . GLN A 1 36  ? -2.943  12.617  -1.429  1.00 40.33 ? 33  GLN A OE1 1 
ATOM   282 N  NE2 . GLN A 1 36  ? -5.088  11.942  -1.281  1.00 42.54 ? 33  GLN A NE2 1 
ATOM   283 N  N   . ARG A 1 37  ? -4.049  11.302  -7.568  1.00 30.38 ? 34  ARG A N   1 
ATOM   284 C  CA  . ARG A 1 37  ? -4.874  11.979  -8.587  1.00 31.46 ? 34  ARG A CA  1 
ATOM   285 C  C   . ARG A 1 37  ? -6.191  11.239  -8.801  1.00 31.18 ? 34  ARG A C   1 
ATOM   286 O  O   . ARG A 1 37  ? -6.421  10.184  -8.221  1.00 30.96 ? 34  ARG A O   1 
ATOM   287 C  CB  . ARG A 1 37  ? -4.120  12.123  -9.923  1.00 31.42 ? 34  ARG A CB  1 
ATOM   288 C  CG  . ARG A 1 37  ? -3.516  10.828  -10.400 1.00 33.53 ? 34  ARG A CG  1 
ATOM   289 C  CD  . ARG A 1 37  ? -3.233  10.790  -11.882 1.00 36.01 ? 34  ARG A CD  1 
ATOM   290 N  NE  . ARG A 1 37  ? -1.966  11.412  -12.225 1.00 37.41 ? 34  ARG A NE  1 
ATOM   291 C  CZ  . ARG A 1 37  ? -1.232  11.095  -13.294 1.00 37.50 ? 34  ARG A CZ  1 
ATOM   292 N  NH1 . ARG A 1 37  ? -1.611  10.124  -14.125 1.00 37.46 ? 34  ARG A NH1 1 
ATOM   293 N  NH2 . ARG A 1 37  ? -0.098  11.747  -13.518 1.00 35.75 ? 34  ARG A NH2 1 
ATOM   294 N  N   . GLN A 1 38  ? -7.047  11.781  -9.649  1.00 31.02 ? 35  GLN A N   1 
ATOM   295 C  CA  . GLN A 1 38  ? -8.381  11.199  -9.819  1.00 31.99 ? 35  GLN A CA  1 
ATOM   296 C  C   . GLN A 1 38  ? -8.343  9.710   -10.192 1.00 31.24 ? 35  GLN A C   1 
ATOM   297 O  O   . GLN A 1 38  ? -9.098  8.907   -9.640  1.00 31.17 ? 35  GLN A O   1 
ATOM   298 C  CB  . GLN A 1 38  ? -9.164  11.975  -10.871 1.00 32.90 ? 35  GLN A CB  1 
ATOM   299 C  CG  . GLN A 1 38  ? -10.631 11.591  -10.958 1.00 37.13 ? 35  GLN A CG  1 
ATOM   300 C  CD  . GLN A 1 38  ? -11.296 12.169  -12.183 1.00 44.25 ? 35  GLN A CD  1 
ATOM   301 O  OE1 . GLN A 1 38  ? -11.693 13.344  -12.212 1.00 46.55 ? 35  GLN A OE1 1 
ATOM   302 N  NE2 . GLN A 1 38  ? -11.434 11.336  -13.216 1.00 48.76 ? 35  GLN A NE2 1 
ATOM   303 N  N   . ASP A 1 39  ? -7.473  9.344   -11.132 1.00 30.24 ? 36  ASP A N   1 
ATOM   304 C  CA  . ASP A 1 39  ? -7.474  7.970   -11.636 1.00 29.91 ? 36  ASP A CA  1 
ATOM   305 C  C   . ASP A 1 39  ? -6.321  7.090   -11.160 1.00 28.65 ? 36  ASP A C   1 
ATOM   306 O  O   . ASP A 1 39  ? -6.111  6.006   -11.711 1.00 28.68 ? 36  ASP A O   1 
ATOM   307 C  CB  . ASP A 1 39  ? -7.564  7.957   -13.178 1.00 29.86 ? 36  ASP A CB  1 
ATOM   308 C  CG  . ASP A 1 39  ? -6.315  8.486   -13.861 1.00 31.84 ? 36  ASP A CG  1 
ATOM   309 O  OD1 . ASP A 1 39  ? -5.236  8.642   -13.238 1.00 32.60 ? 36  ASP A OD1 1 
ATOM   310 O  OD2 . ASP A 1 39  ? -6.407  8.758   -15.073 1.00 37.50 ? 36  ASP A OD2 1 
ATOM   311 N  N   . LEU A 1 40  ? -5.565  7.558   -10.159 1.00 27.64 ? 37  LEU A N   1 
ATOM   312 C  CA  . LEU A 1 40  ? -4.409  6.819   -9.688  1.00 25.95 ? 37  LEU A CA  1 
ATOM   313 C  C   . LEU A 1 40  ? -3.949  7.222   -8.281  1.00 25.51 ? 37  LEU A C   1 
ATOM   314 O  O   . LEU A 1 40  ? -3.748  8.391   -8.003  1.00 24.61 ? 37  LEU A O   1 
ATOM   315 C  CB  . LEU A 1 40  ? -3.253  6.917   -10.693 1.00 26.27 ? 37  LEU A CB  1 
ATOM   316 C  CG  . LEU A 1 40  ? -1.915  6.261   -10.320 1.00 24.86 ? 37  LEU A CG  1 
ATOM   317 C  CD1 . LEU A 1 40  ? -2.003  4.705   -10.218 1.00 24.63 ? 37  LEU A CD1 1 
ATOM   318 C  CD2 . LEU A 1 40  ? -0.868  6.657   -11.324 1.00 24.25 ? 37  LEU A CD2 1 
ATOM   319 N  N   . GLY A 1 41  ? -3.794  6.230   -7.404  1.00 25.61 ? 38  GLY A N   1 
ATOM   320 C  CA  . GLY A 1 41  ? -3.077  6.413   -6.127  1.00 25.92 ? 38  GLY A CA  1 
ATOM   321 C  C   . GLY A 1 41  ? -1.842  5.523   -6.074  1.00 26.42 ? 38  GLY A C   1 
ATOM   322 O  O   . GLY A 1 41  ? -1.915  4.329   -6.382  1.00 26.88 ? 38  GLY A O   1 
ATOM   323 N  N   . ILE A 1 42  ? -0.697  6.086   -5.688  1.00 25.42 ? 39  ILE A N   1 
ATOM   324 C  CA  . ILE A 1 42  ? 0.460   5.249   -5.369  1.00 25.05 ? 39  ILE A CA  1 
ATOM   325 C  C   . ILE A 1 42  ? 1.017   5.680   -4.019  1.00 24.77 ? 39  ILE A C   1 
ATOM   326 O  O   . ILE A 1 42  ? 1.353   6.851   -3.824  1.00 24.35 ? 39  ILE A O   1 
ATOM   327 C  CB  . ILE A 1 42  ? 1.589   5.306   -6.450  1.00 25.05 ? 39  ILE A CB  1 
ATOM   328 C  CG1 . ILE A 1 42  ? 1.065   4.836   -7.820  1.00 25.51 ? 39  ILE A CG1 1 
ATOM   329 C  CG2 . ILE A 1 42  ? 2.772   4.453   -6.004  1.00 25.14 ? 39  ILE A CG2 1 
ATOM   330 C  CD1 . ILE A 1 42  ? 2.091   4.923   -8.968  1.00 24.53 ? 39  ILE A CD1 1 
ATOM   331 N  N   . THR A 1 43  ? 1.128   4.728   -3.103  1.00 24.48 ? 40  THR A N   1 
ATOM   332 C  CA  . THR A 1 43  ? 1.500   5.031   -1.734  1.00 24.95 ? 40  THR A CA  1 
ATOM   333 C  C   . THR A 1 43  ? 2.411   3.934   -1.186  1.00 25.04 ? 40  THR A C   1 
ATOM   334 O  O   . THR A 1 43  ? 2.156   2.755   -1.407  1.00 26.00 ? 40  THR A O   1 
ATOM   335 C  CB  . THR A 1 43  ? 0.259   5.167   -0.807  1.00 24.81 ? 40  THR A CB  1 
ATOM   336 O  OG1 . THR A 1 43  ? -0.744  5.986   -1.417  1.00 27.08 ? 40  THR A OG1 1 
ATOM   337 C  CG2 . THR A 1 43  ? 0.677   5.807   0.514   1.00 24.43 ? 40  THR A CG2 1 
ATOM   338 N  N   . VAL A 1 44  ? 3.472   4.328   -0.482  1.00 25.43 ? 41  VAL A N   1 
ATOM   339 C  CA  . VAL A 1 44  ? 4.245   3.370   0.318   1.00 24.54 ? 41  VAL A CA  1 
ATOM   340 C  C   . VAL A 1 44  ? 3.767   3.489   1.773   1.00 24.13 ? 41  VAL A C   1 
ATOM   341 O  O   . VAL A 1 44  ? 3.638   4.580   2.288   1.00 23.18 ? 41  VAL A O   1 
ATOM   342 C  CB  . VAL A 1 44  ? 5.751   3.651   0.232   1.00 24.03 ? 41  VAL A CB  1 
ATOM   343 C  CG1 . VAL A 1 44  ? 6.541   2.477   0.907   1.00 25.68 ? 41  VAL A CG1 1 
ATOM   344 C  CG2 . VAL A 1 44  ? 6.163   3.773   -1.225  1.00 24.67 ? 41  VAL A CG2 1 
ATOM   345 N  N   . PHE A 1 45  ? 3.481   2.361   2.404   1.00 24.08 ? 42  PHE A N   1 
ATOM   346 C  CA  . PHE A 1 45  ? 2.950   2.331   3.768   1.00 25.29 ? 42  PHE A CA  1 
ATOM   347 C  C   . PHE A 1 45  ? 3.878   1.553   4.685   1.00 25.27 ? 42  PHE A C   1 
ATOM   348 O  O   . PHE A 1 45  ? 4.581   0.651   4.243   1.00 25.45 ? 42  PHE A O   1 
ATOM   349 C  CB  . PHE A 1 45  ? 1.624   1.574   3.798   1.00 26.14 ? 42  PHE A CB  1 
ATOM   350 C  CG  . PHE A 1 45  ? 0.430   2.384   3.395   1.00 27.54 ? 42  PHE A CG  1 
ATOM   351 C  CD1 . PHE A 1 45  ? -0.200  3.224   4.319   1.00 30.10 ? 42  PHE A CD1 1 
ATOM   352 C  CD2 . PHE A 1 45  ? -0.103  2.273   2.115   1.00 29.00 ? 42  PHE A CD2 1 
ATOM   353 C  CE1 . PHE A 1 45  ? -1.345  3.956   3.967   1.00 29.88 ? 42  PHE A CE1 1 
ATOM   354 C  CE2 . PHE A 1 45  ? -1.232  3.012   1.743   1.00 29.24 ? 42  PHE A CE2 1 
ATOM   355 C  CZ  . PHE A 1 45  ? -1.864  3.852   2.682   1.00 29.27 ? 42  PHE A CZ  1 
ATOM   356 N  N   . SER A 1 46  ? 3.853   1.876   5.971   1.00 25.13 ? 43  SER A N   1 
ATOM   357 C  CA  . SER A 1 46  ? 4.303   0.930   6.977   1.00 25.15 ? 43  SER A CA  1 
ATOM   358 C  C   . SER A 1 46  ? 3.224   0.864   8.054   1.00 25.51 ? 43  SER A C   1 
ATOM   359 O  O   . SER A 1 46  ? 2.685   1.881   8.434   1.00 24.56 ? 43  SER A O   1 
ATOM   360 C  CB  . SER A 1 46  ? 5.631   1.379   7.587   1.00 25.09 ? 43  SER A CB  1 
ATOM   361 O  OG  . SER A 1 46  ? 5.440   2.450   8.489   1.00 25.57 ? 43  SER A OG  1 
ATOM   362 N  N   . LEU A 1 47  ? 2.933   -0.331  8.552   1.00 26.13 ? 44  LEU A N   1 
ATOM   363 C  CA  . LEU A 1 47  ? 2.058   -0.483  9.713   1.00 26.01 ? 44  LEU A CA  1 
ATOM   364 C  C   . LEU A 1 47  ? 2.809   -1.282  10.747  1.00 27.08 ? 44  LEU A C   1 
ATOM   365 O  O   . LEU A 1 47  ? 3.380   -2.316  10.410  1.00 27.89 ? 44  LEU A O   1 
ATOM   366 C  CB  . LEU A 1 47  ? 0.792   -1.238  9.340   1.00 25.46 ? 44  LEU A CB  1 
ATOM   367 C  CG  . LEU A 1 47  ? -0.330  -0.565  8.535   1.00 24.24 ? 44  LEU A CG  1 
ATOM   368 C  CD1 . LEU A 1 47  ? 0.057   -0.214  7.084   1.00 21.62 ? 44  LEU A CD1 1 
ATOM   369 C  CD2 . LEU A 1 47  ? -1.568  -1.454  8.538   1.00 25.89 ? 44  LEU A CD2 1 
ATOM   370 N  N   . ASP A 1 48  ? 2.807   -0.835  12.000  1.00 26.88 ? 45  ASP A N   1 
ATOM   371 C  CA  . ASP A 1 48  ? 3.322   -1.673  13.082  1.00 27.92 ? 45  ASP A CA  1 
ATOM   372 C  C   . ASP A 1 48  ? 2.384   -2.842  13.306  1.00 28.02 ? 45  ASP A C   1 
ATOM   373 O  O   . ASP A 1 48  ? 1.205   -2.795  12.927  1.00 27.07 ? 45  ASP A O   1 
ATOM   374 C  CB  . ASP A 1 48  ? 3.469   -0.878  14.389  1.00 28.49 ? 45  ASP A CB  1 
ATOM   375 C  CG  . ASP A 1 48  ? 4.395   -1.574  15.414  1.00 30.54 ? 45  ASP A CG  1 
ATOM   376 O  OD1 . ASP A 1 48  ? 5.176   -2.474  15.020  1.00 29.06 ? 45  ASP A OD1 1 
ATOM   377 O  OD2 . ASP A 1 48  ? 4.319   -1.225  16.619  1.00 29.64 ? 45  ASP A OD2 1 
ATOM   378 N  N   . LYS A 1 49  ? 2.918   -3.887  13.928  1.00 28.40 ? 46  LYS A N   1 
ATOM   379 C  CA  . LYS A 1 49  ? 2.156   -5.064  14.315  1.00 29.30 ? 46  LYS A CA  1 
ATOM   380 C  C   . LYS A 1 49  ? 0.866   -4.669  15.034  1.00 28.99 ? 46  LYS A C   1 
ATOM   381 O  O   . LYS A 1 49  ? 0.889   -3.822  15.936  1.00 28.67 ? 46  LYS A O   1 
ATOM   382 C  CB  . LYS A 1 49  ? 3.026   -5.972  15.197  1.00 29.29 ? 46  LYS A CB  1 
ATOM   383 C  CG  . LYS A 1 49  ? 2.296   -7.163  15.801  1.00 33.89 ? 46  LYS A CG  1 
ATOM   384 C  CD  . LYS A 1 49  ? 3.255   -8.269  16.243  1.00 38.02 ? 46  LYS A CD  1 
ATOM   385 C  CE  . LYS A 1 49  ? 4.006   -7.866  17.502  1.00 42.13 ? 46  LYS A CE  1 
ATOM   386 N  NZ  . LYS A 1 49  ? 5.135   -8.810  17.788  1.00 46.50 ? 46  LYS A NZ  1 
ATOM   387 N  N   . GLY A 1 50  ? -0.254  -5.261  14.615  1.00 28.37 ? 47  GLY A N   1 
ATOM   388 C  CA  . GLY A 1 50  ? -1.546  -4.969  15.230  1.00 28.79 ? 47  GLY A CA  1 
ATOM   389 C  C   . GLY A 1 50  ? -2.324  -3.793  14.662  1.00 28.91 ? 47  GLY A C   1 
ATOM   390 O  O   . GLY A 1 50  ? -3.487  -3.582  15.020  1.00 28.70 ? 47  GLY A O   1 
ATOM   391 N  N   . GLN A 1 51  ? -1.715  -3.032  13.760  1.00 29.25 ? 48  GLN A N   1 
ATOM   392 C  CA  . GLN A 1 51  ? -2.418  -1.920  13.145  1.00 29.83 ? 48  GLN A CA  1 
ATOM   393 C  C   . GLN A 1 51  ? -3.346  -2.446  12.046  1.00 31.08 ? 48  GLN A C   1 
ATOM   394 O  O   . GLN A 1 51  ? -3.174  -3.567  11.571  1.00 31.07 ? 48  GLN A O   1 
ATOM   395 C  CB  . GLN A 1 51  ? -1.431  -0.855  12.625  1.00 29.41 ? 48  GLN A CB  1 
ATOM   396 C  CG  . GLN A 1 51  ? -0.527  -0.260  13.721  1.00 28.19 ? 48  GLN A CG  1 
ATOM   397 C  CD  . GLN A 1 51  ? -1.294  0.113   14.979  1.00 28.78 ? 48  GLN A CD  1 
ATOM   398 O  OE1 . GLN A 1 51  ? -0.977  -0.351  16.089  1.00 32.20 ? 48  GLN A OE1 1 
ATOM   399 N  NE2 . GLN A 1 51  ? -2.320  0.931   14.817  1.00 25.65 ? 48  GLN A NE2 1 
ATOM   400 N  N   . GLU A 1 52  ? -4.350  -1.663  11.674  1.00 32.61 ? 49  GLU A N   1 
ATOM   401 C  CA  . GLU A 1 52  ? -5.250  -2.092  10.614  1.00 35.05 ? 49  GLU A CA  1 
ATOM   402 C  C   . GLU A 1 52  ? -5.805  -0.962  9.760   1.00 34.98 ? 49  GLU A C   1 
ATOM   403 O  O   . GLU A 1 52  ? -5.978  0.195   10.213  1.00 35.01 ? 49  GLU A O   1 
ATOM   404 C  CB  . GLU A 1 52  ? -6.391  -2.974  11.160  1.00 35.28 ? 49  GLU A CB  1 
ATOM   405 C  CG  . GLU A 1 52  ? -7.505  -2.238  11.853  1.00 37.43 ? 49  GLU A CG  1 
ATOM   406 C  CD  . GLU A 1 52  ? -8.755  -3.100  12.034  1.00 39.51 ? 49  GLU A CD  1 
ATOM   407 O  OE1 . GLU A 1 52  ? -9.874  -2.549  11.919  1.00 45.30 ? 49  GLU A OE1 1 
ATOM   408 O  OE2 . GLU A 1 52  ? -8.625  -4.326  12.289  1.00 45.02 ? 49  GLU A OE2 1 
ATOM   409 N  N   . ILE A 1 53  ? -6.072  -1.321  8.508   1.00 34.71 ? 50  ILE A N   1 
ATOM   410 C  CA  . ILE A 1 53  ? -6.814  -0.475  7.601   1.00 34.45 ? 50  ILE A CA  1 
ATOM   411 C  C   . ILE A 1 53  ? -8.206  -1.087  7.541   1.00 34.62 ? 50  ILE A C   1 
ATOM   412 O  O   . ILE A 1 53  ? -8.368  -2.246  7.143   1.00 34.14 ? 50  ILE A O   1 
ATOM   413 C  CB  . ILE A 1 53  ? -6.142  -0.421  6.219   1.00 34.50 ? 50  ILE A CB  1 
ATOM   414 C  CG1 . ILE A 1 53  ? -4.742  0.191   6.360   1.00 33.93 ? 50  ILE A CG1 1 
ATOM   415 C  CG2 . ILE A 1 53  ? -7.012  0.356   5.230   1.00 34.45 ? 50  ILE A CG2 1 
ATOM   416 C  CD1 . ILE A 1 53  ? -3.881  0.074   5.140   1.00 35.48 ? 50  ILE A CD1 1 
ATOM   417 N  N   . GLY A 1 54  ? -9.193  -0.319  8.000   1.00 34.43 ? 51  GLY A N   1 
ATOM   418 C  CA  . GLY A 1 54  ? -10.560 -0.792  8.087   1.00 34.29 ? 51  GLY A CA  1 
ATOM   419 C  C   . GLY A 1 54  ? -11.138 -1.176  6.744   1.00 34.44 ? 51  GLY A C   1 
ATOM   420 O  O   . GLY A 1 54  ? -10.693 -0.689  5.690   1.00 34.06 ? 51  GLY A O   1 
ATOM   421 N  N   . ARG A 1 55  ? -12.110 -2.081  6.798   1.00 34.95 ? 52  ARG A N   1 
ATOM   422 C  CA  . ARG A 1 55  ? -12.907 -2.478  5.648   1.00 35.16 ? 52  ARG A CA  1 
ATOM   423 C  C   . ARG A 1 55  ? -13.338 -1.271  4.826   1.00 35.60 ? 52  ARG A C   1 
ATOM   424 O  O   . ARG A 1 55  ? -13.862 -0.297  5.364   1.00 35.49 ? 52  ARG A O   1 
ATOM   425 C  CB  . ARG A 1 55  ? -14.138 -3.231  6.142   1.00 35.37 ? 52  ARG A CB  1 
ATOM   426 C  CG  . ARG A 1 55  ? -14.751 -4.158  5.137   1.00 35.90 ? 52  ARG A CG  1 
ATOM   427 C  CD  . ARG A 1 55  ? -15.548 -5.227  5.841   1.00 37.04 ? 52  ARG A CD  1 
ATOM   428 N  NE  . ARG A 1 55  ? -16.441 -5.907  4.917   1.00 40.03 ? 52  ARG A NE  1 
ATOM   429 C  CZ  . ARG A 1 55  ? -16.133 -7.024  4.256   1.00 41.26 ? 52  ARG A CZ  1 
ATOM   430 N  NH1 . ARG A 1 55  ? -14.949 -7.601  4.421   1.00 40.74 ? 52  ARG A NH1 1 
ATOM   431 N  NH2 . ARG A 1 55  ? -17.023 -7.572  3.438   1.00 41.94 ? 52  ARG A NH2 1 
ATOM   432 N  N   . HIS A 1 56  ? -13.094 -1.331  3.520   1.00 36.19 ? 53  HIS A N   1 
ATOM   433 C  CA  . HIS A 1 56  ? -13.668 -0.375  2.571   1.00 36.69 ? 53  HIS A CA  1 
ATOM   434 C  C   . HIS A 1 56  ? -13.541 -0.882  1.133   1.00 36.10 ? 53  HIS A C   1 
ATOM   435 O  O   . HIS A 1 56  ? -12.881 -1.884  0.872   1.00 34.75 ? 53  HIS A O   1 
ATOM   436 C  CB  . HIS A 1 56  ? -13.052 1.019   2.724   1.00 37.33 ? 53  HIS A CB  1 
ATOM   437 C  CG  . HIS A 1 56  ? -11.637 1.104   2.258   1.00 40.54 ? 53  HIS A CG  1 
ATOM   438 N  ND1 . HIS A 1 56  ? -10.598 0.502   2.934   1.00 44.74 ? 53  HIS A ND1 1 
ATOM   439 C  CD2 . HIS A 1 56  ? -11.091 1.687   1.164   1.00 43.95 ? 53  HIS A CD2 1 
ATOM   440 C  CE1 . HIS A 1 56  ? -9.464  0.725   2.288   1.00 45.64 ? 53  HIS A CE1 1 
ATOM   441 N  NE2 . HIS A 1 56  ? -9.736  1.441   1.209   1.00 46.58 ? 53  HIS A NE2 1 
ATOM   442 N  N   . SER A 1 57  ? -14.209 -0.185  0.218   1.00 36.01 ? 54  SER A N   1 
ATOM   443 C  CA  . SER A 1 57  ? -14.150 -0.485  -1.206  1.00 36.14 ? 54  SER A CA  1 
ATOM   444 C  C   . SER A 1 57  ? -13.550 0.692   -1.966  1.00 35.56 ? 54  SER A C   1 
ATOM   445 O  O   . SER A 1 57  ? -13.825 1.846   -1.630  1.00 36.07 ? 54  SER A O   1 
ATOM   446 C  CB  . SER A 1 57  ? -15.561 -0.749  -1.743  1.00 36.41 ? 54  SER A CB  1 
ATOM   447 O  OG  . SER A 1 57  ? -16.154 -1.842  -1.066  1.00 38.67 ? 54  SER A OG  1 
ATOM   448 N  N   . SER A 1 58  ? -12.751 0.390   -2.991  1.00 34.36 ? 55  SER A N   1 
ATOM   449 C  CA  . SER A 1 58  ? -12.261 1.388   -3.943  1.00 33.66 ? 55  SER A CA  1 
ATOM   450 C  C   . SER A 1 58  ? -12.946 1.221   -5.303  1.00 32.75 ? 55  SER A C   1 
ATOM   451 O  O   . SER A 1 58  ? -13.369 0.114   -5.658  1.00 33.01 ? 55  SER A O   1 
ATOM   452 C  CB  . SER A 1 58  ? -10.738 1.269   -4.105  1.00 33.56 ? 55  SER A CB  1 
ATOM   453 O  OG  . SER A 1 58  ? -10.266 2.075   -5.167  1.00 33.23 ? 55  SER A OG  1 
ATOM   454 N  N   . PRO A 1 59  ? -13.088 2.317   -6.067  1.00 32.24 ? 56  PRO A N   1 
ATOM   455 C  CA  . PRO A 1 59  ? -13.526 2.167   -7.460  1.00 31.83 ? 56  PRO A CA  1 
ATOM   456 C  C   . PRO A 1 59  ? -12.427 1.660   -8.422  1.00 31.05 ? 56  PRO A C   1 
ATOM   457 O  O   . PRO A 1 59  ? -12.711 1.366   -9.581  1.00 30.79 ? 56  PRO A O   1 
ATOM   458 C  CB  . PRO A 1 59  ? -13.941 3.591   -7.851  1.00 32.10 ? 56  PRO A CB  1 
ATOM   459 C  CG  . PRO A 1 59  ? -13.111 4.469   -6.998  1.00 32.36 ? 56  PRO A CG  1 
ATOM   460 C  CD  . PRO A 1 59  ? -12.931 3.735   -5.688  1.00 32.82 ? 56  PRO A CD  1 
ATOM   461 N  N   . GLY A 1 60  ? -11.186 1.579   -7.947  1.00 30.01 ? 57  GLY A N   1 
ATOM   462 C  CA  . GLY A 1 60  ? -10.089 1.050   -8.764  1.00 28.58 ? 57  GLY A CA  1 
ATOM   463 C  C   . GLY A 1 60  ? -9.602  -0.318  -8.300  1.00 27.39 ? 57  GLY A C   1 
ATOM   464 O  O   . GLY A 1 60  ? -9.973  -0.775  -7.211  1.00 26.42 ? 57  GLY A O   1 
ATOM   465 N  N   . ASP A 1 61  ? -8.799  -0.983  -9.141  1.00 26.04 ? 58  ASP A N   1 
ATOM   466 C  CA  . ASP A 1 61  ? -8.123  -2.211  -8.731  1.00 26.07 ? 58  ASP A CA  1 
ATOM   467 C  C   . ASP A 1 61  ? -6.897  -1.766  -7.905  1.00 25.75 ? 58  ASP A C   1 
ATOM   468 O  O   . ASP A 1 61  ? -6.171  -0.844  -8.290  1.00 26.07 ? 58  ASP A O   1 
ATOM   469 C  CB  . ASP A 1 61  ? -7.675  -3.055  -9.941  1.00 25.72 ? 58  ASP A CB  1 
ATOM   470 C  CG  . ASP A 1 61  ? -8.830  -3.789  -10.644 1.00 26.12 ? 58  ASP A CG  1 
ATOM   471 O  OD1 . ASP A 1 61  ? -9.864  -4.090  -10.007 1.00 25.92 ? 58  ASP A OD1 1 
ATOM   472 O  OD2 . ASP A 1 61  ? -8.684  -4.097  -11.852 1.00 26.79 ? 58  ASP A OD2 1 
ATOM   473 N  N   . ALA A 1 62  ? -6.673  -2.433  -6.788  1.00 25.59 ? 59  ALA A N   1 
ATOM   474 C  CA  . ALA A 1 62  ? -5.662  -2.032  -5.828  1.00 26.39 ? 59  ALA A CA  1 
ATOM   475 C  C   . ALA A 1 62  ? -4.621  -3.137  -5.670  1.00 27.48 ? 59  ALA A C   1 
ATOM   476 O  O   . ALA A 1 62  ? -4.880  -4.206  -5.086  1.00 27.58 ? 59  ALA A O   1 
ATOM   477 C  CB  . ALA A 1 62  ? -6.336  -1.704  -4.480  1.00 26.86 ? 59  ALA A CB  1 
HETATM 478 N  N   . MSE A 1 63  ? -3.431  -2.900  -6.197  1.00 27.74 ? 60  MSE A N   1 
HETATM 479 C  CA  . MSE A 1 63  ? -2.411  -3.933  -6.147  1.00 29.03 ? 60  MSE A CA  1 
HETATM 480 C  C   . MSE A 1 63  ? -1.560  -3.688  -4.918  1.00 27.86 ? 60  MSE A C   1 
HETATM 481 O  O   . MSE A 1 63  ? -1.079  -2.578  -4.705  1.00 26.57 ? 60  MSE A O   1 
HETATM 482 C  CB  . MSE A 1 63  ? -1.557  -3.926  -7.406  1.00 28.25 ? 60  MSE A CB  1 
HETATM 483 C  CG  . MSE A 1 63  ? -0.478  -4.972  -7.383  1.00 30.17 ? 60  MSE A CG  1 
HETATM 484 SE SE  . MSE A 1 63  ? 0.437   -5.169  -9.083  0.82 34.30 ? 60  MSE A SE  1 
HETATM 485 C  CE  . MSE A 1 63  ? 1.314   -3.422  -9.237  1.00 30.38 ? 60  MSE A CE  1 
ATOM   486 N  N   . VAL A 1 64  ? -1.412  -4.737  -4.111  1.00 27.78 ? 61  VAL A N   1 
ATOM   487 C  CA  . VAL A 1 64  ? -0.642  -4.671  -2.884  1.00 27.61 ? 61  VAL A CA  1 
ATOM   488 C  C   . VAL A 1 64  ? 0.582   -5.537  -3.030  1.00 28.12 ? 61  VAL A C   1 
ATOM   489 O  O   . VAL A 1 64  ? 0.458   -6.738  -3.289  1.00 28.01 ? 61  VAL A O   1 
ATOM   490 C  CB  . VAL A 1 64  ? -1.458  -5.192  -1.669  1.00 28.39 ? 61  VAL A CB  1 
ATOM   491 C  CG1 . VAL A 1 64  ? -0.580  -5.259  -0.409  1.00 26.40 ? 61  VAL A CG1 1 
ATOM   492 C  CG2 . VAL A 1 64  ? -2.667  -4.321  -1.429  1.00 26.79 ? 61  VAL A CG2 1 
ATOM   493 N  N   . THR A 1 65  ? 1.751   -4.929  -2.837  1.00 27.75 ? 62  THR A N   1 
ATOM   494 C  CA  . THR A 1 65  ? 3.006   -5.658  -2.850  1.00 27.81 ? 62  THR A CA  1 
ATOM   495 C  C   . THR A 1 65  ? 3.649   -5.511  -1.466  1.00 27.65 ? 62  THR A C   1 
ATOM   496 O  O   . THR A 1 65  ? 3.921   -4.391  -1.027  1.00 27.04 ? 62  THR A O   1 
ATOM   497 C  CB  . THR A 1 65  ? 3.898   -5.160  -4.018  1.00 28.16 ? 62  THR A CB  1 
ATOM   498 O  OG1 . THR A 1 65  ? 3.335   -5.608  -5.273  1.00 27.58 ? 62  THR A OG1 1 
ATOM   499 C  CG2 . THR A 1 65  ? 5.289   -5.664  -3.902  1.00 28.48 ? 62  THR A CG2 1 
ATOM   500 N  N   . ILE A 1 66  ? 3.824   -6.642  -0.777  1.00 26.60 ? 63  ILE A N   1 
ATOM   501 C  CA  . ILE A 1 66  ? 4.359   -6.659  0.576   1.00 27.08 ? 63  ILE A CA  1 
ATOM   502 C  C   . ILE A 1 66  ? 5.884   -6.631  0.510   1.00 27.32 ? 63  ILE A C   1 
ATOM   503 O  O   . ILE A 1 66  ? 6.531   -7.496  -0.115  1.00 27.71 ? 63  ILE A O   1 
ATOM   504 C  CB  . ILE A 1 66  ? 3.777   -7.841  1.436   1.00 26.75 ? 63  ILE A CB  1 
ATOM   505 C  CG1 . ILE A 1 66  ? 2.250   -7.711  1.575   1.00 27.30 ? 63  ILE A CG1 1 
ATOM   506 C  CG2 . ILE A 1 66  ? 4.441   -7.939  2.831   1.00 26.98 ? 63  ILE A CG2 1 
ATOM   507 C  CD1 . ILE A 1 66  ? 1.769   -6.491  2.313   1.00 27.68 ? 63  ILE A CD1 1 
ATOM   508 N  N   . LEU A 1 67  ? 6.451   -5.604  1.133   1.00 27.31 ? 64  LEU A N   1 
ATOM   509 C  CA  . LEU A 1 67  ? 7.878   -5.340  1.026   1.00 26.98 ? 64  LEU A CA  1 
ATOM   510 C  C   . LEU A 1 67  ? 8.674   -5.923  2.182   1.00 27.87 ? 64  LEU A C   1 
ATOM   511 O  O   . LEU A 1 67  ? 9.889   -6.141  2.061   1.00 26.81 ? 64  LEU A O   1 
ATOM   512 C  CB  . LEU A 1 67  ? 8.135   -3.833  0.904   1.00 26.66 ? 64  LEU A CB  1 
ATOM   513 C  CG  . LEU A 1 67  ? 7.396   -3.067  -0.185  1.00 25.81 ? 64  LEU A CG  1 
ATOM   514 C  CD1 . LEU A 1 67  ? 7.732   -1.567  -0.059  1.00 25.92 ? 64  LEU A CD1 1 
ATOM   515 C  CD2 . LEU A 1 67  ? 7.750   -3.628  -1.576  1.00 25.65 ? 64  LEU A CD2 1 
ATOM   516 N  N   . SER A 1 68  ? 7.993   -6.134  3.311   1.00 28.64 ? 65  SER A N   1 
ATOM   517 C  CA  . SER A 1 68  ? 8.554   -6.792  4.490   1.00 29.50 ? 65  SER A CA  1 
ATOM   518 C  C   . SER A 1 68  ? 7.411   -7.232  5.402   1.00 29.73 ? 65  SER A C   1 
ATOM   519 O  O   . SER A 1 68  ? 6.297   -6.739  5.290   1.00 30.05 ? 65  SER A O   1 
ATOM   520 C  CB  . SER A 1 68  ? 9.507   -5.854  5.247   1.00 29.88 ? 65  SER A CB  1 
ATOM   521 O  OG  . SER A 1 68  ? 8.784   -4.833  5.932   1.00 31.17 ? 65  SER A OG  1 
ATOM   522 N  N   . GLY A 1 69  ? 7.693   -8.160  6.310   1.00 30.14 ? 66  GLY A N   1 
ATOM   523 C  CA  . GLY A 1 69  ? 6.694   -8.629  7.278   1.00 29.19 ? 66  GLY A CA  1 
ATOM   524 C  C   . GLY A 1 69  ? 5.576   -9.472  6.691   1.00 28.94 ? 66  GLY A C   1 
ATOM   525 O  O   . GLY A 1 69  ? 5.756   -10.169 5.691   1.00 28.23 ? 66  GLY A O   1 
ATOM   526 N  N   . LEU A 1 70  ? 4.413   -9.411  7.330   1.00 28.73 ? 67  LEU A N   1 
ATOM   527 C  CA  . LEU A 1 70  ? 3.284   -10.265 6.960   1.00 29.09 ? 67  LEU A CA  1 
ATOM   528 C  C   . LEU A 1 70  ? 1.983   -9.521  7.170   1.00 29.07 ? 67  LEU A C   1 
ATOM   529 O  O   . LEU A 1 70  ? 1.776   -8.891  8.202   1.00 29.89 ? 67  LEU A O   1 
ATOM   530 C  CB  . LEU A 1 70  ? 3.279   -11.565 7.797   1.00 28.63 ? 67  LEU A CB  1 
ATOM   531 C  CG  . LEU A 1 70  ? 2.171   -12.593 7.509   1.00 29.16 ? 67  LEU A CG  1 
ATOM   532 C  CD1 . LEU A 1 70  ? 2.356   -13.224 6.133   1.00 28.91 ? 67  LEU A CD1 1 
ATOM   533 C  CD2 . LEU A 1 70  ? 2.118   -13.690 8.569   1.00 28.98 ? 67  LEU A CD2 1 
ATOM   534 N  N   . ALA A 1 71  ? 1.092   -9.611  6.198   1.00 29.35 ? 68  ALA A N   1 
ATOM   535 C  CA  . ALA A 1 71  ? -0.145  -8.863  6.253   1.00 29.87 ? 68  ALA A CA  1 
ATOM   536 C  C   . ALA A 1 71  ? -1.283  -9.821  6.032   1.00 30.24 ? 68  ALA A C   1 
ATOM   537 O  O   . ALA A 1 71  ? -1.174  -10.724 5.213   1.00 31.69 ? 68  ALA A O   1 
ATOM   538 C  CB  . ALA A 1 71  ? -0.168  -7.752  5.176   1.00 29.41 ? 68  ALA A CB  1 
ATOM   539 N  N   . GLU A 1 72  ? -2.374  -9.617  6.761   1.00 30.77 ? 69  GLU A N   1 
ATOM   540 C  CA  . GLU A 1 72  ? -3.596  -10.352 6.529   1.00 30.77 ? 69  GLU A CA  1 
ATOM   541 C  C   . GLU A 1 72  ? -4.566  -9.492  5.760   1.00 30.96 ? 69  GLU A C   1 
ATOM   542 O  O   . GLU A 1 72  ? -5.001  -8.422  6.224   1.00 31.19 ? 69  GLU A O   1 
ATOM   543 C  CB  . GLU A 1 72  ? -4.222  -10.799 7.828   1.00 31.17 ? 69  GLU A CB  1 
ATOM   544 C  CG  . GLU A 1 72  ? -5.362  -11.772 7.654   1.00 32.04 ? 69  GLU A CG  1 
ATOM   545 C  CD  . GLU A 1 72  ? -5.780  -12.352 8.991   1.00 36.14 ? 69  GLU A CD  1 
ATOM   546 O  OE1 . GLU A 1 72  ? -6.247  -11.574 9.853   1.00 37.20 ? 69  GLU A OE1 1 
ATOM   547 O  OE2 . GLU A 1 72  ? -5.621  -13.574 9.193   1.00 35.87 ? 69  GLU A OE2 1 
ATOM   548 N  N   . ILE A 1 73  ? -4.887  -9.971  4.568   1.00 30.72 ? 70  ILE A N   1 
ATOM   549 C  CA  . ILE A 1 73  ? -5.731  -9.252  3.659   1.00 30.60 ? 70  ILE A CA  1 
ATOM   550 C  C   . ILE A 1 73  ? -7.072  -9.961  3.565   1.00 30.70 ? 70  ILE A C   1 
ATOM   551 O  O   . ILE A 1 73  ? -7.144  -11.163 3.393   1.00 30.28 ? 70  ILE A O   1 
ATOM   552 C  CB  . ILE A 1 73  ? -5.008  -9.044  2.295   1.00 31.13 ? 70  ILE A CB  1 
ATOM   553 C  CG1 . ILE A 1 73  ? -3.710  -8.248  2.565   1.00 30.92 ? 70  ILE A CG1 1 
ATOM   554 C  CG2 . ILE A 1 73  ? -5.944  -8.417  1.252   1.00 30.20 ? 70  ILE A CG2 1 
ATOM   555 C  CD1 . ILE A 1 73  ? -3.027  -7.691  1.384   1.00 33.75 ? 70  ILE A CD1 1 
ATOM   556 N  N   . THR A 1 74  ? -8.130  -9.187  3.727   1.00 30.73 ? 71  THR A N   1 
ATOM   557 C  CA  . THR A 1 74  ? -9.490  -9.680  3.565   1.00 31.38 ? 71  THR A CA  1 
ATOM   558 C  C   . THR A 1 74  ? -10.041 -9.078  2.301   1.00 31.66 ? 71  THR A C   1 
ATOM   559 O  O   . THR A 1 74  ? -9.914  -7.870  2.079   1.00 31.60 ? 71  THR A O   1 
ATOM   560 C  CB  . THR A 1 74  ? -10.385 -9.229  4.741   1.00 31.13 ? 71  THR A CB  1 
ATOM   561 O  OG1 . THR A 1 74  ? -9.765  -9.627  5.964   1.00 30.88 ? 71  THR A OG1 1 
ATOM   562 C  CG2 . THR A 1 74  ? -11.765 -9.846  4.643   1.00 32.19 ? 71  THR A CG2 1 
ATOM   563 N  N   . ILE A 1 75  ? -10.620 -9.927  1.465   1.00 31.30 ? 72  ILE A N   1 
ATOM   564 C  CA  . ILE A 1 75  ? -11.294 -9.479  0.257   1.00 32.01 ? 72  ILE A CA  1 
ATOM   565 C  C   . ILE A 1 75  ? -12.676 -10.113 0.303   1.00 32.46 ? 72  ILE A C   1 
ATOM   566 O  O   . ILE A 1 75  ? -12.796 -11.330 0.233   1.00 32.44 ? 72  ILE A O   1 
ATOM   567 C  CB  . ILE A 1 75  ? -10.534 -9.882  -1.039  1.00 31.57 ? 72  ILE A CB  1 
ATOM   568 C  CG1 . ILE A 1 75  ? -9.124  -9.282  -1.061  1.00 30.88 ? 72  ILE A CG1 1 
ATOM   569 C  CG2 . ILE A 1 75  ? -11.333 -9.469  -2.278  1.00 31.90 ? 72  ILE A CG2 1 
ATOM   570 C  CD1 . ILE A 1 75  ? -8.306  -9.676  -2.298  1.00 30.98 ? 72  ILE A CD1 1 
ATOM   571 N  N   . ASP A 1 76  ? -13.699 -9.273  0.463   1.00 33.74 ? 73  ASP A N   1 
ATOM   572 C  CA  . ASP A 1 76  ? -15.078 -9.720  0.745   1.00 35.60 ? 73  ASP A CA  1 
ATOM   573 C  C   . ASP A 1 76  ? -15.086 -10.606 1.992   1.00 36.16 ? 73  ASP A C   1 
ATOM   574 O  O   . ASP A 1 76  ? -14.894 -10.116 3.099   1.00 36.05 ? 73  ASP A O   1 
ATOM   575 C  CB  . ASP A 1 76  ? -15.693 -10.439 -0.459  1.00 35.59 ? 73  ASP A CB  1 
ATOM   576 C  CG  . ASP A 1 76  ? -17.212 -10.572 -0.360  1.00 38.29 ? 73  ASP A CG  1 
ATOM   577 O  OD1 . ASP A 1 76  ? -17.856 -9.904  0.494   1.00 40.19 ? 73  ASP A OD1 1 
ATOM   578 O  OD2 . ASP A 1 76  ? -17.764 -11.359 -1.157  1.00 39.25 ? 73  ASP A OD2 1 
ATOM   579 N  N   . GLN A 1 77  ? -15.266 -11.908 1.803   1.00 37.45 ? 74  GLN A N   1 
ATOM   580 C  CA  . GLN A 1 77  ? -15.285 -12.845 2.926   1.00 38.87 ? 74  GLN A CA  1 
ATOM   581 C  C   . GLN A 1 77  ? -13.906 -13.373 3.309   1.00 38.56 ? 74  GLN A C   1 
ATOM   582 O  O   . GLN A 1 77  ? -13.638 -13.600 4.494   1.00 39.54 ? 74  GLN A O   1 
ATOM   583 C  CB  . GLN A 1 77  ? -16.237 -14.017 2.640   1.00 39.47 ? 74  GLN A CB  1 
ATOM   584 C  CG  . GLN A 1 77  ? -15.758 -15.006 1.558   1.00 43.65 ? 74  GLN A CG  1 
ATOM   585 C  CD  . GLN A 1 77  ? -15.080 -16.251 2.150   1.00 47.72 ? 74  GLN A CD  1 
ATOM   586 O  OE1 . GLN A 1 77  ? -15.189 -17.348 1.598   1.00 49.70 ? 74  GLN A OE1 1 
ATOM   587 N  NE2 . GLN A 1 77  ? -14.388 -16.080 3.280   1.00 48.24 ? 74  GLN A NE2 1 
ATOM   588 N  N   . GLU A 1 78  ? -13.043 -13.549 2.308   1.00 37.28 ? 75  GLU A N   1 
ATOM   589 C  CA  . GLU A 1 78  ? -11.876 -14.419 2.401   1.00 36.02 ? 75  GLU A CA  1 
ATOM   590 C  C   . GLU A 1 78  ? -10.621 -13.711 2.911   1.00 34.63 ? 75  GLU A C   1 
ATOM   591 O  O   . GLU A 1 78  ? -10.387 -12.543 2.594   1.00 33.26 ? 75  GLU A O   1 
ATOM   592 C  CB  . GLU A 1 78  ? -11.617 -15.022 1.023   1.00 36.35 ? 75  GLU A CB  1 
ATOM   593 C  CG  . GLU A 1 78  ? -10.719 -16.239 1.022   1.00 38.95 ? 75  GLU A CG  1 
ATOM   594 C  CD  . GLU A 1 78  ? -10.787 -16.999 -0.281  1.00 43.56 ? 75  GLU A CD  1 
ATOM   595 O  OE1 . GLU A 1 78  ? -9.790  -17.687 -0.616  1.00 45.15 ? 75  GLU A OE1 1 
ATOM   596 O  OE2 . GLU A 1 78  ? -11.832 -16.912 -0.974  1.00 45.53 ? 75  GLU A OE2 1 
ATOM   597 N  N   . THR A 1 79  ? -9.815  -14.425 3.692   1.00 33.68 ? 76  THR A N   1 
ATOM   598 C  CA  . THR A 1 79  ? -8.521  -13.881 4.138   1.00 33.37 ? 76  THR A CA  1 
ATOM   599 C  C   . THR A 1 79  ? -7.323  -14.511 3.430   1.00 32.49 ? 76  THR A C   1 
ATOM   600 O  O   . THR A 1 79  ? -7.288  -15.707 3.166   1.00 32.28 ? 76  THR A O   1 
ATOM   601 C  CB  . THR A 1 79  ? -8.304  -13.954 5.682   1.00 33.42 ? 76  THR A CB  1 
ATOM   602 O  OG1 . THR A 1 79  ? -8.006  -15.299 6.069   1.00 35.38 ? 76  THR A OG1 1 
ATOM   603 C  CG2 . THR A 1 79  ? -9.519  -13.461 6.422   1.00 33.29 ? 76  THR A CG2 1 
ATOM   604 N  N   . TYR A 1 80  ? -6.337  -13.674 3.159   1.00 31.78 ? 77  TYR A N   1 
ATOM   605 C  CA  . TYR A 1 80  ? -5.128  -14.049 2.458   1.00 31.50 ? 77  TYR A CA  1 
ATOM   606 C  C   . TYR A 1 80  ? -3.986  -13.544 3.324   1.00 31.91 ? 77  TYR A C   1 
ATOM   607 O  O   . TYR A 1 80  ? -4.013  -12.401 3.786   1.00 31.77 ? 77  TYR A O   1 
ATOM   608 C  CB  . TYR A 1 80  ? -5.088  -13.333 1.093   1.00 31.05 ? 77  TYR A CB  1 
ATOM   609 C  CG  . TYR A 1 80  ? -6.304  -13.589 0.218   1.00 30.26 ? 77  TYR A CG  1 
ATOM   610 C  CD1 . TYR A 1 80  ? -6.262  -14.532 -0.810  1.00 30.00 ? 77  TYR A CD1 1 
ATOM   611 C  CD2 . TYR A 1 80  ? -7.502  -12.895 0.422   1.00 29.22 ? 77  TYR A CD2 1 
ATOM   612 C  CE1 . TYR A 1 80  ? -7.382  -14.768 -1.605  1.00 28.37 ? 77  TYR A CE1 1 
ATOM   613 C  CE2 . TYR A 1 80  ? -8.613  -13.138 -0.351  1.00 27.51 ? 77  TYR A CE2 1 
ATOM   614 C  CZ  . TYR A 1 80  ? -8.546  -14.067 -1.366  1.00 28.74 ? 77  TYR A CZ  1 
ATOM   615 O  OH  . TYR A 1 80  ? -9.654  -14.274 -2.147  1.00 30.18 ? 77  TYR A OH  1 
ATOM   616 N  N   . ARG A 1 81  ? -2.997  -14.387 3.575   1.00 31.92 ? 78  ARG A N   1 
ATOM   617 C  CA  . ARG A 1 81  ? -1.842  -13.928 4.330   1.00 32.65 ? 78  ARG A CA  1 
ATOM   618 C  C   . ARG A 1 81  ? -0.709  -13.674 3.356   1.00 31.91 ? 78  ARG A C   1 
ATOM   619 O  O   . ARG A 1 81  ? -0.203  -14.588 2.735   1.00 32.17 ? 78  ARG A O   1 
ATOM   620 C  CB  . ARG A 1 81  ? -1.442  -14.907 5.435   1.00 33.46 ? 78  ARG A CB  1 
ATOM   621 C  CG  . ARG A 1 81  ? -2.327  -14.831 6.680   1.00 35.66 ? 78  ARG A CG  1 
ATOM   622 C  CD  . ARG A 1 81  ? -3.299  -15.973 6.708   1.00 39.22 ? 78  ARG A CD  1 
ATOM   623 N  NE  . ARG A 1 81  ? -4.401  -15.768 7.650   1.00 41.21 ? 78  ARG A NE  1 
ATOM   624 C  CZ  . ARG A 1 81  ? -5.112  -16.759 8.186   1.00 42.01 ? 78  ARG A CZ  1 
ATOM   625 N  NH1 . ARG A 1 81  ? -4.820  -18.025 7.898   1.00 41.25 ? 78  ARG A NH1 1 
ATOM   626 N  NH2 . ARG A 1 81  ? -6.106  -16.488 9.024   1.00 42.83 ? 78  ARG A NH2 1 
ATOM   627 N  N   . VAL A 1 82  ? -0.359  -12.407 3.195   1.00 31.26 ? 79  VAL A N   1 
ATOM   628 C  CA  . VAL A 1 82  ? 0.564   -11.993 2.154   1.00 30.63 ? 79  VAL A CA  1 
ATOM   629 C  C   . VAL A 1 82  ? 1.910   -11.669 2.791   1.00 30.45 ? 79  VAL A C   1 
ATOM   630 O  O   . VAL A 1 82  ? 2.024   -10.728 3.581   1.00 30.62 ? 79  VAL A O   1 
ATOM   631 C  CB  . VAL A 1 82  ? -0.019  -10.815 1.334   1.00 30.97 ? 79  VAL A CB  1 
ATOM   632 C  CG1 . VAL A 1 82  ? 0.894   -10.456 0.143   1.00 30.16 ? 79  VAL A CG1 1 
ATOM   633 C  CG2 . VAL A 1 82  ? -1.426  -11.188 0.838   1.00 30.02 ? 79  VAL A CG2 1 
ATOM   634 N  N   . ALA A 1 83  ? 2.922   -12.462 2.438   1.00 30.41 ? 80  ALA A N   1 
ATOM   635 C  CA  . ALA A 1 83  ? 4.256   -12.383 3.067   1.00 30.01 ? 80  ALA A CA  1 
ATOM   636 C  C   . ALA A 1 83  ? 5.199   -11.518 2.243   1.00 30.24 ? 80  ALA A C   1 
ATOM   637 O  O   . ALA A 1 83  ? 4.834   -11.072 1.165   1.00 30.04 ? 80  ALA A O   1 
ATOM   638 C  CB  . ALA A 1 83  ? 4.824   -13.793 3.259   1.00 29.81 ? 80  ALA A CB  1 
ATOM   639 N  N   . GLU A 1 84  ? 6.415   -11.277 2.744   1.00 30.30 ? 81  GLU A N   1 
ATOM   640 C  CA  . GLU A 1 84  ? 7.412   -10.487 2.004   1.00 30.28 ? 81  GLU A CA  1 
ATOM   641 C  C   . GLU A 1 84  ? 7.631   -11.063 0.606   1.00 29.16 ? 81  GLU A C   1 
ATOM   642 O  O   . GLU A 1 84  ? 7.819   -12.269 0.444   1.00 27.82 ? 81  GLU A O   1 
ATOM   643 C  CB  . GLU A 1 84  ? 8.727   -10.430 2.776   1.00 30.82 ? 81  GLU A CB  1 
ATOM   644 C  CG  . GLU A 1 84  ? 9.886   -9.790  2.019   1.00 32.66 ? 81  GLU A CG  1 
ATOM   645 C  CD  . GLU A 1 84  ? 11.161  -9.759  2.836   1.00 34.10 ? 81  GLU A CD  1 
ATOM   646 O  OE1 . GLU A 1 84  ? 11.136  -10.179 4.021   1.00 40.57 ? 81  GLU A OE1 1 
ATOM   647 O  OE2 . GLU A 1 84  ? 12.195  -9.321  2.297   1.00 38.46 ? 81  GLU A OE2 1 
ATOM   648 N  N   . GLY A 1 85  ? 7.599   -10.204 -0.407  1.00 27.66 ? 82  GLY A N   1 
ATOM   649 C  CA  . GLY A 1 85  ? 7.806   -10.671 -1.776  1.00 27.01 ? 82  GLY A CA  1 
ATOM   650 C  C   . GLY A 1 85  ? 6.548   -11.151 -2.494  1.00 26.77 ? 82  GLY A C   1 
ATOM   651 O  O   . GLY A 1 85  ? 6.607   -11.583 -3.648  1.00 26.74 ? 82  GLY A O   1 
ATOM   652 N  N   . GLN A 1 86  ? 5.411   -11.092 -1.812  1.00 26.60 ? 83  GLN A N   1 
ATOM   653 C  CA  . GLN A 1 86  ? 4.166   -11.541 -2.397  1.00 26.75 ? 83  GLN A CA  1 
ATOM   654 C  C   . GLN A 1 86  ? 3.271   -10.367 -2.717  1.00 26.48 ? 83  GLN A C   1 
ATOM   655 O  O   . GLN A 1 86  ? 3.370   -9.304  -2.112  1.00 25.81 ? 83  GLN A O   1 
ATOM   656 C  CB  . GLN A 1 86  ? 3.446   -12.550 -1.501  1.00 26.94 ? 83  GLN A CB  1 
ATOM   657 C  CG  . GLN A 1 86  ? 4.223   -13.849 -1.271  1.00 26.45 ? 83  GLN A CG  1 
ATOM   658 C  CD  . GLN A 1 86  ? 3.534   -14.766 -0.294  1.00 28.18 ? 83  GLN A CD  1 
ATOM   659 O  OE1 . GLN A 1 86  ? 2.673   -14.340 0.485   1.00 28.98 ? 83  GLN A OE1 1 
ATOM   660 N  NE2 . GLN A 1 86  ? 3.896   -16.042 -0.330  1.00 30.81 ? 83  GLN A NE2 1 
ATOM   661 N  N   . THR A 1 87  ? 2.387   -10.586 -3.686  1.00 27.17 ? 84  THR A N   1 
ATOM   662 C  CA  . THR A 1 87  ? 1.531   -9.563  -4.217  1.00 27.36 ? 84  THR A CA  1 
ATOM   663 C  C   . THR A 1 87  ? 0.089   -10.068 -4.356  1.00 27.27 ? 84  THR A C   1 
ATOM   664 O  O   . THR A 1 87  ? -0.153  -11.251 -4.636  1.00 27.46 ? 84  THR A O   1 
ATOM   665 C  CB  . THR A 1 87  ? 2.071   -9.121  -5.630  1.00 28.49 ? 84  THR A CB  1 
ATOM   666 O  OG1 . THR A 1 87  ? 3.268   -8.364  -5.465  1.00 27.56 ? 84  THR A OG1 1 
ATOM   667 C  CG2 . THR A 1 87  ? 1.061   -8.293  -6.388  1.00 27.59 ? 84  THR A CG2 1 
ATOM   668 N  N   . ILE A 1 88  ? -0.862  -9.163  -4.187  1.00 26.06 ? 85  ILE A N   1 
ATOM   669 C  CA  . ILE A 1 88  ? -2.269  -9.479  -4.423  1.00 26.27 ? 85  ILE A CA  1 
ATOM   670 C  C   . ILE A 1 88  ? -2.983  -8.276  -5.014  1.00 26.76 ? 85  ILE A C   1 
ATOM   671 O  O   . ILE A 1 88  ? -2.717  -7.165  -4.611  1.00 26.97 ? 85  ILE A O   1 
ATOM   672 C  CB  . ILE A 1 88  ? -2.983  -9.985  -3.121  1.00 25.77 ? 85  ILE A CB  1 
ATOM   673 C  CG1 . ILE A 1 88  ? -4.394  -10.530 -3.422  1.00 25.41 ? 85  ILE A CG1 1 
ATOM   674 C  CG2 . ILE A 1 88  ? -2.973  -8.916  -1.987  1.00 25.84 ? 85  ILE A CG2 1 
ATOM   675 C  CD1 . ILE A 1 88  ? -4.883  -11.468 -2.336  1.00 22.33 ? 85  ILE A CD1 1 
ATOM   676 N  N   . VAL A 1 89  ? -3.889  -8.513  -5.964  1.00 27.67 ? 86  VAL A N   1 
ATOM   677 C  CA  . VAL A 1 89  ? -4.713  -7.462  -6.522  1.00 28.60 ? 86  VAL A CA  1 
ATOM   678 C  C   . VAL A 1 89  ? -6.092  -7.592  -5.919  1.00 29.32 ? 86  VAL A C   1 
ATOM   679 O  O   . VAL A 1 89  ? -6.773  -8.614  -6.106  1.00 28.68 ? 86  VAL A O   1 
ATOM   680 C  CB  . VAL A 1 89  ? -4.805  -7.539  -8.078  1.00 29.03 ? 86  VAL A CB  1 
ATOM   681 C  CG1 . VAL A 1 89  ? -5.651  -6.407  -8.627  1.00 28.25 ? 86  VAL A CG1 1 
ATOM   682 C  CG2 . VAL A 1 89  ? -3.390  -7.524  -8.705  1.00 28.02 ? 86  VAL A CG2 1 
HETATM 683 N  N   . MSE A 1 90  ? -6.484  -6.565  -5.168  1.00 29.73 ? 87  MSE A N   1 
HETATM 684 C  CA  . MSE A 1 90  ? -7.794  -6.530  -4.530  1.00 31.02 ? 87  MSE A CA  1 
HETATM 685 C  C   . MSE A 1 90  ? -8.733  -5.842  -5.508  1.00 30.25 ? 87  MSE A C   1 
HETATM 686 O  O   . MSE A 1 90  ? -8.545  -4.654  -5.814  1.00 31.14 ? 87  MSE A O   1 
HETATM 687 C  CB  . MSE A 1 90  ? -7.721  -5.782  -3.197  1.00 30.64 ? 87  MSE A CB  1 
HETATM 688 C  CG  . MSE A 1 90  ? -6.521  -6.176  -2.342  1.00 31.28 ? 87  MSE A CG  1 
HETATM 689 SE SE  . MSE A 1 90  ? -6.448  -5.248  -0.626  0.91 35.25 ? 87  MSE A SE  1 
HETATM 690 C  CE  . MSE A 1 90  ? -6.095  -3.394  -1.270  1.00 26.27 ? 87  MSE A CE  1 
ATOM   691 N  N   . PRO A 1 91  ? -9.731  -6.584  -6.026  1.00 30.12 ? 88  PRO A N   1 
ATOM   692 C  CA  . PRO A 1 91  ? -10.594 -6.092  -7.120  1.00 30.07 ? 88  PRO A CA  1 
ATOM   693 C  C   . PRO A 1 91  ? -11.477 -4.879  -6.787  1.00 29.49 ? 88  PRO A C   1 
ATOM   694 O  O   . PRO A 1 91  ? -11.971 -4.745  -5.659  1.00 28.55 ? 88  PRO A O   1 
ATOM   695 C  CB  . PRO A 1 91  ? -11.449 -7.314  -7.471  1.00 30.16 ? 88  PRO A CB  1 
ATOM   696 C  CG  . PRO A 1 91  ? -11.463 -8.139  -6.205  1.00 31.13 ? 88  PRO A CG  1 
ATOM   697 C  CD  . PRO A 1 91  ? -10.084 -7.960  -5.621  1.00 29.96 ? 88  PRO A CD  1 
ATOM   698 N  N   . ALA A 1 92  ? -11.651 -4.007  -7.781  1.00 29.26 ? 89  ALA A N   1 
ATOM   699 C  CA  . ALA A 1 92  ? -12.482 -2.806  -7.662  1.00 29.58 ? 89  ALA A CA  1 
ATOM   700 C  C   . ALA A 1 92  ? -13.877 -3.145  -7.164  1.00 29.90 ? 89  ALA A C   1 
ATOM   701 O  O   . ALA A 1 92  ? -14.454 -4.164  -7.557  1.00 29.85 ? 89  ALA A O   1 
ATOM   702 C  CB  . ALA A 1 92  ? -12.575 -2.076  -9.020  1.00 29.44 ? 89  ALA A CB  1 
ATOM   703 N  N   . GLY A 1 93  ? -14.399 -2.306  -6.276  1.00 29.91 ? 90  GLY A N   1 
ATOM   704 C  CA  . GLY A 1 93  ? -15.800 -2.425  -5.839  1.00 30.47 ? 90  GLY A CA  1 
ATOM   705 C  C   . GLY A 1 93  ? -16.110 -3.509  -4.826  1.00 30.37 ? 90  GLY A C   1 
ATOM   706 O  O   . GLY A 1 93  ? -17.262 -3.648  -4.405  1.00 30.56 ? 90  GLY A O   1 
ATOM   707 N  N   . ILE A 1 94  ? -15.092 -4.284  -4.446  1.00 29.60 ? 91  ILE A N   1 
ATOM   708 C  CA  . ILE A 1 94  ? -15.239 -5.368  -3.471  1.00 28.97 ? 91  ILE A CA  1 
ATOM   709 C  C   . ILE A 1 94  ? -14.575 -4.923  -2.167  1.00 29.41 ? 91  ILE A C   1 
ATOM   710 O  O   . ILE A 1 94  ? -13.417 -4.456  -2.190  1.00 29.01 ? 91  ILE A O   1 
ATOM   711 C  CB  . ILE A 1 94  ? -14.604 -6.710  -3.980  1.00 29.41 ? 91  ILE A CB  1 
ATOM   712 C  CG1 . ILE A 1 94  ? -15.161 -7.120  -5.352  1.00 28.18 ? 91  ILE A CG1 1 
ATOM   713 C  CG2 . ILE A 1 94  ? -14.786 -7.851  -2.950  1.00 27.63 ? 91  ILE A CG2 1 
ATOM   714 C  CD1 . ILE A 1 94  ? -16.601 -7.579  -5.306  1.00 32.16 ? 91  ILE A CD1 1 
ATOM   715 N  N   . PRO A 1 95  ? -15.315 -5.000  -1.033  1.00 29.23 ? 92  PRO A N   1 
ATOM   716 C  CA  . PRO A 1 95  ? -14.708 -4.602  0.231   1.00 29.05 ? 92  PRO A CA  1 
ATOM   717 C  C   . PRO A 1 95  ? -13.435 -5.387  0.567   1.00 28.93 ? 92  PRO A C   1 
ATOM   718 O  O   . PRO A 1 95  ? -13.361 -6.599  0.336   1.00 29.32 ? 92  PRO A O   1 
ATOM   719 C  CB  . PRO A 1 95  ? -15.821 -4.866  1.259   1.00 28.97 ? 92  PRO A CB  1 
ATOM   720 C  CG  . PRO A 1 95  ? -17.079 -4.740  0.473   1.00 29.83 ? 92  PRO A CG  1 
ATOM   721 C  CD  . PRO A 1 95  ? -16.732 -5.374  -0.857  1.00 29.13 ? 92  PRO A CD  1 
ATOM   722 N  N   . HIS A 1 96  ? -12.450 -4.668  1.086   1.00 28.41 ? 93  HIS A N   1 
ATOM   723 C  CA  . HIS A 1 96  ? -11.196 -5.244  1.557   1.00 28.48 ? 93  HIS A CA  1 
ATOM   724 C  C   . HIS A 1 96  ? -10.730 -4.551  2.827   1.00 28.63 ? 93  HIS A C   1 
ATOM   725 O  O   . HIS A 1 96  ? -11.141 -3.427  3.137   1.00 28.13 ? 93  HIS A O   1 
ATOM   726 C  CB  . HIS A 1 96  ? -10.089 -5.205  0.477   1.00 27.88 ? 93  HIS A CB  1 
ATOM   727 C  CG  . HIS A 1 96  ? -9.949  -3.882  -0.219  1.00 29.07 ? 93  HIS A CG  1 
ATOM   728 N  ND1 . HIS A 1 96  ? -9.401  -2.770  0.385   1.00 29.65 ? 93  HIS A ND1 1 
ATOM   729 C  CD2 . HIS A 1 96  ? -10.262 -3.505  -1.481  1.00 29.48 ? 93  HIS A CD2 1 
ATOM   730 C  CE1 . HIS A 1 96  ? -9.399  -1.760  -0.468  1.00 30.39 ? 93  HIS A CE1 1 
ATOM   731 N  NE2 . HIS A 1 96  ? -9.925  -2.176  -1.606  1.00 31.98 ? 93  HIS A NE2 1 
ATOM   732 N  N   . ALA A 1 97  ? -9.880  -5.252  3.559   1.00 28.80 ? 94  ALA A N   1 
ATOM   733 C  CA  . ALA A 1 97  ? -9.292  -4.749  4.787   1.00 29.21 ? 94  ALA A CA  1 
ATOM   734 C  C   . ALA A 1 97  ? -7.900  -5.328  4.899   1.00 28.93 ? 94  ALA A C   1 
ATOM   735 O  O   . ALA A 1 97  ? -7.593  -6.341  4.253   1.00 29.34 ? 94  ALA A O   1 
ATOM   736 C  CB  . ALA A 1 97  ? -10.157 -5.132  5.998   1.00 29.18 ? 94  ALA A CB  1 
ATOM   737 N  N   . LEU A 1 98  ? -7.056  -4.691  5.707   1.00 29.04 ? 95  LEU A N   1 
ATOM   738 C  CA  . LEU A 1 98  ? -5.687  -5.157  5.918   1.00 29.10 ? 95  LEU A CA  1 
ATOM   739 C  C   . LEU A 1 98  ? -5.347  -5.116  7.414   1.00 29.64 ? 95  LEU A C   1 
ATOM   740 O  O   . LEU A 1 98  ? -5.607  -4.109  8.079   1.00 29.81 ? 95  LEU A O   1 
ATOM   741 C  CB  . LEU A 1 98  ? -4.672  -4.307  5.112   1.00 29.26 ? 95  LEU A CB  1 
ATOM   742 C  CG  . LEU A 1 98  ? -4.831  -4.175  3.569   1.00 29.70 ? 95  LEU A CG  1 
ATOM   743 C  CD1 . LEU A 1 98  ? -5.814  -3.061  3.145   1.00 30.56 ? 95  LEU A CD1 1 
ATOM   744 C  CD2 . LEU A 1 98  ? -3.503  -3.966  2.870   1.00 28.63 ? 95  LEU A CD2 1 
ATOM   745 N  N   . TYR A 1 99  ? -4.797  -6.216  7.937   1.00 29.08 ? 96  TYR A N   1 
ATOM   746 C  CA  . TYR A 1 99  ? -4.376  -6.286  9.322   1.00 29.07 ? 96  TYR A CA  1 
ATOM   747 C  C   . TYR A 1 99  ? -2.902  -6.667  9.396   1.00 28.40 ? 96  TYR A C   1 
ATOM   748 O  O   . TYR A 1 99  ? -2.453  -7.610  8.723   1.00 28.26 ? 96  TYR A O   1 
ATOM   749 C  CB  . TYR A 1 99  ? -5.240  -7.279  10.107  1.00 29.74 ? 96  TYR A CB  1 
ATOM   750 C  CG  . TYR A 1 99  ? -4.775  -7.523  11.520  1.00 31.47 ? 96  TYR A CG  1 
ATOM   751 C  CD1 . TYR A 1 99  ? -4.951  -6.554  12.508  1.00 31.45 ? 96  TYR A CD1 1 
ATOM   752 C  CD2 . TYR A 1 99  ? -4.162  -8.725  11.871  1.00 32.44 ? 96  TYR A CD2 1 
ATOM   753 C  CE1 . TYR A 1 99  ? -4.537  -6.770  13.809  1.00 32.48 ? 96  TYR A CE1 1 
ATOM   754 C  CE2 . TYR A 1 99  ? -3.744  -8.957  13.177  1.00 33.67 ? 96  TYR A CE2 1 
ATOM   755 C  CZ  . TYR A 1 99  ? -3.939  -7.980  14.140  1.00 32.29 ? 96  TYR A CZ  1 
ATOM   756 O  OH  . TYR A 1 99  ? -3.508  -8.194  15.422  1.00 32.04 ? 96  TYR A OH  1 
ATOM   757 N  N   . ALA A 1 100 ? -2.145  -5.914  10.190  1.00 27.87 ? 97  ALA A N   1 
ATOM   758 C  CA  . ALA A 1 100 ? -0.711  -6.157  10.332  1.00 27.89 ? 97  ALA A CA  1 
ATOM   759 C  C   . ALA A 1 100 ? -0.480  -7.315  11.307  1.00 27.99 ? 97  ALA A C   1 
ATOM   760 O  O   . ALA A 1 100 ? -0.387  -7.117  12.517  1.00 27.75 ? 97  ALA A O   1 
ATOM   761 C  CB  . ALA A 1 100 ? 0.009   -4.879  10.800  1.00 27.35 ? 97  ALA A CB  1 
ATOM   762 N  N   . VAL A 1 101 ? -0.429  -8.530  10.778  1.00 28.47 ? 98  VAL A N   1 
ATOM   763 C  CA  . VAL A 1 101 ? -0.075  -9.707  11.580  1.00 29.29 ? 98  VAL A CA  1 
ATOM   764 C  C   . VAL A 1 101 ? 1.275   -9.510  12.275  1.00 29.81 ? 98  VAL A C   1 
ATOM   765 O  O   . VAL A 1 101 ? 1.432   -9.807  13.471  1.00 29.92 ? 98  VAL A O   1 
ATOM   766 C  CB  . VAL A 1 101 ? -0.031  -10.986 10.730  1.00 29.37 ? 98  VAL A CB  1 
ATOM   767 C  CG1 . VAL A 1 101 ? 0.329   -12.200 11.617  1.00 29.68 ? 98  VAL A CG1 1 
ATOM   768 C  CG2 . VAL A 1 101 ? -1.365  -11.208 10.063  1.00 30.12 ? 98  VAL A CG2 1 
ATOM   769 N  N   . GLU A 1 102 ? 2.244   -9.035  11.500  1.00 30.17 ? 99  GLU A N   1 
ATOM   770 C  CA  . GLU A 1 102 ? 3.504   -8.520  12.021  1.00 30.86 ? 99  GLU A CA  1 
ATOM   771 C  C   . GLU A 1 102 ? 3.578   -7.119  11.453  1.00 30.12 ? 99  GLU A C   1 
ATOM   772 O  O   . GLU A 1 102 ? 2.789   -6.777  10.566  1.00 29.96 ? 99  GLU A O   1 
ATOM   773 C  CB  . GLU A 1 102 ? 4.692   -9.311  11.486  1.00 31.13 ? 99  GLU A CB  1 
ATOM   774 C  CG  . GLU A 1 102 ? 4.542   -10.807 11.511  1.00 35.65 ? 99  GLU A CG  1 
ATOM   775 C  CD  . GLU A 1 102 ? 5.708   -11.507 10.839  1.00 41.10 ? 99  GLU A CD  1 
ATOM   776 O  OE1 . GLU A 1 102 ? 6.513   -10.830 10.151  1.00 45.27 ? 99  GLU A OE1 1 
ATOM   777 O  OE2 . GLU A 1 102 ? 5.811   -12.741 10.979  1.00 44.23 ? 99  GLU A OE2 1 
ATOM   778 N  N   . ALA A 1 103 ? 4.514   -6.317  11.938  1.00 29.16 ? 100 ALA A N   1 
ATOM   779 C  CA  . ALA A 1 103 ? 4.813   -5.043  11.287  1.00 29.34 ? 100 ALA A CA  1 
ATOM   780 C  C   . ALA A 1 103 ? 5.081   -5.357  9.809   1.00 29.03 ? 100 ALA A C   1 
ATOM   781 O  O   . ALA A 1 103 ? 5.743   -6.348  9.478   1.00 29.22 ? 100 ALA A O   1 
ATOM   782 C  CB  . ALA A 1 103 ? 6.024   -4.374  11.928  1.00 29.07 ? 100 ALA A CB  1 
ATOM   783 N  N   . PHE A 1 104 ? 4.516   -4.558  8.917   1.00 28.21 ? 101 PHE A N   1 
ATOM   784 C  CA  . PHE A 1 104 ? 4.787   -4.764  7.509   1.00 27.10 ? 101 PHE A CA  1 
ATOM   785 C  C   . PHE A 1 104 ? 4.900   -3.437  6.767   1.00 26.65 ? 101 PHE A C   1 
ATOM   786 O  O   . PHE A 1 104 ? 4.464   -2.391  7.275   1.00 26.14 ? 101 PHE A O   1 
ATOM   787 C  CB  . PHE A 1 104 ? 3.756   -5.732  6.891   1.00 26.68 ? 101 PHE A CB  1 
ATOM   788 C  CG  . PHE A 1 104 ? 2.401   -5.114  6.582   1.00 27.97 ? 101 PHE A CG  1 
ATOM   789 C  CD1 . PHE A 1 104 ? 2.173   -4.476  5.363   1.00 27.59 ? 101 PHE A CD1 1 
ATOM   790 C  CD2 . PHE A 1 104 ? 1.337   -5.233  7.479   1.00 27.39 ? 101 PHE A CD2 1 
ATOM   791 C  CE1 . PHE A 1 104 ? 0.917   -3.931  5.046   1.00 26.56 ? 101 PHE A CE1 1 
ATOM   792 C  CE2 . PHE A 1 104 ? 0.077   -4.690  7.179   1.00 24.69 ? 101 PHE A CE2 1 
ATOM   793 C  CZ  . PHE A 1 104 ? -0.128  -4.029  5.949   1.00 26.68 ? 101 PHE A CZ  1 
ATOM   794 N  N   . GLN A 1 105 ? 5.526   -3.499  5.589   1.00 26.12 ? 102 GLN A N   1 
ATOM   795 C  CA  . GLN A 1 105 ? 5.642   -2.367  4.657   1.00 25.07 ? 102 GLN A CA  1 
ATOM   796 C  C   . GLN A 1 105 ? 5.122   -2.862  3.325   1.00 25.50 ? 102 GLN A C   1 
ATOM   797 O  O   . GLN A 1 105 ? 5.336   -4.047  2.977   1.00 24.98 ? 102 GLN A O   1 
ATOM   798 C  CB  . GLN A 1 105 ? 7.100   -1.929  4.517   1.00 23.72 ? 102 GLN A CB  1 
ATOM   799 C  CG  . GLN A 1 105 ? 7.657   -1.274  5.779   1.00 24.84 ? 102 GLN A CG  1 
ATOM   800 C  CD  . GLN A 1 105 ? 9.136   -1.420  5.882   1.00 24.63 ? 102 GLN A CD  1 
ATOM   801 O  OE1 . GLN A 1 105 ? 9.669   -2.520  5.725   1.00 25.44 ? 102 GLN A OE1 1 
ATOM   802 N  NE2 . GLN A 1 105 ? 9.820   -0.324  6.118   1.00 24.02 ? 102 GLN A NE2 1 
HETATM 803 N  N   . MSE A 1 106 ? 4.427   -1.982  2.598   1.00 25.26 ? 103 MSE A N   1 
HETATM 804 C  CA  . MSE A 1 106 ? 3.835   -2.318  1.309   1.00 26.54 ? 103 MSE A CA  1 
HETATM 805 C  C   . MSE A 1 106 ? 3.867   -1.191  0.292   1.00 26.08 ? 103 MSE A C   1 
HETATM 806 O  O   . MSE A 1 106 ? 3.893   -0.004  0.650   1.00 24.70 ? 103 MSE A O   1 
HETATM 807 C  CB  . MSE A 1 106 ? 2.371   -2.749  1.479   1.00 27.04 ? 103 MSE A CB  1 
HETATM 808 C  CG  . MSE A 1 106 ? 1.472   -1.703  2.074   1.00 26.72 ? 103 MSE A CG  1 
HETATM 809 SE SE  . MSE A 1 106 ? -0.419  -2.194  1.722   0.85 32.21 ? 103 MSE A SE  1 
HETATM 810 C  CE  . MSE A 1 106 ? -1.224  -0.995  2.938   1.00 29.92 ? 103 MSE A CE  1 
ATOM   811 N  N   . LEU A 1 107 ? 3.881   -1.574  -0.979  1.00 25.41 ? 104 LEU A N   1 
ATOM   812 C  CA  . LEU A 1 107 ? 3.627   -0.630  -2.042  1.00 25.97 ? 104 LEU A CA  1 
ATOM   813 C  C   . LEU A 1 107 ? 2.179   -0.889  -2.462  1.00 25.49 ? 104 LEU A C   1 
ATOM   814 O  O   . LEU A 1 107 ? 1.793   -2.025  -2.714  1.00 24.93 ? 104 LEU A O   1 
ATOM   815 C  CB  . LEU A 1 107 ? 4.588   -0.839  -3.224  1.00 24.95 ? 104 LEU A CB  1 
ATOM   816 C  CG  . LEU A 1 107 ? 4.272   0.005   -4.466  1.00 25.06 ? 104 LEU A CG  1 
ATOM   817 C  CD1 . LEU A 1 107 ? 4.462   1.528   -4.238  1.00 24.14 ? 104 LEU A CD1 1 
ATOM   818 C  CD2 . LEU A 1 107 ? 5.137   -0.470  -5.621  1.00 29.19 ? 104 LEU A CD2 1 
ATOM   819 N  N   . LEU A 1 108 ? 1.391   0.176   -2.507  1.00 26.67 ? 105 LEU A N   1 
ATOM   820 C  CA  . LEU A 1 108 ? -0.007  0.117   -2.877  1.00 26.35 ? 105 LEU A CA  1 
ATOM   821 C  C   . LEU A 1 108 ? -0.242  0.951   -4.137  1.00 26.81 ? 105 LEU A C   1 
ATOM   822 O  O   . LEU A 1 108 ? -0.014  2.156   -4.149  1.00 28.20 ? 105 LEU A O   1 
ATOM   823 C  CB  . LEU A 1 108 ? -0.877  0.603   -1.697  1.00 26.42 ? 105 LEU A CB  1 
ATOM   824 C  CG  . LEU A 1 108 ? -2.377  0.730   -1.998  1.00 27.81 ? 105 LEU A CG  1 
ATOM   825 C  CD1 . LEU A 1 108 ? -2.997  -0.661  -2.165  1.00 26.58 ? 105 LEU A CD1 1 
ATOM   826 C  CD2 . LEU A 1 108 ? -3.119  1.543   -0.909  1.00 28.36 ? 105 LEU A CD2 1 
ATOM   827 N  N   . VAL A 1 109 ? -0.678  0.294   -5.211  1.00 25.94 ? 106 VAL A N   1 
ATOM   828 C  CA  . VAL A 1 109 ? -0.924  0.962   -6.463  1.00 25.85 ? 106 VAL A CA  1 
ATOM   829 C  C   . VAL A 1 109 ? -2.427  0.790   -6.765  1.00 25.46 ? 106 VAL A C   1 
ATOM   830 O  O   . VAL A 1 109 ? -2.915  -0.324  -6.956  1.00 25.03 ? 106 VAL A O   1 
ATOM   831 C  CB  . VAL A 1 109 ? -0.035  0.403   -7.606  1.00 24.84 ? 106 VAL A CB  1 
ATOM   832 C  CG1 . VAL A 1 109 ? -0.376  1.081   -8.917  1.00 26.73 ? 106 VAL A CG1 1 
ATOM   833 C  CG2 . VAL A 1 109 ? 1.464   0.600   -7.273  1.00 24.93 ? 106 VAL A CG2 1 
ATOM   834 N  N   . VAL A 1 110 ? -3.155  1.899   -6.757  1.00 25.79 ? 107 VAL A N   1 
ATOM   835 C  CA  . VAL A 1 110 ? -4.596  1.843   -6.987  1.00 24.90 ? 107 VAL A CA  1 
ATOM   836 C  C   . VAL A 1 110 ? -4.962  2.471   -8.322  1.00 26.62 ? 107 VAL A C   1 
ATOM   837 O  O   . VAL A 1 110 ? -4.897  3.716   -8.494  1.00 26.75 ? 107 VAL A O   1 
ATOM   838 C  CB  . VAL A 1 110 ? -5.418  2.508   -5.830  1.00 25.65 ? 107 VAL A CB  1 
ATOM   839 C  CG1 . VAL A 1 110 ? -6.950  2.337   -6.072  1.00 22.58 ? 107 VAL A CG1 1 
ATOM   840 C  CG2 . VAL A 1 110 ? -5.000  1.960   -4.464  1.00 24.43 ? 107 VAL A CG2 1 
ATOM   841 N  N   . VAL A 1 111 ? -5.408  1.611   -9.245  1.00 26.12 ? 108 VAL A N   1 
ATOM   842 C  CA  . VAL A 1 111 ? -5.664  2.030   -10.596 1.00 26.40 ? 108 VAL A CA  1 
ATOM   843 C  C   . VAL A 1 111 ? -7.173  2.199   -10.797 1.00 27.02 ? 108 VAL A C   1 
ATOM   844 O  O   . VAL A 1 111 ? -7.931  1.227   -10.775 1.00 25.46 ? 108 VAL A O   1 
ATOM   845 C  CB  . VAL A 1 111 ? -5.001  1.087   -11.636 1.00 26.15 ? 108 VAL A CB  1 
ATOM   846 C  CG1 . VAL A 1 111 ? -5.227  1.636   -13.051 1.00 26.45 ? 108 VAL A CG1 1 
ATOM   847 C  CG2 . VAL A 1 111 ? -3.459  0.951   -11.341 1.00 24.88 ? 108 VAL A CG2 1 
ATOM   848 N  N   . LYS A 1 112 ? -7.581  3.450   -10.952 1.00 27.94 ? 109 LYS A N   1 
ATOM   849 C  CA  . LYS A 1 112 ? -9.011  3.810   -11.009 1.00 29.53 ? 109 LYS A CA  1 
ATOM   850 C  C   . LYS A 1 112 ? -9.448  4.133   -12.432 1.00 29.75 ? 109 LYS A C   1 
ATOM   851 O  O   . LYS A 1 112 ? -8.597  4.352   -13.294 1.00 29.22 ? 109 LYS A O   1 
ATOM   852 C  CB  . LYS A 1 112 ? -9.288  4.998   -10.071 1.00 29.11 ? 109 LYS A CB  1 
ATOM   853 C  CG  . LYS A 1 112 ? -9.241  4.599   -8.605  1.00 30.45 ? 109 LYS A CG  1 
ATOM   854 C  CD  . LYS A 1 112 ? -9.269  5.805   -7.657  1.00 32.40 ? 109 LYS A CD  1 
ATOM   855 C  CE  . LYS A 1 112 ? -7.854  6.259   -7.333  1.00 36.82 ? 109 LYS A CE  1 
ATOM   856 N  NZ  . LYS A 1 112 ? -7.816  7.542   -6.564  1.00 38.51 ? 109 LYS A NZ  1 
ATOM   857 N  N   . PRO A 1 113 ? -10.778 4.151   -12.687 1.00 30.85 ? 110 PRO A N   1 
ATOM   858 C  CA  . PRO A 1 113 ? -11.293 4.510   -14.010 1.00 32.20 ? 110 PRO A CA  1 
ATOM   859 C  C   . PRO A 1 113 ? -10.697 5.820   -14.506 1.00 33.90 ? 110 PRO A C   1 
ATOM   860 O  O   . PRO A 1 113 ? -10.562 6.784   -13.736 1.00 34.01 ? 110 PRO A O   1 
ATOM   861 C  CB  . PRO A 1 113 ? -12.802 4.688   -13.776 1.00 31.70 ? 110 PRO A CB  1 
ATOM   862 C  CG  . PRO A 1 113 ? -13.108 3.806   -12.637 1.00 31.26 ? 110 PRO A CG  1 
ATOM   863 C  CD  . PRO A 1 113 ? -11.869 3.823   -11.750 1.00 29.95 ? 110 PRO A CD  1 
ATOM   864 N  N   . GLU A 1 114 ? -10.320 5.827   -15.777 1.00 35.54 ? 111 GLU A N   1 
ATOM   865 C  CA  . GLU A 1 114 ? -9.858  7.026   -16.459 1.00 38.19 ? 111 GLU A CA  1 
ATOM   866 C  C   . GLU A 1 114 ? -10.900 8.173   -16.460 1.00 38.22 ? 111 GLU A C   1 
ATOM   867 O  O   . GLU A 1 114 ? -12.099 7.937   -16.627 1.00 39.04 ? 111 GLU A O   1 
ATOM   868 C  CB  . GLU A 1 114 ? -9.468  6.665   -17.896 1.00 38.17 ? 111 GLU A CB  1 
ATOM   869 C  CG  . GLU A 1 114 ? -7.996  6.406   -18.091 1.00 39.77 ? 111 GLU A CG  1 
ATOM   870 C  CD  . GLU A 1 114 ? -7.631  6.204   -19.561 1.00 40.50 ? 111 GLU A CD  1 
ATOM   871 O  OE1 . GLU A 1 114 ? -6.808  6.985   -20.098 1.00 43.90 ? 111 GLU A OE1 1 
ATOM   872 O  OE2 . GLU A 1 114 ? -8.168  5.267   -20.190 1.00 43.96 ? 111 GLU A OE2 1 
ATOM   873 N  N   . ALA A 1 115 ? -10.449 9.412   -16.264 0.58 38.96 ? 112 ALA A N   1 
ATOM   874 C  CA  . ALA A 1 115 ? -9.040  9.705   -16.016 0.58 39.06 ? 112 ALA A CA  1 
ATOM   875 C  C   . ALA A 1 115 ? -8.836  10.960  -15.167 0.58 39.36 ? 112 ALA A C   1 
ATOM   876 O  O   . ALA A 1 115 ? -9.278  11.026  -14.020 0.58 39.59 ? 112 ALA A O   1 
ATOM   877 C  CB  . ALA A 1 115 ? -8.285  9.807   -17.319 0.58 39.36 ? 112 ALA A CB  1 
ATOM   878 O  OXT . ALA A 1 115 ? -8.215  11.936  -15.580 0.58 39.49 ? 112 ALA A OXT 1 
HETATM 879 O  O   . HOH B 2 .   ? 2.070   -3.099  -5.681  1.00 26.18 ? 113 HOH A O   1 
HETATM 880 O  O   . HOH B 2 .   ? -12.444 -2.224  -3.497  1.00 26.53 ? 114 HOH A O   1 
HETATM 881 O  O   . HOH B 2 .   ? 15.159  7.686   -7.410  1.00 23.47 ? 115 HOH A O   1 
HETATM 882 O  O   . HOH B 2 .   ? 1.114   10.118  2.880   1.00 27.59 ? 116 HOH A O   1 
HETATM 883 O  O   . HOH B 2 .   ? -2.173  4.331   -3.173  1.00 28.10 ? 117 HOH A O   1 
HETATM 884 O  O   . HOH B 2 .   ? 5.478   -10.042 -5.782  1.00 27.44 ? 118 HOH A O   1 
HETATM 885 O  O   . HOH B 2 .   ? -4.644  0.839   13.299  1.00 26.08 ? 119 HOH A O   1 
HETATM 886 O  O   . HOH B 2 .   ? 13.714  9.653   -1.191  1.00 37.66 ? 120 HOH A O   1 
HETATM 887 O  O   . HOH B 2 .   ? -7.834  -8.471  7.153   1.00 26.77 ? 121 HOH A O   1 
HETATM 888 O  O   . HOH B 2 .   ? -11.121 -5.613  -3.089  1.00 28.31 ? 122 HOH A O   1 
HETATM 889 O  O   . HOH B 2 .   ? 19.027  5.499   -0.821  1.00 33.54 ? 123 HOH A O   1 
HETATM 890 O  O   . HOH B 2 .   ? -9.949  -2.457  -4.735  1.00 25.78 ? 124 HOH A O   1 
HETATM 891 O  O   . HOH B 2 .   ? 2.145   18.116  -17.433 1.00 28.58 ? 125 HOH A O   1 
HETATM 892 O  O   . HOH B 2 .   ? 4.776   1.914   11.047  1.00 26.01 ? 126 HOH A O   1 
HETATM 893 O  O   . HOH B 2 .   ? 22.199  6.667   -6.150  1.00 32.07 ? 127 HOH A O   1 
HETATM 894 O  O   . HOH B 2 .   ? -0.319  13.296  -7.583  1.00 26.15 ? 128 HOH A O   1 
HETATM 895 O  O   . HOH B 2 .   ? 8.941   -11.728 -5.011  1.00 30.79 ? 129 HOH A O   1 
HETATM 896 O  O   . HOH B 2 .   ? -0.724  13.504  -1.782  1.00 40.93 ? 130 HOH A O   1 
HETATM 897 O  O   . HOH B 2 .   ? -14.076 -5.938  -9.594  1.00 29.38 ? 131 HOH A O   1 
HETATM 898 O  O   . HOH B 2 .   ? -8.091  1.194   -0.772  1.00 49.50 ? 132 HOH A O   1 
HETATM 899 O  O   . HOH B 2 .   ? 1.095   13.135  -9.926  1.00 33.94 ? 133 HOH A O   1 
HETATM 900 O  O   . HOH B 2 .   ? 1.438   12.495  -3.758  1.00 42.42 ? 134 HOH A O   1 
HETATM 901 O  O   . HOH B 2 .   ? 17.191  4.295   0.552   1.00 28.33 ? 135 HOH A O   1 
HETATM 902 O  O   . HOH B 2 .   ? 22.292  9.518   -6.649  1.00 39.87 ? 136 HOH A O   1 
HETATM 903 O  O   . HOH B 2 .   ? 5.895   9.509   15.995  1.00 28.70 ? 137 HOH A O   1 
HETATM 904 O  O   . HOH B 2 .   ? 7.649   15.870  -4.303  1.00 39.46 ? 138 HOH A O   1 
HETATM 905 O  O   . HOH B 2 .   ? 8.853   20.059  -16.499 1.00 48.36 ? 139 HOH A O   1 
HETATM 906 O  O   . HOH B 2 .   ? 9.002   3.685   16.873  1.00 46.72 ? 140 HOH A O   1 
HETATM 907 O  O   . HOH B 2 .   ? 7.809   -7.395  10.426  1.00 32.28 ? 141 HOH A O   1 
HETATM 908 O  O   . HOH B 2 .   ? 11.517  0.123   9.780   1.00 31.59 ? 142 HOH A O   1 
HETATM 909 O  O   . HOH B 2 .   ? 6.301   -7.413  13.855  1.00 42.47 ? 143 HOH A O   1 
HETATM 910 O  O   . HOH B 2 .   ? -4.419  -17.638 -0.244  1.00 33.13 ? 144 HOH A O   1 
HETATM 911 O  O   . HOH B 2 .   ? -1.737  3.387   15.168  1.00 27.24 ? 145 HOH A O   1 
HETATM 912 O  O   . HOH B 2 .   ? -3.312  8.310   -3.320  1.00 37.45 ? 146 HOH A O   1 
HETATM 913 O  O   . HOH B 2 .   ? 18.378  3.600   2.790   1.00 55.37 ? 147 HOH A O   1 
HETATM 914 O  O   . HOH B 2 .   ? 10.183  -9.682  6.342   1.00 37.52 ? 148 HOH A O   1 
HETATM 915 O  O   . HOH B 2 .   ? -8.971  -6.479  9.151   1.00 45.20 ? 149 HOH A O   1 
HETATM 916 O  O   . HOH B 2 .   ? -2.238  15.193  -8.500  1.00 40.47 ? 150 HOH A O   1 
HETATM 917 O  O   . HOH B 2 .   ? -9.974  -15.737 -4.263  1.00 46.71 ? 151 HOH A O   1 
HETATM 918 O  O   . HOH B 2 .   ? 12.379  -6.288  3.116   1.00 39.30 ? 152 HOH A O   1 
HETATM 919 O  O   . HOH B 2 .   ? 10.947  -6.458  -0.358  1.00 41.96 ? 153 HOH A O   1 
HETATM 920 O  O   . HOH B 2 .   ? 2.329   3.508   23.436  1.00 46.43 ? 154 HOH A O   1 
HETATM 921 O  O   . HOH B 2 .   ? -11.810 -5.258  -11.293 1.00 33.90 ? 155 HOH A O   1 
HETATM 922 O  O   . HOH B 2 .   ? 18.921  12.705  -6.922  1.00 39.50 ? 156 HOH A O   1 
HETATM 923 O  O   . HOH B 2 .   ? -6.637  14.314  -10.497 1.00 37.41 ? 157 HOH A O   1 
HETATM 924 O  O   . HOH B 2 .   ? 12.481  7.278   6.021   1.00 43.44 ? 158 HOH A O   1 
HETATM 925 O  O   . HOH B 2 .   ? 1.453   -1.651  17.227  1.00 37.51 ? 159 HOH A O   1 
HETATM 926 O  O   . HOH B 2 .   ? 21.960  5.686   -3.450  1.00 34.90 ? 160 HOH A O   1 
HETATM 927 O  O   . HOH B 2 .   ? 6.378   17.339  -17.952 1.00 42.31 ? 161 HOH A O   1 
HETATM 928 O  O   . HOH B 2 .   ? -16.491 -12.064 5.787   1.00 56.36 ? 162 HOH A O   1 
HETATM 929 O  O   . HOH B 2 .   ? -12.268 -12.846 -2.099  1.00 46.31 ? 163 HOH A O   1 
HETATM 930 O  O   . HOH B 2 .   ? 14.638  14.584  -6.609  1.00 43.83 ? 164 HOH A O   1 
HETATM 931 O  O   . HOH B 2 .   ? -12.316 6.541   -20.610 1.00 50.85 ? 165 HOH A O   1 
HETATM 932 O  O   . HOH B 2 .   ? -9.246  4.252   -3.687  1.00 43.87 ? 166 HOH A O   1 
HETATM 933 O  O   . HOH B 2 .   ? 13.810  15.121  -11.276 1.00 42.37 ? 167 HOH A O   1 
HETATM 934 O  O   . HOH B 2 .   ? 11.993  -3.171  6.825   1.00 39.29 ? 168 HOH A O   1 
HETATM 935 O  O   . HOH B 2 .   ? -3.205  -16.783 2.197   1.00 44.13 ? 169 HOH A O   1 
HETATM 936 O  O   . HOH B 2 .   ? 10.143  7.398   10.098  1.00 48.87 ? 170 HOH A O   1 
HETATM 937 O  O   . HOH B 2 .   ? -13.261 -11.519 -4.118  1.00 41.67 ? 171 HOH A O   1 
HETATM 938 O  O   . HOH B 2 .   ? -11.410 8.241   -11.693 1.00 42.22 ? 172 HOH A O   1 
HETATM 939 O  O   . HOH B 2 .   ? -0.864  -8.239  15.655  1.00 51.64 ? 173 HOH A O   1 
HETATM 940 O  O   . HOH B 2 .   ? -17.827 -10.090 5.983   1.00 61.45 ? 174 HOH A O   1 
HETATM 941 O  O   . HOH B 2 .   ? -7.230  -17.323 0.850   1.00 48.08 ? 175 HOH A O   1 
HETATM 942 O  O   . HOH B 2 .   ? -0.511  -17.337 1.145   1.00 52.63 ? 176 HOH A O   1 
HETATM 943 O  O   . HOH B 2 .   ? -5.666  8.609   -5.074  1.00 46.36 ? 177 HOH A O   1 
HETATM 944 O  O   . HOH B 2 .   ? 23.951  3.923   -3.578  1.00 54.08 ? 178 HOH A O   1 
HETATM 945 O  O   . HOH B 2 .   ? -15.726 3.662   -3.407  1.00 54.17 ? 179 HOH A O   1 
HETATM 946 O  O   . HOH B 2 .   ? -0.264  -7.287  18.180  1.00 45.05 ? 180 HOH A O   1 
HETATM 947 O  O   . HOH B 2 .   ? 15.993  5.143   6.416   1.00 55.45 ? 181 HOH A O   1 
HETATM 948 O  O   . HOH B 2 .   ? -12.597 -11.824 -6.501  1.00 44.06 ? 182 HOH A O   1 
HETATM 949 O  O   . HOH B 2 .   ? 5.244   19.376  -10.344 1.00 40.78 ? 183 HOH A O   1 
HETATM 950 O  O   . HOH B 2 .   ? -3.364  2.257   11.071  1.00 38.88 ? 184 HOH A O   1 
HETATM 951 O  O   . HOH B 2 .   ? 12.177  11.969  3.594   1.00 55.72 ? 185 HOH A O   1 
HETATM 952 O  O   . HOH B 2 .   ? -2.058  7.954   0.621   1.00 57.14 ? 186 HOH A O   1 
HETATM 953 O  O   . HOH B 2 .   ? 2.231   15.767  -9.674  1.00 40.08 ? 187 HOH A O   1 
HETATM 954 O  O   . HOH B 2 .   ? -12.362 -4.097  9.302   1.00 55.48 ? 188 HOH A O   1 
HETATM 955 O  O   . HOH B 2 .   ? -6.272  -0.039  1.391   1.00 50.28 ? 189 HOH A O   1 
HETATM 956 O  O   . HOH B 2 .   ? -10.340 -17.266 4.213   1.00 56.44 ? 190 HOH A O   1 
HETATM 957 O  O   . HOH B 2 .   ? -2.064  7.476   3.166   1.00 45.53 ? 191 HOH A O   1 
HETATM 958 O  O   . HOH B 2 .   ? 6.795   -4.646  15.869  1.00 44.64 ? 192 HOH A O   1 
HETATM 959 O  O   . HOH B 2 .   ? -3.710  -18.484 3.999   1.00 44.69 ? 193 HOH A O   1 
HETATM 960 O  O   . HOH B 2 .   ? -8.090  2.850   -19.731 1.00 52.53 ? 194 HOH A O   1 
HETATM 961 O  O   . HOH B 2 .   ? -5.813  2.689   2.706   1.00 43.49 ? 195 HOH A O   1 
HETATM 962 O  O   . HOH B 2 .   ? -4.185  -6.696  17.462  1.00 44.13 ? 196 HOH A O   1 
HETATM 963 O  O   . HOH B 2 .   ? 8.223   -14.301 1.848   1.00 40.38 ? 197 HOH A O   1 
HETATM 964 O  O   . HOH B 2 .   ? 13.471  -5.119  5.136   1.00 51.77 ? 198 HOH A O   1 
HETATM 965 O  O   . HOH B 2 .   ? 7.205   -12.315 5.521   1.00 42.75 ? 199 HOH A O   1 
HETATM 966 O  O   . HOH B 2 .   ? 7.659   -8.399  -6.070  1.00 35.48 ? 200 HOH A O   1 
HETATM 967 O  O   . HOH B 2 .   ? -8.757  2.720   8.302   1.00 42.08 ? 201 HOH A O   1 
HETATM 968 O  O   . HOH B 2 .   ? -10.697 5.028   8.543   1.00 53.44 ? 202 HOH A O   1 
HETATM 969 O  O   . HOH B 2 .   ? 5.524   -4.190  18.448  1.00 52.41 ? 203 HOH A O   1 
HETATM 970 O  O   . HOH B 2 .   ? -16.475 1.791   1.731   1.00 58.01 ? 204 HOH A O   1 
HETATM 971 O  O   . HOH B 2 .   ? -6.391  11.229  -12.879 1.00 34.57 ? 205 HOH A O   1 
HETATM 972 O  O   . HOH B 2 .   ? 22.730  6.938   -1.216  1.00 44.10 ? 206 HOH A O   1 
HETATM 973 O  O   . HOH B 2 .   ? -10.751 3.513   -17.124 1.00 43.93 ? 207 HOH A O   1 
HETATM 974 O  O   . HOH B 2 .   ? 17.602  7.697   0.336   1.00 49.64 ? 208 HOH A O   1 
HETATM 975 O  O   . HOH B 2 .   ? -18.989 -13.268 3.128   1.00 55.48 ? 209 HOH A O   1 
HETATM 976 O  O   . HOH B 2 .   ? 16.166  22.091  -14.575 1.00 58.27 ? 210 HOH A O   1 
HETATM 977 O  O   . HOH B 2 .   ? -15.078 0.903   -10.287 1.00 36.99 ? 211 HOH A O   1 
HETATM 978 O  O   . HOH B 2 .   ? -11.346 -10.057 8.633   1.00 59.35 ? 212 HOH A O   1 
HETATM 979 O  O   . HOH B 2 .   ? 6.132   -7.548  -3.500  1.00 47.90 ? 213 HOH A O   1 
HETATM 980 O  O   . HOH B 2 .   ? -0.617  7.370   7.820   0.50 39.30 ? 214 HOH A O   1 
HETATM 981 O  O   . HOH B 2 .   ? 2.831   -11.456 15.043  0.50 44.61 ? 215 HOH A O   1 
# 
